data_6UML
#
_entry.id   6UML
#
_cell.length_a   77.409
_cell.length_b   127.725
_cell.length_c   110.174
_cell.angle_alpha   90.000
_cell.angle_beta   109.694
_cell.angle_gamma   90.000
#
_symmetry.space_group_name_H-M   'P 1 21 1'
#
loop_
_entity.id
_entity.type
_entity.pdbx_description
1 polymer 'DNA damage-binding protein 1'
2 polymer 'Protein cereblon'
3 polymer 'Sal-like protein 4'
4 non-polymer 'ZINC ION'
5 non-polymer S-Pomalidomide
#
loop_
_entity_poly.entity_id
_entity_poly.type
_entity_poly.pdbx_seq_one_letter_code
_entity_poly.pdbx_strand_id
1 'polypeptide(L)'
;MSYNYVVTAQKPTAVNGCVTGHFTSAEDLNLLIAKNTRLEIYVVTAEGLRPVKEVGMYGKIAVMELFRPKGESKDLLFIL
TAKYNACILEYKQSGESIDIITRAHGNVQDRIGRPSETGIIGIIDPECRMIGLRLYDGLFKVIPLDRDNKELKAFNIRLE
ELHVIDVKFLYGCQAPTICFVYQDPQGRHVKTYEVSLREKEFNKGPWKQENVEAEASMVIAVPEPFGGAIIIGQESITYH
NGDKYLAIAPPIIKQSTIVCHNRVDPNGSRYLLGDMEGRLFMLLLEKEEQMDGTVTLKDLRVELLGETSIAECLTYLDNG
VVFVGSRLGDSQLVKLNVDSNEQGSYVVAMETFTNLGPIVDMCVVDLERQGQGQLVTCSGAFKEGSLRIIRNGIGIHEHA
SIDLPGIKGLWPLRSDPNRETDDTLVLSFVGQTRVLMLNGEEVEETELMGFVDDQQTFFCGNVAHQQLIQITSASVRLVS
QEPKALVSEWKEPQAKNISVASCNSSQVVVAVGRALYYLQIHPQELRQISHTEMEHEVACLDITPLGDSNGLSPLCAIGL
WTDISARILKLPSFELLHKEMLGGEIIPRSILMTTFESSHYLLCALGDGALFYFGLNIETGLLSDRKKVTLGTQPTVLRT
FRSLSTTNVFACSDRPTVIYSSNHKLVFSNVNLKEVNYMCPLNSDGYPDSLALANNSTLTIGTIDEIQKLHIRTVPLYES
PRKICYQEVSQCFGVLSSRIEVQDTSGGTTALRPSASTQALSSSVSSSKLFSSSTAPHETSFGEEVEVHNLLIIDQHTFE
VLHAHQFLQNEYALSLVSCKLGKDPNTYFIVGTAMVYPEEAEPKQGRIVVFQYSDGKLQTVAEKEVKGAVYSMVEFNGKL
LASINSTVRLYEWTTEKELRTECNHYNNIMALYLKTKGDFILVGDLMRSVLLLAYKPMEGNFEEIARDFNPNWMSAVEIL
DDDNFLGAENAFNLFVCQKDSAATTDEERQHLQEVGLFHLGEFVNVFCHGSLVMQNLGETSTPTQGSVLFGTVNGMIGLV
TSLSESWYNLLLDMQNRLNKVIKSVGKIEHSFWRSFHTERKTEPATGFIDGDLIESFLDISRPKMQEVVANLQYDDGSGM
KREATADDLIKVVEELTRIH
;
A
2 'polypeptide(L)'
;GSMEAKKPNIINFDTSLPTSHTYLGADMEEFHGRTLHDDDSCQVIPVLPQVMMILIPGQTLPLQLFHPQEVSMVRNLIQK
DRTFAVLAYSNVQEREAQFGTTAEIYAYREEQDFGIEIVKVKAIGRQRFKVLELRTQSDGIQQAKVQILPECVLPSTMSA
VQLESLNKCQIFPSKPVSREDQCSYKWWQKYQKRKFHCANLTSWPRWLYSLYDAETLMDRIKKQLREWDENLKDDSLPSN
PIDFSYRVAACLPIDDVLRIQLLKIGSAIQRLRCELDIMNKCTSLCCKQCQETEITTKNEIFSLSLCGPMAAYVNPHGYV
HETLTVYKACNLNLIGRPSTEHSWFPGYAWTVAQCKICASHIGWKFTATKKDMSPQKFWGLTRSALLPTIPDTEDEISPD
KVILCL
;
C
3 'polypeptide(L)' TGERPFVCSVCGHRFTTKGNLKVHFHRH E
#
# COMPACT_ATOMS: atom_id res chain seq x y z
N SER A 2 18.94 -8.93 -10.72
CA SER A 2 17.59 -8.68 -11.21
C SER A 2 17.34 -7.20 -11.42
N TYR A 3 16.68 -6.87 -12.52
CA TYR A 3 16.40 -5.48 -12.90
C TYR A 3 14.93 -5.38 -13.30
N ASN A 4 14.15 -4.63 -12.53
CA ASN A 4 12.73 -4.51 -12.73
C ASN A 4 12.36 -3.10 -13.17
N TYR A 5 11.05 -2.88 -13.36
CA TYR A 5 10.55 -1.66 -13.97
C TYR A 5 9.18 -1.35 -13.37
N VAL A 6 9.06 -0.20 -12.71
CA VAL A 6 7.82 0.21 -12.06
C VAL A 6 7.22 1.39 -12.80
N VAL A 7 5.89 1.46 -12.80
CA VAL A 7 5.18 2.54 -13.47
C VAL A 7 3.80 2.67 -12.83
N THR A 8 3.37 3.92 -12.63
CA THR A 8 2.07 4.19 -12.03
C THR A 8 0.96 3.84 -13.03
N ALA A 9 0.12 2.87 -12.68
CA ALA A 9 -1.02 2.50 -13.52
C ALA A 9 -2.27 3.30 -13.18
N GLN A 10 -2.33 3.91 -12.00
CA GLN A 10 -3.41 4.83 -11.64
C GLN A 10 -2.87 5.76 -10.58
N LYS A 11 -2.92 7.07 -10.85
CA LYS A 11 -2.44 8.06 -9.90
C LYS A 11 -3.20 7.93 -8.58
N PRO A 12 -2.61 8.39 -7.48
CA PRO A 12 -3.33 8.36 -6.20
C PRO A 12 -4.63 9.15 -6.28
N THR A 13 -5.61 8.71 -5.49
CA THR A 13 -6.93 9.30 -5.51
C THR A 13 -7.36 9.92 -4.19
N ALA A 14 -6.83 9.45 -3.07
CA ALA A 14 -7.18 10.01 -1.77
C ALA A 14 -6.50 11.36 -1.57
N VAL A 15 -7.15 12.22 -0.79
CA VAL A 15 -6.73 13.61 -0.61
C VAL A 15 -5.96 13.75 0.69
N ASN A 16 -4.72 14.23 0.60
CA ASN A 16 -3.93 14.52 1.79
C ASN A 16 -4.39 15.81 2.45
N GLY A 17 -4.79 16.80 1.66
CA GLY A 17 -5.19 18.08 2.20
C GLY A 17 -5.66 19.00 1.08
N CYS A 18 -6.49 19.96 1.47
CA CYS A 18 -7.09 20.90 0.52
C CYS A 18 -7.04 22.30 1.09
N VAL A 19 -6.96 23.28 0.19
CA VAL A 19 -6.91 24.69 0.60
C VAL A 19 -7.30 25.59 -0.56
N THR A 20 -8.16 26.57 -0.29
CA THR A 20 -8.54 27.56 -1.29
C THR A 20 -7.65 28.79 -1.21
N GLY A 21 -7.85 29.70 -2.14
CA GLY A 21 -7.07 30.93 -2.17
C GLY A 21 -7.13 31.56 -3.56
N HIS A 22 -6.21 32.49 -3.78
CA HIS A 22 -6.10 33.23 -5.04
C HIS A 22 -4.70 33.00 -5.59
N PHE A 23 -4.59 32.07 -6.53
CA PHE A 23 -3.30 31.59 -7.01
C PHE A 23 -3.08 31.84 -8.50
N THR A 24 -4.02 31.42 -9.35
CA THR A 24 -3.87 31.64 -10.78
C THR A 24 -3.89 33.13 -11.12
N SER A 25 -4.72 33.89 -10.42
CA SER A 25 -4.77 35.33 -10.56
C SER A 25 -5.42 35.90 -9.30
N ALA A 26 -5.04 37.13 -8.95
CA ALA A 26 -5.61 37.77 -7.77
C ALA A 26 -7.12 37.91 -7.87
N GLU A 27 -7.68 37.78 -9.08
CA GLU A 27 -9.12 37.90 -9.30
C GLU A 27 -9.84 36.56 -9.29
N ASP A 28 -9.12 35.44 -9.37
CA ASP A 28 -9.73 34.13 -9.35
C ASP A 28 -9.80 33.58 -7.93
N LEU A 29 -10.59 32.53 -7.76
CA LEU A 29 -10.64 31.77 -6.51
C LEU A 29 -10.34 30.32 -6.82
N ASN A 30 -9.26 29.80 -6.24
CA ASN A 30 -8.77 28.47 -6.53
C ASN A 30 -9.13 27.50 -5.41
N LEU A 31 -9.16 26.21 -5.76
CA LEU A 31 -9.17 25.12 -4.80
C LEU A 31 -8.00 24.21 -5.13
N LEU A 32 -7.03 24.14 -4.22
CA LEU A 32 -5.84 23.33 -4.41
C LEU A 32 -6.00 22.02 -3.67
N ILE A 33 -5.87 20.91 -4.38
CA ILE A 33 -6.05 19.58 -3.83
C ILE A 33 -4.73 18.83 -3.96
N ALA A 34 -4.30 18.18 -2.87
CA ALA A 34 -3.05 17.45 -2.83
C ALA A 34 -3.34 15.99 -2.54
N LYS A 35 -2.88 15.10 -3.42
CA LYS A 35 -3.12 13.67 -3.31
C LYS A 35 -1.76 12.97 -3.33
N ASN A 36 -1.11 12.89 -2.17
CA ASN A 36 0.20 12.25 -2.07
C ASN A 36 1.14 12.95 -3.04
N THR A 37 1.68 12.27 -4.04
CA THR A 37 2.61 12.85 -5.01
C THR A 37 1.86 13.46 -6.21
N ARG A 38 0.92 14.35 -5.91
CA ARG A 38 0.19 15.02 -6.97
C ARG A 38 -0.40 16.29 -6.39
N LEU A 39 -0.65 17.27 -7.26
CA LEU A 39 -1.22 18.53 -6.85
C LEU A 39 -2.19 19.01 -7.91
N GLU A 40 -3.45 19.17 -7.54
CA GLU A 40 -4.47 19.65 -8.45
C GLU A 40 -4.79 21.11 -8.16
N ILE A 41 -5.06 21.86 -9.23
CA ILE A 41 -5.37 23.28 -9.14
C ILE A 41 -6.70 23.49 -9.84
N TYR A 42 -7.74 23.82 -9.08
CA TYR A 42 -9.07 24.08 -9.61
C TYR A 42 -9.38 25.56 -9.51
N VAL A 43 -10.38 25.98 -10.28
CA VAL A 43 -10.92 27.33 -10.23
C VAL A 43 -12.40 27.23 -9.90
N VAL A 44 -12.82 27.85 -8.80
CA VAL A 44 -14.18 27.70 -8.31
C VAL A 44 -15.15 28.39 -9.26
N THR A 45 -16.24 27.69 -9.59
CA THR A 45 -17.34 28.25 -10.35
C THR A 45 -18.63 28.01 -9.56
N ALA A 46 -19.75 28.40 -10.16
CA ALA A 46 -21.05 28.12 -9.55
C ALA A 46 -21.78 27.05 -10.35
N LEU A 49 -16.45 23.66 -10.13
CA LEU A 49 -15.02 23.37 -10.15
C LEU A 49 -14.49 23.16 -11.57
N ARG A 50 -13.61 24.07 -12.00
CA ARG A 50 -12.99 23.99 -13.31
C ARG A 50 -11.53 23.63 -13.16
N PRO A 51 -11.10 22.48 -13.69
CA PRO A 51 -9.67 22.13 -13.63
C PRO A 51 -8.82 23.11 -14.43
N VAL A 52 -7.54 23.19 -14.05
CA VAL A 52 -6.63 24.13 -14.69
C VAL A 52 -5.27 23.49 -14.92
N LYS A 53 -4.66 22.96 -13.85
CA LYS A 53 -3.32 22.40 -13.97
C LYS A 53 -3.12 21.31 -12.93
N GLU A 54 -2.66 20.15 -13.40
CA GLU A 54 -2.24 19.05 -12.53
C GLU A 54 -0.74 18.86 -12.68
N VAL A 55 -0.05 18.73 -11.55
CA VAL A 55 1.40 18.58 -11.55
C VAL A 55 1.78 17.46 -10.60
N GLY A 56 2.90 16.80 -10.92
CA GLY A 56 3.42 15.75 -10.07
C GLY A 56 4.77 16.10 -9.48
N MET A 57 4.84 16.15 -8.16
CA MET A 57 6.08 16.49 -7.47
C MET A 57 6.91 15.23 -7.23
N TYR A 58 8.17 15.46 -6.87
CA TYR A 58 9.07 14.38 -6.45
C TYR A 58 9.10 14.27 -4.94
N GLY A 59 7.92 14.22 -4.34
CA GLY A 59 7.81 14.13 -2.89
C GLY A 59 6.39 13.80 -2.49
N LYS A 60 6.24 13.41 -1.23
CA LYS A 60 4.93 13.15 -0.64
C LYS A 60 4.46 14.44 0.03
N ILE A 61 3.45 15.08 -0.57
CA ILE A 61 2.97 16.38 -0.10
C ILE A 61 2.51 16.25 1.35
N ALA A 62 3.28 16.85 2.27
CA ALA A 62 2.97 16.80 3.69
C ALA A 62 2.42 18.12 4.22
N VAL A 63 2.90 19.25 3.71
CA VAL A 63 2.45 20.56 4.15
C VAL A 63 2.12 21.39 2.91
N MET A 64 0.85 21.77 2.79
CA MET A 64 0.38 22.61 1.68
C MET A 64 -0.34 23.81 2.26
N GLU A 65 0.26 24.99 2.16
CA GLU A 65 -0.34 26.22 2.65
C GLU A 65 -0.03 27.35 1.68
N LEU A 66 -1.00 28.23 1.49
CA LEU A 66 -0.85 29.44 0.69
C LEU A 66 -0.60 30.64 1.60
N PHE A 67 -0.10 31.71 1.00
CA PHE A 67 0.22 32.94 1.74
C PHE A 67 0.58 34.03 0.75
N ARG A 68 0.36 35.27 1.15
CA ARG A 68 0.64 36.43 0.30
C ARG A 68 1.64 37.35 0.98
N PRO A 69 2.90 37.38 0.53
CA PRO A 69 3.86 38.32 1.12
C PRO A 69 3.46 39.76 0.86
N LYS A 70 4.07 40.67 1.62
CA LYS A 70 3.76 42.09 1.51
C LYS A 70 4.13 42.62 0.13
N GLY A 71 3.21 43.34 -0.48
CA GLY A 71 3.43 43.93 -1.78
C GLY A 71 3.64 42.92 -2.90
N GLU A 72 2.74 41.94 -2.99
CA GLU A 72 2.80 40.92 -4.02
C GLU A 72 1.47 40.87 -4.75
N SER A 73 1.53 40.40 -6.01
CA SER A 73 0.34 40.38 -6.86
C SER A 73 -0.65 39.32 -6.41
N LYS A 74 -0.20 38.08 -6.29
CA LYS A 74 -1.05 36.95 -5.95
C LYS A 74 -0.40 36.14 -4.83
N ASP A 75 -1.09 35.09 -4.40
CA ASP A 75 -0.59 34.25 -3.32
C ASP A 75 0.49 33.29 -3.82
N LEU A 76 1.43 32.99 -2.94
CA LEU A 76 2.45 31.97 -3.19
C LEU A 76 2.07 30.69 -2.46
N LEU A 77 2.55 29.57 -2.97
CA LEU A 77 2.28 28.26 -2.40
C LEU A 77 3.53 27.72 -1.75
N PHE A 78 3.41 27.35 -0.47
CA PHE A 78 4.48 26.68 0.26
C PHE A 78 4.18 25.20 0.34
N ILE A 79 5.15 24.37 -0.06
CA ILE A 79 5.01 22.92 -0.03
C ILE A 79 6.19 22.32 0.71
N LEU A 80 5.91 21.31 1.53
CA LEU A 80 6.94 20.57 2.25
C LEU A 80 6.66 19.08 2.08
N THR A 81 7.60 18.37 1.46
CA THR A 81 7.44 16.94 1.26
C THR A 81 7.81 16.18 2.54
N ALA A 82 7.46 14.90 2.56
CA ALA A 82 7.76 14.06 3.71
C ALA A 82 9.27 13.85 3.91
N LYS A 83 10.06 14.04 2.86
CA LYS A 83 11.51 14.02 2.97
C LYS A 83 12.08 15.39 3.32
N TYR A 84 11.24 16.29 3.85
CA TYR A 84 11.65 17.61 4.34
C TYR A 84 12.17 18.50 3.21
N ASN A 85 11.54 18.40 2.04
CA ASN A 85 11.85 19.29 0.92
C ASN A 85 10.89 20.48 0.97
N ALA A 86 11.42 21.66 1.26
CA ALA A 86 10.62 22.87 1.34
C ALA A 86 10.79 23.69 0.05
N CYS A 87 9.68 24.24 -0.43
CA CYS A 87 9.70 25.04 -1.65
C CYS A 87 8.54 26.03 -1.63
N ILE A 88 8.73 27.16 -2.30
CA ILE A 88 7.70 28.19 -2.44
C ILE A 88 7.48 28.40 -3.93
N LEU A 89 6.23 28.27 -4.36
CA LEU A 89 5.91 28.19 -5.79
C LEU A 89 4.98 29.32 -6.21
N GLU A 90 4.99 29.59 -7.51
CA GLU A 90 4.16 30.63 -8.10
C GLU A 90 3.59 30.13 -9.42
N TYR A 91 2.40 30.64 -9.77
CA TYR A 91 1.72 30.27 -11.00
C TYR A 91 2.08 31.24 -12.11
N LYS A 92 2.36 30.70 -13.30
CA LYS A 92 2.74 31.52 -14.45
C LYS A 92 2.03 31.01 -15.69
N GLN A 93 1.43 31.92 -16.44
CA GLN A 93 0.72 31.57 -17.67
C GLN A 93 1.62 31.72 -18.88
N SER A 97 2.64 26.22 -22.10
CA SER A 97 1.81 27.40 -21.97
C SER A 97 1.64 27.79 -20.50
N ILE A 98 1.62 26.78 -19.63
CA ILE A 98 1.46 26.98 -18.20
C ILE A 98 2.61 26.26 -17.48
N ASP A 99 3.29 26.98 -16.60
CA ASP A 99 4.38 26.43 -15.80
C ASP A 99 4.25 26.89 -14.36
N ILE A 100 4.83 26.13 -13.45
CA ILE A 100 4.84 26.44 -12.03
C ILE A 100 6.29 26.57 -11.60
N ILE A 101 6.70 27.77 -11.21
CA ILE A 101 8.09 28.08 -10.94
C ILE A 101 8.37 27.95 -9.45
N THR A 102 9.65 27.86 -9.11
CA THR A 102 10.12 27.76 -7.73
C THR A 102 10.83 29.05 -7.35
N ARG A 103 10.30 29.75 -6.34
CA ARG A 103 10.89 31.00 -5.90
C ARG A 103 11.95 30.81 -4.83
N ALA A 104 11.81 29.80 -3.98
CA ALA A 104 12.78 29.53 -2.93
C ALA A 104 12.63 28.07 -2.52
N HIS A 105 13.76 27.36 -2.41
CA HIS A 105 13.71 25.94 -2.10
C HIS A 105 14.91 25.56 -1.24
N GLY A 106 14.77 24.44 -0.55
CA GLY A 106 15.83 23.92 0.30
C GLY A 106 15.39 22.70 1.07
N ASN A 107 16.34 21.92 1.59
CA ASN A 107 16.04 20.75 2.40
C ASN A 107 16.17 21.14 3.87
N VAL A 108 15.06 21.09 4.59
CA VAL A 108 15.00 21.58 5.96
C VAL A 108 15.28 20.46 6.95
N GLN A 109 15.78 19.33 6.46
CA GLN A 109 16.09 18.20 7.32
C GLN A 109 17.23 18.56 8.28
N ASP A 110 17.18 17.99 9.47
CA ASP A 110 18.24 18.10 10.45
C ASP A 110 18.97 16.76 10.58
N ARG A 111 20.23 16.84 11.02
CA ARG A 111 21.03 15.63 11.20
C ARG A 111 20.56 14.83 12.41
N ILE A 112 20.58 15.46 13.58
CA ILE A 112 20.10 14.82 14.80
C ILE A 112 18.63 15.15 14.99
N GLY A 113 17.99 14.50 15.96
CA GLY A 113 16.59 14.77 16.24
C GLY A 113 15.67 13.58 16.03
N ARG A 114 14.69 13.43 16.92
CA ARG A 114 13.71 12.36 16.80
C ARG A 114 12.41 12.91 16.24
N PRO A 115 11.85 12.30 15.20
CA PRO A 115 10.58 12.78 14.66
C PRO A 115 9.47 12.74 15.71
N SER A 116 8.65 13.78 15.73
CA SER A 116 7.63 13.92 16.74
C SER A 116 6.47 12.97 16.49
N GLU A 117 5.79 12.60 17.58
CA GLU A 117 4.75 11.57 17.52
C GLU A 117 3.47 12.07 16.85
N THR A 118 3.28 13.39 16.76
CA THR A 118 2.12 13.95 16.09
C THR A 118 2.41 14.36 14.66
N GLY A 119 3.64 14.12 14.18
CA GLY A 119 3.97 14.36 12.78
C GLY A 119 4.26 15.82 12.49
N ILE A 120 4.52 16.07 11.21
CA ILE A 120 4.87 17.41 10.75
C ILE A 120 3.68 18.34 10.90
N ILE A 121 3.96 19.58 11.32
CA ILE A 121 2.96 20.64 11.37
C ILE A 121 3.59 21.92 10.83
N GLY A 122 3.00 22.47 9.78
CA GLY A 122 3.48 23.70 9.20
C GLY A 122 2.47 24.83 9.27
N ILE A 123 2.85 25.95 9.87
CA ILE A 123 1.96 27.08 10.06
C ILE A 123 2.68 28.36 9.68
N ILE A 124 1.92 29.32 9.16
CA ILE A 124 2.44 30.60 8.70
C ILE A 124 1.73 31.71 9.44
N ASP A 125 2.49 32.73 9.86
CA ASP A 125 1.90 33.86 10.56
C ASP A 125 1.08 34.71 9.59
N PRO A 126 0.10 35.45 10.10
CA PRO A 126 -0.78 36.23 9.20
C PRO A 126 -0.04 37.30 8.41
N GLU A 127 1.05 37.85 8.93
CA GLU A 127 1.80 38.90 8.25
C GLU A 127 2.86 38.36 7.30
N CYS A 128 2.94 37.03 7.15
CA CYS A 128 3.89 36.39 6.24
C CYS A 128 5.34 36.78 6.56
N ARG A 129 5.64 36.97 7.84
CA ARG A 129 7.01 37.26 8.24
C ARG A 129 7.89 36.01 8.19
N MET A 130 7.32 34.86 8.56
CA MET A 130 8.10 33.67 8.81
C MET A 130 7.23 32.44 8.57
N ILE A 131 7.90 31.30 8.37
CA ILE A 131 7.24 30.00 8.25
C ILE A 131 7.72 29.14 9.41
N GLY A 132 6.77 28.67 10.21
CA GLY A 132 7.08 27.85 11.37
C GLY A 132 6.77 26.38 11.10
N LEU A 133 7.76 25.53 11.35
CA LEU A 133 7.65 24.10 11.10
C LEU A 133 7.95 23.33 12.38
N ARG A 134 7.05 22.42 12.75
CA ARG A 134 7.28 21.48 13.83
C ARG A 134 7.70 20.16 13.21
N LEU A 135 8.95 19.76 13.44
CA LEU A 135 9.48 18.53 12.87
C LEU A 135 9.90 17.53 13.93
N TYR A 136 10.63 17.96 14.95
CA TYR A 136 11.14 17.07 15.98
C TYR A 136 10.70 17.54 17.35
N ASP A 137 10.79 16.62 18.32
CA ASP A 137 10.44 16.92 19.70
C ASP A 137 11.49 17.86 20.29
N GLY A 138 11.05 19.05 20.71
CA GLY A 138 11.94 19.99 21.35
C GLY A 138 12.58 21.01 20.44
N LEU A 139 12.23 21.04 19.17
CA LEU A 139 12.78 22.00 18.23
C LEU A 139 11.65 22.67 17.45
N PHE A 140 11.89 23.93 17.07
CA PHE A 140 10.94 24.72 16.29
C PHE A 140 11.74 25.51 15.27
N LYS A 141 11.63 25.11 14.00
CA LYS A 141 12.44 25.68 12.93
C LYS A 141 11.70 26.83 12.26
N VAL A 142 12.32 28.00 12.22
CA VAL A 142 11.70 29.22 11.71
C VAL A 142 12.40 29.61 10.41
N ILE A 143 11.60 29.88 9.38
CA ILE A 143 12.13 30.31 8.08
C ILE A 143 11.75 31.77 7.86
N PRO A 144 12.69 32.71 7.99
CA PRO A 144 12.37 34.11 7.69
C PRO A 144 12.00 34.28 6.22
N LEU A 145 10.78 34.77 6.00
CA LEU A 145 10.26 34.95 4.64
C LEU A 145 10.77 36.21 3.97
N ASP A 146 12.03 36.58 4.21
CA ASP A 146 12.63 37.73 3.56
C ASP A 146 12.64 37.52 2.05
N ARG A 147 12.47 38.62 1.31
CA ARG A 147 12.54 38.55 -0.15
C ARG A 147 13.89 38.02 -0.63
N ASP A 148 14.94 38.16 0.17
CA ASP A 148 16.24 37.62 -0.17
C ASP A 148 16.54 36.39 0.68
N ASN A 149 15.65 35.39 0.62
CA ASN A 149 15.82 34.12 1.29
C ASN A 149 15.50 32.99 0.32
N LYS A 150 16.10 33.05 -0.88
CA LYS A 150 15.83 32.07 -1.92
C LYS A 150 16.30 30.67 -1.57
N GLU A 151 17.10 30.51 -0.52
CA GLU A 151 17.57 29.20 -0.09
C GLU A 151 16.78 28.63 1.08
N LEU A 152 15.80 29.38 1.60
CA LEU A 152 14.97 28.94 2.73
C LEU A 152 15.84 28.58 3.94
N LYS A 153 16.86 29.39 4.19
CA LYS A 153 17.68 29.18 5.38
C LYS A 153 16.84 29.38 6.63
N ALA A 154 17.12 28.58 7.65
CA ALA A 154 16.27 28.54 8.83
C ALA A 154 17.10 28.30 10.08
N PHE A 155 16.58 28.77 11.21
CA PHE A 155 17.22 28.59 12.51
C PHE A 155 16.26 27.88 13.46
N ASN A 156 16.83 27.10 14.37
CA ASN A 156 16.05 26.31 15.33
C ASN A 156 16.00 27.02 16.68
N ILE A 157 14.95 26.70 17.43
CA ILE A 157 14.76 27.24 18.78
C ILE A 157 14.46 26.07 19.71
N ARG A 158 14.96 26.17 20.95
CA ARG A 158 14.75 25.10 21.93
C ARG A 158 13.32 25.11 22.43
N LEU A 159 12.63 23.99 22.28
CA LEU A 159 11.29 23.80 22.83
C LEU A 159 11.41 22.89 24.06
N GLU A 160 11.26 23.47 25.25
CA GLU A 160 11.19 22.64 26.44
C GLU A 160 9.87 21.89 26.54
N GLU A 161 8.88 22.25 25.72
CA GLU A 161 7.67 21.46 25.56
C GLU A 161 7.92 20.43 24.46
N LEU A 162 8.09 19.17 24.87
CA LEU A 162 8.51 18.13 23.94
C LEU A 162 7.33 17.49 23.21
N HIS A 163 6.25 17.19 23.91
CA HIS A 163 5.13 16.43 23.34
C HIS A 163 4.01 17.40 22.98
N VAL A 164 4.07 17.92 21.76
CA VAL A 164 3.11 18.90 21.27
C VAL A 164 2.04 18.18 20.45
N ILE A 165 0.79 18.59 20.63
CA ILE A 165 -0.33 18.01 19.91
C ILE A 165 -0.57 18.80 18.62
N ASP A 166 -1.08 20.01 18.75
CA ASP A 166 -1.31 20.89 17.61
C ASP A 166 -0.79 22.28 17.95
N VAL A 167 -0.54 23.07 16.90
CA VAL A 167 -0.01 24.42 17.07
C VAL A 167 -0.39 25.29 15.88
N LYS A 168 -0.90 26.48 16.15
CA LYS A 168 -1.24 27.47 15.14
C LYS A 168 -0.68 28.83 15.56
N PHE A 169 -0.68 29.77 14.61
CA PHE A 169 -0.33 31.14 14.89
C PHE A 169 -1.57 31.94 15.28
N LEU A 170 -1.43 32.83 16.25
CA LEU A 170 -2.54 33.61 16.77
C LEU A 170 -2.76 34.88 15.95
N TYR A 171 -4.02 35.21 15.73
CA TYR A 171 -4.38 36.45 15.04
C TYR A 171 -4.34 37.62 16.01
N GLY A 172 -3.91 38.78 15.51
CA GLY A 172 -3.91 40.00 16.30
C GLY A 172 -2.90 40.00 17.43
N CYS A 173 -1.64 40.22 17.10
CA CYS A 173 -0.58 40.28 18.10
C CYS A 173 0.48 41.28 17.65
N GLN A 174 1.17 41.87 18.63
CA GLN A 174 2.24 42.82 18.33
C GLN A 174 3.46 42.15 17.70
N ALA A 175 3.52 40.82 17.70
CA ALA A 175 4.63 40.07 17.13
C ALA A 175 4.15 38.65 16.87
N PRO A 176 4.80 37.92 15.95
CA PRO A 176 4.40 36.53 15.69
C PRO A 176 4.34 35.67 16.95
N THR A 177 3.17 35.11 17.23
CA THR A 177 2.91 34.36 18.46
C THR A 177 2.29 33.02 18.11
N ILE A 178 2.80 31.96 18.72
CA ILE A 178 2.24 30.62 18.54
C ILE A 178 1.34 30.30 19.73
N CYS A 179 0.47 29.32 19.54
CA CYS A 179 -0.41 28.82 20.59
C CYS A 179 -0.55 27.32 20.39
N PHE A 180 -0.02 26.53 21.32
CA PHE A 180 0.08 25.09 21.14
C PHE A 180 -0.41 24.35 22.36
N VAL A 181 -0.98 23.17 22.13
CA VAL A 181 -1.42 22.27 23.19
C VAL A 181 -0.38 21.18 23.34
N TYR A 182 0.19 21.04 24.53
CA TYR A 182 1.20 20.04 24.81
C TYR A 182 0.76 19.21 26.02
N GLN A 183 1.55 18.19 26.34
CA GLN A 183 1.22 17.29 27.43
C GLN A 183 2.48 16.87 28.16
N ASP A 184 2.48 17.05 29.47
CA ASP A 184 3.56 16.62 30.36
C ASP A 184 2.95 15.71 31.43
N PRO A 185 3.76 15.12 32.33
CA PRO A 185 3.19 14.31 33.42
C PRO A 185 2.11 15.01 34.24
N GLN A 186 2.09 16.34 34.26
CA GLN A 186 1.11 17.09 35.03
C GLN A 186 -0.20 17.32 34.27
N GLY A 187 -0.42 16.58 33.19
CA GLY A 187 -1.65 16.69 32.42
C GLY A 187 -1.46 17.29 31.05
N ARG A 188 -2.48 18.00 30.56
CA ARG A 188 -2.41 18.76 29.32
C ARG A 188 -2.52 20.24 29.62
N HIS A 189 -1.92 21.06 28.78
CA HIS A 189 -1.94 22.51 28.94
C HIS A 189 -1.99 23.18 27.57
N VAL A 190 -2.16 24.49 27.59
CA VAL A 190 -2.05 25.32 26.40
C VAL A 190 -1.13 26.50 26.73
N LYS A 191 -0.22 26.82 25.83
CA LYS A 191 0.80 27.82 26.09
C LYS A 191 0.98 28.69 24.86
N THR A 192 1.40 29.93 25.09
CA THR A 192 1.72 30.87 24.02
C THR A 192 3.16 31.33 24.15
N TYR A 193 3.79 31.57 23.01
CA TYR A 193 5.18 32.02 22.95
C TYR A 193 5.30 33.16 21.95
N GLU A 194 6.04 34.20 22.34
CA GLU A 194 6.35 35.30 21.44
C GLU A 194 7.63 34.98 20.70
N VAL A 195 7.54 34.91 19.37
CA VAL A 195 8.66 34.51 18.53
C VAL A 195 9.42 35.76 18.08
N SER A 196 10.69 35.85 18.45
CA SER A 196 11.50 37.02 18.16
C SER A 196 12.25 36.80 16.85
N LEU A 197 11.90 37.58 15.83
CA LEU A 197 12.65 37.53 14.57
C LEU A 197 14.09 37.97 14.77
N ARG A 198 14.30 38.98 15.61
CA ARG A 198 15.64 39.50 15.85
C ARG A 198 16.44 38.60 16.79
N GLU A 199 15.90 38.37 17.99
CA GLU A 199 16.65 37.60 18.99
C GLU A 199 16.78 36.13 18.61
N LYS A 200 15.84 35.61 17.80
CA LYS A 200 15.84 34.20 17.39
C LYS A 200 15.63 33.28 18.59
N GLU A 201 14.78 33.69 19.53
CA GLU A 201 14.45 32.89 20.69
C GLU A 201 12.96 33.01 20.98
N PHE A 202 12.55 32.46 22.13
CA PHE A 202 11.17 32.54 22.59
C PHE A 202 11.05 33.62 23.66
N ASN A 203 9.90 34.30 23.66
CA ASN A 203 9.53 35.22 24.73
C ASN A 203 8.17 34.82 25.26
N LYS A 204 7.97 35.05 26.56
CA LYS A 204 6.75 34.59 27.22
C LYS A 204 5.52 35.22 26.58
N GLY A 205 4.53 34.38 26.26
CA GLY A 205 3.39 34.79 25.48
C GLY A 205 2.37 35.55 26.31
N PRO A 206 1.35 36.04 25.62
CA PRO A 206 0.32 36.86 26.29
C PRO A 206 -0.45 36.13 27.36
N TRP A 207 -0.48 34.79 27.34
CA TRP A 207 -1.25 34.02 28.31
C TRP A 207 -0.92 32.54 28.15
N LYS A 208 -1.23 31.77 29.19
CA LYS A 208 -1.15 30.32 29.17
C LYS A 208 -2.18 29.79 30.15
N GLN A 209 -2.51 28.50 30.05
CA GLN A 209 -3.56 27.92 30.87
C GLN A 209 -3.11 26.61 31.49
N GLU A 210 -3.89 26.16 32.46
CA GLU A 210 -3.65 24.92 33.21
C GLU A 210 -4.84 23.99 33.02
N ASN A 211 -4.59 22.70 33.21
CA ASN A 211 -5.63 21.68 33.16
C ASN A 211 -6.51 21.80 31.91
N VAL A 212 -5.88 22.14 30.77
CA VAL A 212 -6.62 22.13 29.51
C VAL A 212 -7.23 20.76 29.35
N GLU A 213 -8.47 20.72 28.84
CA GLU A 213 -9.25 19.48 28.80
C GLU A 213 -8.42 18.25 28.43
N ALA A 214 -8.88 17.08 28.88
CA ALA A 214 -8.07 15.86 28.89
C ALA A 214 -7.63 15.44 27.49
N GLU A 215 -8.52 15.55 26.50
CA GLU A 215 -8.13 15.08 25.17
C GLU A 215 -8.18 16.19 24.13
N ALA A 216 -7.55 17.31 24.45
CA ALA A 216 -7.46 18.42 23.50
C ALA A 216 -6.54 18.06 22.35
N SER A 217 -7.03 18.23 21.12
CA SER A 217 -6.27 17.79 19.95
C SER A 217 -6.23 18.81 18.82
N MET A 218 -7.07 19.83 18.79
CA MET A 218 -7.18 20.70 17.63
C MET A 218 -7.22 22.16 18.07
N VAL A 219 -6.38 22.98 17.45
CA VAL A 219 -6.28 24.40 17.76
C VAL A 219 -6.68 25.19 16.53
N ILE A 220 -7.64 26.10 16.70
CA ILE A 220 -8.11 26.98 15.63
C ILE A 220 -7.82 28.42 16.04
N ALA A 221 -7.43 29.25 15.08
CA ALA A 221 -7.09 30.64 15.34
C ALA A 221 -8.23 31.53 14.86
N VAL A 222 -8.94 32.14 15.79
CA VAL A 222 -10.02 33.07 15.44
C VAL A 222 -9.42 34.37 14.89
N PRO A 223 -9.95 34.92 13.80
CA PRO A 223 -9.33 36.11 13.20
C PRO A 223 -9.48 37.38 14.02
N GLU A 224 -9.19 38.51 13.39
CA GLU A 224 -9.05 39.78 14.10
C GLU A 224 -10.28 40.24 14.87
N PRO A 225 -11.52 40.03 14.42
CA PRO A 225 -12.67 40.54 15.19
C PRO A 225 -12.62 40.26 16.69
N PHE A 226 -12.38 39.01 17.09
CA PHE A 226 -12.31 38.65 18.51
C PHE A 226 -10.89 38.34 18.96
N GLY A 227 -10.16 37.55 18.18
CA GLY A 227 -8.83 37.12 18.57
C GLY A 227 -8.86 35.81 19.35
N GLY A 228 -7.67 35.41 19.79
CA GLY A 228 -7.56 34.21 20.59
C GLY A 228 -7.61 32.94 19.75
N ALA A 229 -7.93 31.83 20.43
CA ALA A 229 -7.91 30.52 19.81
C ALA A 229 -9.04 29.66 20.35
N ILE A 230 -9.29 28.54 19.66
CA ILE A 230 -10.33 27.58 20.03
C ILE A 230 -9.66 26.24 20.29
N ILE A 231 -10.16 25.52 21.29
CA ILE A 231 -9.65 24.21 21.67
C ILE A 231 -10.77 23.19 21.50
N ILE A 232 -10.53 22.20 20.62
CA ILE A 232 -11.51 21.16 20.35
C ILE A 232 -11.08 19.89 21.06
N GLY A 233 -12.02 19.23 21.75
CA GLY A 233 -11.71 18.01 22.45
C GLY A 233 -12.73 16.91 22.21
N GLN A 234 -12.66 15.84 23.00
CA GLN A 234 -13.61 14.74 22.86
C GLN A 234 -15.00 15.15 23.33
N GLU A 235 -15.09 16.02 24.33
CA GLU A 235 -16.37 16.48 24.86
C GLU A 235 -16.54 17.98 24.81
N SER A 236 -15.52 18.75 25.18
CA SER A 236 -15.65 20.19 25.35
C SER A 236 -14.99 20.93 24.20
N ILE A 237 -15.61 22.05 23.80
CA ILE A 237 -15.02 23.02 22.89
C ILE A 237 -14.79 24.29 23.68
N THR A 238 -13.54 24.76 23.71
CA THR A 238 -13.18 25.86 24.60
C THR A 238 -12.45 26.95 23.80
N TYR A 239 -12.76 28.20 24.14
CA TYR A 239 -12.16 29.37 23.52
C TYR A 239 -11.31 30.12 24.54
N HIS A 240 -10.12 30.56 24.11
CA HIS A 240 -9.25 31.38 24.93
C HIS A 240 -8.92 32.67 24.19
N ASN A 241 -8.73 33.75 24.96
CA ASN A 241 -8.27 35.02 24.41
C ASN A 241 -7.80 35.87 25.58
N GLY A 242 -6.49 36.04 25.71
CA GLY A 242 -5.95 36.73 26.86
C GLY A 242 -6.39 36.07 28.14
N ASP A 243 -7.31 36.72 28.86
CA ASP A 243 -7.93 36.14 30.04
C ASP A 243 -9.41 35.83 29.83
N LYS A 244 -9.89 35.91 28.59
CA LYS A 244 -11.25 35.51 28.27
C LYS A 244 -11.33 34.00 28.15
N TYR A 245 -12.46 33.44 28.59
CA TYR A 245 -12.61 32.00 28.63
C TYR A 245 -14.07 31.63 28.42
N LEU A 246 -14.32 30.72 27.47
CA LEU A 246 -15.65 30.15 27.24
C LEU A 246 -15.49 28.65 27.02
N ALA A 247 -16.41 27.87 27.57
CA ALA A 247 -16.34 26.42 27.45
C ALA A 247 -17.74 25.85 27.33
N ILE A 248 -17.98 25.08 26.28
CA ILE A 248 -19.22 24.34 26.09
C ILE A 248 -18.86 22.87 25.85
N ALA A 249 -19.69 21.97 26.37
CA ALA A 249 -19.57 20.54 26.12
C ALA A 249 -20.87 20.07 25.49
N PRO A 250 -21.09 20.39 24.21
CA PRO A 250 -22.39 20.09 23.61
C PRO A 250 -22.59 18.58 23.47
N PRO A 251 -23.83 18.10 23.58
CA PRO A 251 -24.07 16.66 23.48
C PRO A 251 -23.98 16.12 22.06
N ILE A 252 -24.15 16.98 21.04
CA ILE A 252 -24.21 16.52 19.66
C ILE A 252 -22.84 16.14 19.09
N ILE A 253 -21.79 16.24 19.89
CA ILE A 253 -20.45 15.85 19.45
C ILE A 253 -19.88 14.68 20.24
N LYS A 254 -20.53 14.26 21.34
CA LYS A 254 -19.99 13.23 22.21
C LYS A 254 -19.95 11.85 21.57
N GLN A 255 -20.51 11.68 20.36
CA GLN A 255 -20.59 10.36 19.76
C GLN A 255 -19.28 9.94 19.12
N SER A 256 -18.48 10.88 18.63
CA SER A 256 -17.20 10.56 18.02
C SER A 256 -16.33 11.82 18.06
N THR A 257 -15.20 11.79 17.36
CA THR A 257 -14.16 12.79 17.49
C THR A 257 -14.15 13.73 16.29
N ILE A 258 -14.01 15.02 16.57
CA ILE A 258 -13.72 16.00 15.51
C ILE A 258 -12.27 15.83 15.09
N VAL A 259 -12.06 15.68 13.78
CA VAL A 259 -10.73 15.43 13.25
C VAL A 259 -10.27 16.46 12.22
N CYS A 260 -11.18 17.22 11.62
CA CYS A 260 -10.80 18.24 10.65
C CYS A 260 -11.73 19.43 10.79
N HIS A 261 -11.17 20.63 10.63
CA HIS A 261 -11.92 21.87 10.72
C HIS A 261 -11.53 22.77 9.56
N ASN A 262 -12.36 23.78 9.32
CA ASN A 262 -12.09 24.77 8.29
C ASN A 262 -12.94 26.00 8.55
N ARG A 263 -12.35 27.18 8.37
CA ARG A 263 -13.04 28.43 8.60
C ARG A 263 -13.84 28.83 7.36
N VAL A 264 -15.09 29.25 7.60
CA VAL A 264 -15.99 29.61 6.50
C VAL A 264 -15.85 31.07 6.10
N ASP A 265 -15.96 31.98 7.06
CA ASP A 265 -15.97 33.40 6.79
C ASP A 265 -14.75 34.08 7.41
N PRO A 266 -14.22 35.14 6.77
CA PRO A 266 -13.00 35.77 7.29
C PRO A 266 -13.15 36.41 8.67
N ASN A 267 -14.36 36.65 9.14
CA ASN A 267 -14.57 37.19 10.48
C ASN A 267 -14.60 36.13 11.56
N GLY A 268 -14.47 34.86 11.18
CA GLY A 268 -14.42 33.78 12.15
C GLY A 268 -15.71 33.48 12.86
N SER A 269 -16.84 33.99 12.37
CA SER A 269 -18.11 33.75 13.04
C SER A 269 -18.55 32.30 12.93
N ARG A 270 -18.33 31.68 11.77
CA ARG A 270 -18.78 30.33 11.51
C ARG A 270 -17.61 29.45 11.10
N TYR A 271 -17.56 28.24 11.67
CA TYR A 271 -16.57 27.24 11.33
C TYR A 271 -17.26 25.96 10.87
N LEU A 272 -16.47 25.06 10.32
CA LEU A 272 -16.95 23.75 9.86
C LEU A 272 -16.12 22.68 10.53
N LEU A 273 -16.79 21.75 11.22
CA LEU A 273 -16.12 20.70 11.96
C LEU A 273 -16.45 19.34 11.38
N GLY A 274 -15.43 18.51 11.16
CA GLY A 274 -15.58 17.22 10.55
C GLY A 274 -15.38 16.10 11.57
N ASP A 275 -16.33 15.17 11.59
CA ASP A 275 -16.29 14.03 12.48
C ASP A 275 -15.40 12.93 11.90
N MET A 276 -15.10 11.94 12.75
CA MET A 276 -14.43 10.74 12.27
C MET A 276 -15.40 9.76 11.63
N GLU A 277 -16.68 9.82 11.99
CA GLU A 277 -17.70 8.95 11.41
C GLU A 277 -18.43 9.62 10.25
N GLY A 278 -18.00 10.81 9.83
CA GLY A 278 -18.55 11.47 8.67
C GLY A 278 -19.52 12.60 8.93
N ARG A 279 -19.81 12.92 10.19
CA ARG A 279 -20.74 13.99 10.49
C ARG A 279 -20.13 15.34 10.13
N LEU A 280 -21.00 16.27 9.72
CA LEU A 280 -20.60 17.63 9.41
C LEU A 280 -21.32 18.59 10.34
N PHE A 281 -20.57 19.31 11.15
CA PHE A 281 -21.11 20.32 12.04
C PHE A 281 -20.65 21.70 11.61
N MET A 282 -21.33 22.72 12.13
CA MET A 282 -20.91 24.10 12.00
C MET A 282 -20.82 24.72 13.38
N LEU A 283 -19.62 25.09 13.79
CA LEU A 283 -19.41 25.82 15.03
C LEU A 283 -19.58 27.31 14.76
N LEU A 284 -20.40 27.97 15.59
CA LEU A 284 -20.74 29.37 15.37
C LEU A 284 -20.38 30.18 16.60
N LEU A 285 -19.61 31.25 16.40
CA LEU A 285 -19.40 32.23 17.44
C LEU A 285 -20.56 33.22 17.47
N GLU A 286 -20.80 33.79 18.64
CA GLU A 286 -21.86 34.77 18.82
C GLU A 286 -21.30 35.98 19.54
N LYS A 287 -21.48 37.16 18.95
CA LYS A 287 -20.85 38.38 19.41
C LYS A 287 -21.80 39.20 20.28
N GLU A 288 -21.23 40.20 20.95
CA GLU A 288 -21.98 41.05 21.87
C GLU A 288 -21.39 42.45 21.85
N GLU A 289 -22.26 43.45 21.76
CA GLU A 289 -21.81 44.83 21.62
C GLU A 289 -21.25 45.34 22.95
N GLN A 290 -20.10 46.01 22.88
CA GLN A 290 -19.43 46.52 24.06
C GLN A 290 -19.67 48.03 24.21
N MET A 291 -19.33 48.53 25.40
CA MET A 291 -19.59 49.91 25.76
C MET A 291 -18.54 50.90 25.26
N ASP A 292 -17.64 50.47 24.36
CA ASP A 292 -16.63 51.39 23.84
C ASP A 292 -16.14 50.99 22.45
N GLY A 293 -17.00 50.37 21.65
CA GLY A 293 -16.65 50.08 20.27
C GLY A 293 -16.81 48.64 19.84
N THR A 294 -15.69 47.94 19.65
CA THR A 294 -15.71 46.60 19.09
C THR A 294 -16.45 45.63 20.01
N VAL A 295 -16.83 44.48 19.42
CA VAL A 295 -17.71 43.54 20.09
C VAL A 295 -16.94 42.60 21.02
N THR A 296 -17.65 41.61 21.57
CA THR A 296 -17.07 40.66 22.51
C THR A 296 -17.81 39.34 22.37
N LEU A 297 -17.05 38.25 22.26
CA LEU A 297 -17.66 36.92 22.13
C LEU A 297 -18.47 36.58 23.37
N LYS A 298 -19.63 35.96 23.16
CA LYS A 298 -20.54 35.65 24.26
C LYS A 298 -20.84 34.17 24.42
N ASP A 299 -20.94 33.40 23.34
CA ASP A 299 -21.27 31.98 23.46
C ASP A 299 -20.97 31.29 22.12
N LEU A 300 -20.98 29.96 22.17
CA LEU A 300 -20.67 29.11 21.03
C LEU A 300 -21.80 28.12 20.79
N ARG A 301 -22.13 27.89 19.52
CA ARG A 301 -23.20 26.97 19.15
C ARG A 301 -22.66 25.94 18.15
N VAL A 302 -23.30 24.77 18.14
CA VAL A 302 -22.97 23.70 17.20
C VAL A 302 -24.26 23.09 16.69
N GLU A 303 -24.42 23.05 15.37
CA GLU A 303 -25.58 22.43 14.74
C GLU A 303 -25.10 21.38 13.74
N LEU A 304 -25.69 20.18 13.83
CA LEU A 304 -25.30 19.07 12.97
C LEU A 304 -25.87 19.31 11.57
N LEU A 305 -25.00 19.65 10.63
CA LEU A 305 -25.47 19.97 9.28
C LEU A 305 -25.90 18.72 8.53
N GLY A 306 -25.35 17.57 8.86
CA GLY A 306 -25.69 16.33 8.21
C GLY A 306 -24.47 15.45 8.06
N GLU A 307 -24.57 14.48 7.16
CA GLU A 307 -23.51 13.50 6.94
C GLU A 307 -22.92 13.66 5.55
N THR A 308 -21.60 13.63 5.47
CA THR A 308 -20.86 13.59 4.22
C THR A 308 -19.96 12.36 4.23
N SER A 309 -19.14 12.22 3.19
CA SER A 309 -18.12 11.19 3.19
C SER A 309 -17.16 11.42 4.36
N ILE A 310 -16.51 10.33 4.78
CA ILE A 310 -15.62 10.40 5.95
C ILE A 310 -14.53 11.43 5.67
N ALA A 311 -14.63 12.57 6.35
CA ALA A 311 -13.84 13.74 6.00
C ALA A 311 -12.41 13.61 6.50
N GLU A 312 -11.49 14.17 5.72
CA GLU A 312 -10.08 14.27 6.05
C GLU A 312 -9.59 15.71 6.03
N CYS A 313 -9.88 16.44 4.95
CA CYS A 313 -9.72 17.88 4.91
C CYS A 313 -11.05 18.49 4.48
N LEU A 314 -11.27 19.73 4.89
CA LEU A 314 -12.49 20.44 4.59
C LEU A 314 -12.17 21.83 4.10
N THR A 315 -12.96 22.30 3.13
CA THR A 315 -12.74 23.62 2.58
C THR A 315 -14.07 24.17 2.11
N TYR A 316 -14.26 25.47 2.23
CA TYR A 316 -15.51 26.10 1.83
C TYR A 316 -15.26 26.98 0.61
N LEU A 317 -15.85 26.60 -0.51
CA LEU A 317 -15.82 27.43 -1.72
C LEU A 317 -16.92 28.48 -1.59
N ASP A 318 -16.72 29.63 -2.25
CA ASP A 318 -17.49 30.82 -1.87
C ASP A 318 -19.00 30.57 -1.89
N ASN A 319 -19.54 29.95 -2.94
CA ASN A 319 -21.01 29.95 -3.09
C ASN A 319 -21.68 28.83 -2.28
N GLY A 320 -21.41 28.85 -0.98
CA GLY A 320 -22.06 27.89 -0.08
C GLY A 320 -21.87 26.44 -0.47
N VAL A 321 -20.68 26.11 -0.96
CA VAL A 321 -20.35 24.77 -1.46
C VAL A 321 -19.05 24.33 -0.80
N VAL A 322 -19.07 23.17 -0.17
CA VAL A 322 -17.93 22.67 0.60
C VAL A 322 -17.28 21.54 -0.18
N PHE A 323 -15.95 21.56 -0.22
CA PHE A 323 -15.21 20.43 -0.74
C PHE A 323 -14.89 19.50 0.41
N VAL A 324 -15.30 18.24 0.29
CA VAL A 324 -15.07 17.24 1.33
C VAL A 324 -13.92 16.37 0.84
N GLY A 325 -12.72 16.70 1.26
CA GLY A 325 -11.56 15.88 0.93
C GLY A 325 -11.49 14.63 1.79
N SER A 326 -11.67 13.47 1.17
CA SER A 326 -11.73 12.20 1.89
C SER A 326 -10.59 11.30 1.49
N ARG A 327 -10.19 10.42 2.42
CA ARG A 327 -9.22 9.38 2.15
C ARG A 327 -9.80 7.98 2.17
N LEU A 328 -10.81 7.73 3.01
CA LEU A 328 -11.47 6.44 3.06
C LEU A 328 -12.64 6.32 2.09
N GLY A 329 -13.13 7.45 1.56
CA GLY A 329 -14.22 7.41 0.61
C GLY A 329 -14.06 8.42 -0.51
N ASP A 330 -15.10 8.56 -1.33
CA ASP A 330 -15.06 9.52 -2.44
C ASP A 330 -15.14 10.95 -1.90
N SER A 331 -14.37 11.84 -2.51
CA SER A 331 -14.45 13.26 -2.18
C SER A 331 -15.70 13.87 -2.80
N GLN A 332 -16.12 15.00 -2.25
CA GLN A 332 -17.44 15.55 -2.55
C GLN A 332 -17.41 17.06 -2.68
N LEU A 333 -18.31 17.57 -3.51
CA LEU A 333 -18.78 18.95 -3.43
C LEU A 333 -20.18 18.89 -2.83
N VAL A 334 -20.33 19.40 -1.61
CA VAL A 334 -21.61 19.38 -0.91
C VAL A 334 -22.10 20.80 -0.73
N LYS A 335 -23.40 20.99 -0.91
CA LYS A 335 -24.03 22.28 -0.68
C LYS A 335 -24.74 22.27 0.67
N LEU A 336 -24.59 23.37 1.41
CA LEU A 336 -25.22 23.53 2.71
C LEU A 336 -26.30 24.60 2.61
N ASN A 337 -27.47 24.30 3.13
CA ASN A 337 -28.56 25.26 3.20
C ASN A 337 -28.64 25.79 4.62
N VAL A 338 -28.60 27.13 4.77
CA VAL A 338 -28.73 27.73 6.07
C VAL A 338 -30.04 27.28 6.69
N ASP A 339 -30.03 26.98 7.99
CA ASP A 339 -31.28 26.59 8.61
C ASP A 339 -32.31 27.66 8.33
N SER A 340 -33.40 27.22 7.72
CA SER A 340 -34.43 28.08 7.21
C SER A 340 -35.73 27.62 7.86
N ASN A 341 -36.75 28.47 7.77
CA ASN A 341 -38.04 28.08 8.32
C ASN A 341 -38.46 26.70 7.82
N GLU A 342 -38.18 26.40 6.56
CA GLU A 342 -38.68 25.18 5.95
C GLU A 342 -38.05 23.93 6.58
N GLN A 343 -36.74 23.92 6.79
CA GLN A 343 -36.14 22.70 7.34
C GLN A 343 -34.82 23.01 8.04
N GLY A 344 -34.48 22.16 9.01
CA GLY A 344 -33.25 22.36 9.76
C GLY A 344 -32.05 22.19 8.84
N SER A 345 -31.04 23.05 9.06
CA SER A 345 -29.82 23.02 8.26
C SER A 345 -29.47 21.59 7.87
N TYR A 346 -29.40 21.34 6.56
CA TYR A 346 -29.13 20.02 6.02
C TYR A 346 -28.11 20.16 4.91
N VAL A 347 -27.59 19.02 4.47
CA VAL A 347 -26.51 18.99 3.48
C VAL A 347 -26.95 18.10 2.31
N VAL A 348 -26.56 18.51 1.10
CA VAL A 348 -26.84 17.76 -0.12
C VAL A 348 -25.61 17.85 -1.02
N ALA A 349 -25.17 16.72 -1.54
CA ALA A 349 -23.97 16.66 -2.37
C ALA A 349 -24.31 16.95 -3.82
N MET A 350 -23.47 17.77 -4.46
CA MET A 350 -23.61 18.10 -5.87
C MET A 350 -22.80 17.15 -6.75
N GLU A 351 -21.51 17.01 -6.45
CA GLU A 351 -20.60 16.21 -7.27
C GLU A 351 -19.89 15.19 -6.40
N THR A 352 -19.41 14.13 -7.05
CA THR A 352 -18.66 13.06 -6.41
C THR A 352 -17.39 12.81 -7.21
N PHE A 353 -16.25 12.74 -6.52
CA PHE A 353 -14.97 12.52 -7.14
C PHE A 353 -14.44 11.14 -6.75
N THR A 354 -14.05 10.36 -7.74
CA THR A 354 -13.70 8.96 -7.52
C THR A 354 -12.46 8.84 -6.66
N ASN A 355 -12.53 7.99 -5.64
CA ASN A 355 -11.38 7.68 -4.79
C ASN A 355 -11.35 6.18 -4.60
N LEU A 356 -10.33 5.54 -5.16
CA LEU A 356 -10.16 4.10 -5.00
C LEU A 356 -9.90 3.72 -3.54
N GLY A 357 -9.71 4.71 -2.67
CA GLY A 357 -9.63 4.48 -1.24
C GLY A 357 -8.43 3.66 -0.85
N PRO A 358 -8.47 3.10 0.36
CA PRO A 358 -7.38 2.21 0.80
C PRO A 358 -7.56 0.79 0.29
N ILE A 359 -6.99 0.52 -0.89
CA ILE A 359 -7.06 -0.82 -1.49
C ILE A 359 -6.53 -1.88 -0.54
N VAL A 360 -7.45 -2.56 0.16
CA VAL A 360 -7.08 -3.58 1.14
C VAL A 360 -6.60 -4.86 0.44
N ASP A 361 -7.32 -5.27 -0.59
CA ASP A 361 -7.03 -6.46 -1.35
C ASP A 361 -7.61 -6.27 -2.75
N MET A 362 -7.15 -7.08 -3.68
CA MET A 362 -7.68 -7.04 -5.05
C MET A 362 -7.41 -8.37 -5.71
N CYS A 363 -7.84 -8.49 -6.96
CA CYS A 363 -7.61 -9.68 -7.76
C CYS A 363 -7.88 -9.33 -9.22
N VAL A 364 -7.16 -10.01 -10.11
CA VAL A 364 -7.29 -9.82 -11.54
C VAL A 364 -8.16 -10.93 -12.10
N VAL A 365 -9.09 -10.57 -12.99
CA VAL A 365 -10.10 -11.50 -13.49
C VAL A 365 -10.35 -11.23 -14.97
N ASP A 366 -10.39 -12.28 -15.78
CA ASP A 366 -10.82 -12.20 -17.17
C ASP A 366 -12.33 -12.50 -17.19
N LEU A 367 -13.13 -11.44 -17.25
CA LEU A 367 -14.59 -11.57 -17.14
C LEU A 367 -15.26 -11.63 -18.51
N GLU A 368 -15.09 -10.60 -19.32
CA GLU A 368 -15.62 -10.60 -20.70
C GLU A 368 -14.81 -11.48 -21.64
N ARG A 369 -13.84 -12.22 -21.10
CA ARG A 369 -13.05 -13.20 -21.84
C ARG A 369 -12.15 -12.58 -22.91
N GLN A 372 -7.85 -9.28 -22.39
CA GLN A 372 -7.87 -8.22 -21.38
C GLN A 372 -8.57 -8.69 -20.11
N GLY A 373 -7.83 -8.78 -19.02
CA GLY A 373 -8.39 -9.10 -17.71
C GLY A 373 -8.46 -7.84 -16.87
N GLN A 374 -9.63 -7.62 -16.27
CA GLN A 374 -9.86 -6.42 -15.48
C GLN A 374 -9.58 -6.67 -14.00
N LEU A 375 -9.37 -5.59 -13.27
CA LEU A 375 -8.95 -5.63 -11.88
C LEU A 375 -10.10 -5.23 -10.97
N VAL A 376 -10.40 -6.06 -9.98
CA VAL A 376 -11.46 -5.82 -9.01
C VAL A 376 -10.82 -5.66 -7.64
N THR A 377 -11.09 -4.53 -6.98
CA THR A 377 -10.37 -4.16 -5.76
C THR A 377 -11.34 -3.99 -4.59
N CYS A 378 -10.87 -4.40 -3.41
CA CYS A 378 -11.51 -4.03 -2.15
C CYS A 378 -11.05 -2.63 -1.78
N SER A 379 -11.97 -1.68 -1.79
CA SER A 379 -11.63 -0.27 -1.58
C SER A 379 -12.45 0.30 -0.43
N GLY A 380 -11.83 1.19 0.34
CA GLY A 380 -12.53 1.94 1.35
C GLY A 380 -12.63 1.23 2.68
N ALA A 381 -13.33 1.89 3.59
CA ALA A 381 -13.58 1.34 4.93
C ALA A 381 -14.90 1.91 5.43
N PHE A 382 -15.56 1.12 6.28
CA PHE A 382 -16.78 1.54 7.00
C PHE A 382 -17.85 1.83 5.96
N LYS A 383 -18.64 2.89 6.12
CA LYS A 383 -19.72 3.18 5.18
C LYS A 383 -19.21 3.51 3.78
N GLU A 384 -17.93 3.81 3.64
CA GLU A 384 -17.34 4.09 2.34
C GLU A 384 -16.73 2.86 1.69
N GLY A 385 -16.76 1.71 2.35
CA GLY A 385 -16.26 0.49 1.73
C GLY A 385 -17.05 0.14 0.49
N SER A 386 -16.34 -0.42 -0.49
CA SER A 386 -16.92 -0.64 -1.81
C SER A 386 -16.03 -1.59 -2.58
N LEU A 387 -16.54 -2.04 -3.73
CA LEU A 387 -15.77 -2.78 -4.71
C LEU A 387 -15.61 -1.92 -5.96
N ARG A 388 -14.43 -1.99 -6.57
CA ARG A 388 -14.13 -1.22 -7.78
C ARG A 388 -13.69 -2.17 -8.87
N ILE A 389 -14.36 -2.09 -10.01
CA ILE A 389 -14.01 -2.86 -11.19
C ILE A 389 -13.32 -1.93 -12.17
N ILE A 390 -12.15 -2.34 -12.64
CA ILE A 390 -11.26 -1.47 -13.37
C ILE A 390 -10.88 -2.17 -14.67
N ARG A 391 -11.55 -1.82 -15.76
CA ARG A 391 -11.26 -2.36 -17.08
C ARG A 391 -10.48 -1.33 -17.89
N ASN A 392 -9.67 -1.82 -18.81
CA ASN A 392 -8.86 -0.93 -19.66
C ASN A 392 -9.31 -1.05 -21.10
N GLY A 393 -9.62 0.08 -21.71
CA GLY A 393 -9.98 0.11 -23.12
C GLY A 393 -10.47 1.48 -23.52
N ILE A 394 -10.91 1.56 -24.77
CA ILE A 394 -11.54 2.76 -25.30
C ILE A 394 -13.02 2.68 -24.95
N GLY A 395 -13.47 3.59 -24.07
CA GLY A 395 -14.85 3.54 -23.63
C GLY A 395 -15.80 4.26 -24.59
N ILE A 396 -17.04 3.79 -24.62
CA ILE A 396 -18.05 4.31 -25.53
C ILE A 396 -19.20 4.88 -24.72
N HIS A 397 -19.46 6.18 -24.90
CA HIS A 397 -20.57 6.86 -24.23
C HIS A 397 -21.84 6.59 -25.03
N GLU A 398 -22.71 5.76 -24.49
CA GLU A 398 -23.95 5.42 -25.19
C GLU A 398 -24.91 6.60 -25.20
N HIS A 399 -25.69 6.70 -26.29
CA HIS A 399 -26.65 7.78 -26.46
C HIS A 399 -28.05 7.31 -26.79
N ALA A 400 -28.25 6.07 -27.22
CA ALA A 400 -29.56 5.53 -27.54
C ALA A 400 -29.43 4.02 -27.72
N SER A 401 -30.48 3.30 -27.34
CA SER A 401 -30.53 1.85 -27.48
C SER A 401 -31.84 1.45 -28.14
N ILE A 402 -31.77 0.40 -28.98
CA ILE A 402 -32.93 -0.13 -29.68
C ILE A 402 -32.86 -1.65 -29.59
N ASP A 403 -33.97 -2.28 -29.24
CA ASP A 403 -34.04 -3.73 -29.02
C ASP A 403 -34.37 -4.40 -30.35
N LEU A 404 -33.33 -4.73 -31.11
CA LEU A 404 -33.46 -5.48 -32.35
C LEU A 404 -32.40 -6.58 -32.40
N PRO A 405 -32.77 -7.84 -32.20
CA PRO A 405 -31.78 -8.92 -32.23
C PRO A 405 -31.47 -9.37 -33.64
N GLY A 406 -30.34 -10.05 -33.76
CA GLY A 406 -29.96 -10.64 -35.04
C GLY A 406 -29.64 -9.66 -36.13
N ILE A 407 -29.10 -8.49 -35.79
CA ILE A 407 -28.65 -7.55 -36.81
C ILE A 407 -27.53 -8.19 -37.61
N LYS A 408 -27.71 -8.28 -38.93
CA LYS A 408 -26.70 -8.84 -39.80
C LYS A 408 -25.91 -7.78 -40.57
N GLY A 409 -26.31 -6.51 -40.49
CA GLY A 409 -25.60 -5.46 -41.20
C GLY A 409 -26.09 -4.10 -40.73
N LEU A 410 -25.28 -3.09 -41.05
CA LEU A 410 -25.55 -1.73 -40.60
C LEU A 410 -24.97 -0.74 -41.61
N TRP A 411 -25.78 0.25 -42.01
CA TRP A 411 -25.32 1.21 -43.00
C TRP A 411 -25.92 2.60 -42.74
N PRO A 412 -25.10 3.66 -42.79
CA PRO A 412 -25.66 5.02 -42.79
C PRO A 412 -26.17 5.38 -44.18
N LEU A 413 -27.01 6.41 -44.21
CA LEU A 413 -27.67 6.78 -45.45
C LEU A 413 -28.16 8.21 -45.36
N ARG A 414 -27.94 8.97 -46.44
CA ARG A 414 -28.30 10.38 -46.50
C ARG A 414 -29.51 10.52 -47.42
N SER A 415 -30.71 10.56 -46.83
CA SER A 415 -31.93 10.66 -47.62
C SER A 415 -32.04 12.01 -48.30
N ASP A 416 -31.60 13.08 -47.62
CA ASP A 416 -31.62 14.41 -48.21
C ASP A 416 -30.34 14.63 -49.00
N PRO A 417 -30.41 14.85 -50.31
CA PRO A 417 -29.18 15.08 -51.09
C PRO A 417 -28.57 16.43 -50.82
N ASN A 418 -29.38 17.39 -50.39
CA ASN A 418 -28.93 18.74 -50.04
C ASN A 418 -28.34 18.81 -48.65
N ARG A 419 -28.51 17.78 -47.83
CA ARG A 419 -28.05 17.78 -46.45
C ARG A 419 -26.87 16.81 -46.35
N GLU A 420 -25.71 17.36 -45.97
CA GLU A 420 -24.54 16.53 -45.72
C GLU A 420 -24.81 15.52 -44.63
N THR A 421 -25.59 15.94 -43.64
CA THR A 421 -25.87 15.14 -42.47
C THR A 421 -26.72 13.92 -42.81
N ASP A 422 -26.39 12.81 -42.15
CA ASP A 422 -27.16 11.59 -42.26
C ASP A 422 -28.50 11.72 -41.57
N ASP A 423 -29.45 10.86 -41.98
CA ASP A 423 -30.74 10.83 -41.30
C ASP A 423 -31.39 9.46 -41.41
N THR A 424 -30.67 8.42 -41.80
CA THR A 424 -31.26 7.12 -42.06
C THR A 424 -30.28 6.04 -41.65
N LEU A 425 -30.79 4.98 -41.03
CA LEU A 425 -30.01 3.82 -40.64
C LEU A 425 -30.72 2.57 -41.12
N VAL A 426 -30.09 1.84 -42.04
CA VAL A 426 -30.67 0.63 -42.61
C VAL A 426 -30.08 -0.58 -41.89
N LEU A 427 -30.95 -1.49 -41.48
CA LEU A 427 -30.57 -2.67 -40.73
C LEU A 427 -30.99 -3.91 -41.51
N SER A 428 -30.05 -4.83 -41.71
CA SER A 428 -30.34 -6.08 -42.39
C SER A 428 -30.59 -7.18 -41.37
N PHE A 429 -31.38 -8.17 -41.78
CA PHE A 429 -31.66 -9.35 -40.98
C PHE A 429 -31.67 -10.55 -41.92
N VAL A 430 -31.93 -11.73 -41.37
CA VAL A 430 -32.12 -12.90 -42.21
C VAL A 430 -33.44 -12.76 -42.95
N GLY A 431 -33.37 -12.77 -44.28
CA GLY A 431 -34.58 -12.64 -45.09
C GLY A 431 -35.44 -11.44 -44.74
N GLN A 432 -34.80 -10.32 -44.42
CA GLN A 432 -35.52 -9.13 -43.97
C GLN A 432 -34.57 -7.95 -44.00
N THR A 433 -35.14 -6.76 -44.18
CA THR A 433 -34.38 -5.51 -44.14
C THR A 433 -35.28 -4.42 -43.58
N ARG A 434 -34.73 -3.62 -42.66
CA ARG A 434 -35.47 -2.54 -42.01
C ARG A 434 -34.76 -1.21 -42.25
N VAL A 435 -35.55 -0.18 -42.51
CA VAL A 435 -35.03 1.17 -42.74
C VAL A 435 -35.53 2.06 -41.61
N LEU A 436 -34.60 2.66 -40.88
CA LEU A 436 -34.92 3.52 -39.75
C LEU A 436 -34.60 4.97 -40.12
N MET A 437 -35.42 5.90 -39.62
CA MET A 437 -35.24 7.31 -39.87
C MET A 437 -34.92 8.05 -38.57
N LEU A 438 -34.17 9.13 -38.70
CA LEU A 438 -33.65 9.85 -37.54
C LEU A 438 -34.02 11.33 -37.66
N ASN A 439 -34.94 11.78 -36.81
CA ASN A 439 -35.28 13.18 -36.64
C ASN A 439 -34.91 13.54 -35.20
N GLY A 440 -33.79 14.22 -35.02
CA GLY A 440 -33.25 14.42 -33.69
C GLY A 440 -32.83 13.10 -33.09
N GLU A 441 -33.38 12.76 -31.93
CA GLU A 441 -33.10 11.48 -31.28
C GLU A 441 -34.27 10.50 -31.36
N GLU A 442 -35.38 10.90 -31.97
CA GLU A 442 -36.50 9.99 -32.17
C GLU A 442 -36.25 9.12 -33.39
N VAL A 443 -36.20 7.81 -33.19
CA VAL A 443 -35.98 6.85 -34.26
C VAL A 443 -37.31 6.18 -34.59
N GLU A 444 -37.55 5.96 -35.89
CA GLU A 444 -38.80 5.38 -36.35
C GLU A 444 -38.52 4.57 -37.61
N GLU A 445 -38.99 3.32 -37.63
CA GLU A 445 -38.83 2.49 -38.81
C GLU A 445 -39.87 2.87 -39.87
N THR A 446 -39.41 2.98 -41.11
CA THR A 446 -40.27 3.35 -42.22
C THR A 446 -39.84 2.56 -43.45
N GLU A 447 -40.55 2.77 -44.54
CA GLU A 447 -40.20 2.22 -45.85
C GLU A 447 -39.41 3.24 -46.65
N LEU A 448 -38.50 2.73 -47.48
CA LEU A 448 -37.80 3.56 -48.47
C LEU A 448 -38.35 3.18 -49.83
N MET A 449 -39.05 4.12 -50.47
CA MET A 449 -39.64 3.88 -51.78
C MET A 449 -38.54 3.53 -52.79
N GLY A 450 -38.50 2.28 -53.21
CA GLY A 450 -37.43 1.75 -54.04
C GLY A 450 -36.59 0.68 -53.37
N PHE A 451 -36.59 0.64 -52.04
CA PHE A 451 -35.89 -0.39 -51.30
C PHE A 451 -36.83 -1.55 -51.00
N VAL A 452 -36.30 -2.76 -51.06
CA VAL A 452 -37.07 -3.97 -50.76
C VAL A 452 -36.78 -4.39 -49.32
N ASP A 453 -37.82 -4.78 -48.60
CA ASP A 453 -37.72 -5.08 -47.18
C ASP A 453 -38.03 -6.55 -46.87
N ASP A 454 -37.84 -7.43 -47.85
CA ASP A 454 -38.03 -8.86 -47.63
C ASP A 454 -36.79 -9.68 -47.95
N GLN A 455 -35.64 -9.03 -48.15
CA GLN A 455 -34.39 -9.72 -48.43
C GLN A 455 -33.31 -9.20 -47.50
N GLN A 456 -32.35 -10.07 -47.19
CA GLN A 456 -31.16 -9.63 -46.47
C GLN A 456 -30.38 -8.66 -47.33
N THR A 457 -30.00 -7.52 -46.74
CA THR A 457 -29.21 -6.52 -47.44
C THR A 457 -27.73 -6.76 -47.17
N PHE A 458 -26.92 -6.72 -48.22
CA PHE A 458 -25.48 -6.88 -48.10
C PHE A 458 -24.74 -5.55 -48.21
N PHE A 459 -25.38 -4.51 -48.74
CA PHE A 459 -24.81 -3.18 -48.83
C PHE A 459 -25.90 -2.22 -49.28
N CYS A 460 -25.82 -0.99 -48.78
CA CYS A 460 -26.65 0.10 -49.24
C CYS A 460 -26.04 1.42 -48.76
N GLY A 461 -26.40 2.50 -49.44
CA GLY A 461 -25.90 3.80 -49.08
C GLY A 461 -25.96 4.75 -50.27
N ASN A 462 -25.25 5.87 -50.11
CA ASN A 462 -25.21 6.89 -51.14
C ASN A 462 -24.11 6.58 -52.14
N VAL A 463 -24.46 6.64 -53.43
CA VAL A 463 -23.51 6.42 -54.50
C VAL A 463 -23.45 7.67 -55.37
N ALA A 464 -22.63 7.64 -56.41
CA ALA A 464 -22.44 8.82 -57.25
C ALA A 464 -23.69 9.09 -58.08
N HIS A 465 -23.69 10.27 -58.73
CA HIS A 465 -24.76 10.70 -59.62
C HIS A 465 -26.08 10.91 -58.87
N GLN A 466 -26.00 11.42 -57.64
CA GLN A 466 -27.17 11.73 -56.82
C GLN A 466 -28.12 10.53 -56.73
N GLN A 467 -27.60 9.43 -56.19
CA GLN A 467 -28.36 8.19 -56.16
C GLN A 467 -28.02 7.40 -54.90
N LEU A 468 -28.83 6.37 -54.67
CA LEU A 468 -28.61 5.36 -53.64
C LEU A 468 -28.36 4.02 -54.32
N ILE A 469 -28.15 2.98 -53.51
CA ILE A 469 -27.98 1.62 -54.00
C ILE A 469 -28.41 0.66 -52.89
N GLN A 470 -28.78 -0.55 -53.29
CA GLN A 470 -29.06 -1.62 -52.34
C GLN A 470 -28.71 -2.95 -52.98
N ILE A 471 -27.81 -3.69 -52.34
CA ILE A 471 -27.41 -5.00 -52.85
C ILE A 471 -27.98 -6.08 -51.94
N THR A 472 -29.18 -6.55 -52.25
CA THR A 472 -29.76 -7.67 -51.53
C THR A 472 -29.21 -8.97 -52.08
N SER A 473 -29.60 -10.08 -51.45
CA SER A 473 -29.20 -11.40 -51.93
C SER A 473 -29.73 -11.71 -53.31
N ALA A 474 -30.68 -10.92 -53.82
CA ALA A 474 -31.34 -11.21 -55.08
C ALA A 474 -31.05 -10.20 -56.19
N SER A 475 -30.69 -8.96 -55.86
CA SER A 475 -30.54 -7.96 -56.91
C SER A 475 -29.65 -6.82 -56.43
N VAL A 476 -29.14 -6.06 -57.40
CA VAL A 476 -28.42 -4.82 -57.15
C VAL A 476 -29.35 -3.70 -57.62
N ARG A 477 -29.98 -3.01 -56.67
CA ARG A 477 -30.96 -1.98 -56.96
C ARG A 477 -30.32 -0.61 -56.90
N LEU A 478 -30.75 0.28 -57.80
CA LEU A 478 -30.24 1.64 -57.88
C LEU A 478 -31.43 2.60 -57.80
N VAL A 479 -31.48 3.40 -56.74
CA VAL A 479 -32.62 4.27 -56.47
C VAL A 479 -32.18 5.72 -56.63
N SER A 480 -33.09 6.54 -57.15
CA SER A 480 -32.81 7.95 -57.34
C SER A 480 -33.09 8.74 -56.07
N GLN A 481 -32.24 9.72 -55.79
CA GLN A 481 -32.46 10.60 -54.64
C GLN A 481 -33.76 11.37 -54.77
N GLU A 482 -33.84 12.24 -55.78
CA GLU A 482 -35.01 13.05 -56.03
C GLU A 482 -36.13 12.18 -56.59
N PRO A 483 -37.43 12.46 -56.23
CA PRO A 483 -38.48 11.43 -56.33
C PRO A 483 -37.99 9.99 -56.28
N LYS A 484 -37.75 9.51 -55.06
CA LYS A 484 -37.18 8.19 -54.83
C LYS A 484 -37.96 7.10 -55.55
N ALA A 485 -37.27 6.40 -56.44
CA ALA A 485 -37.85 5.30 -57.21
C ALA A 485 -36.71 4.50 -57.82
N LEU A 486 -37.01 3.24 -58.15
CA LEU A 486 -36.02 2.38 -58.76
C LEU A 486 -35.76 2.82 -60.20
N VAL A 487 -34.48 2.77 -60.61
CA VAL A 487 -34.10 3.23 -61.94
C VAL A 487 -33.44 2.11 -62.73
N SER A 488 -32.76 1.19 -62.04
CA SER A 488 -32.09 0.09 -62.71
C SER A 488 -31.82 -1.01 -61.70
N GLU A 489 -31.81 -2.25 -62.19
CA GLU A 489 -31.72 -3.42 -61.31
C GLU A 489 -30.92 -4.51 -62.01
N TRP A 490 -29.84 -4.94 -61.37
CA TRP A 490 -29.01 -6.03 -61.86
C TRP A 490 -29.39 -7.30 -61.09
N LYS A 491 -29.74 -8.35 -61.84
CA LYS A 491 -30.05 -9.65 -61.26
C LYS A 491 -29.27 -10.72 -62.01
N GLU A 492 -28.88 -11.77 -61.30
CA GLU A 492 -28.05 -12.81 -61.89
C GLU A 492 -28.78 -13.45 -63.06
N PRO A 493 -28.12 -13.62 -64.22
CA PRO A 493 -28.84 -14.08 -65.42
C PRO A 493 -29.56 -15.41 -65.25
N GLN A 494 -29.07 -16.29 -64.38
CA GLN A 494 -29.73 -17.56 -64.11
C GLN A 494 -30.54 -17.55 -62.82
N ALA A 495 -30.87 -16.35 -62.32
CA ALA A 495 -31.62 -16.18 -61.08
C ALA A 495 -30.89 -16.79 -59.89
N LYS A 496 -29.57 -16.63 -59.87
CA LYS A 496 -28.74 -17.10 -58.78
C LYS A 496 -28.57 -16.01 -57.72
N ASN A 497 -28.16 -16.41 -56.53
CA ASN A 497 -28.15 -15.53 -55.37
C ASN A 497 -26.78 -14.87 -55.19
N ILE A 498 -26.80 -13.57 -54.89
CA ILE A 498 -25.57 -12.84 -54.56
C ILE A 498 -25.07 -13.33 -53.21
N SER A 499 -23.82 -13.79 -53.18
CA SER A 499 -23.22 -14.35 -51.98
C SER A 499 -22.41 -13.33 -51.19
N VAL A 500 -21.49 -12.62 -51.86
CA VAL A 500 -20.69 -11.57 -51.23
C VAL A 500 -20.78 -10.33 -52.10
N ALA A 501 -20.98 -9.18 -51.45
CA ALA A 501 -21.12 -7.92 -52.16
C ALA A 501 -20.11 -6.90 -51.63
N SER A 502 -19.66 -6.04 -52.53
CA SER A 502 -18.76 -4.94 -52.18
C SER A 502 -19.04 -3.78 -53.12
N CYS A 503 -19.13 -2.59 -52.55
CA CYS A 503 -19.51 -1.40 -53.32
C CYS A 503 -18.85 -0.17 -52.72
N ASN A 504 -18.71 0.86 -53.54
CA ASN A 504 -18.15 2.13 -53.11
C ASN A 504 -18.87 3.24 -53.87
N SER A 505 -18.22 4.40 -53.99
CA SER A 505 -18.85 5.56 -54.61
C SER A 505 -19.25 5.29 -56.05
N SER A 506 -18.49 4.48 -56.77
CA SER A 506 -18.72 4.32 -58.21
C SER A 506 -18.77 2.86 -58.65
N GLN A 507 -18.06 1.98 -57.96
CA GLN A 507 -17.91 0.60 -58.41
C GLN A 507 -18.74 -0.35 -57.56
N VAL A 508 -19.07 -1.50 -58.17
CA VAL A 508 -19.81 -2.58 -57.51
C VAL A 508 -19.22 -3.90 -57.99
N VAL A 509 -18.67 -4.68 -57.08
CA VAL A 509 -18.17 -6.02 -57.38
C VAL A 509 -18.93 -6.97 -56.46
N VAL A 510 -20.05 -7.49 -56.95
CA VAL A 510 -20.77 -8.54 -56.24
C VAL A 510 -20.12 -9.86 -56.59
N ALA A 511 -20.68 -10.96 -56.10
CA ALA A 511 -20.07 -12.27 -56.28
C ALA A 511 -21.06 -13.38 -55.97
N VAL A 512 -21.45 -14.14 -56.99
CA VAL A 512 -22.41 -15.23 -56.84
C VAL A 512 -21.62 -16.54 -56.81
N GLY A 513 -21.62 -17.20 -55.64
CA GLY A 513 -20.91 -18.45 -55.47
C GLY A 513 -19.45 -18.37 -55.87
N ARG A 514 -19.10 -19.06 -56.97
CA ARG A 514 -17.74 -18.98 -57.50
C ARG A 514 -17.54 -17.70 -58.30
N ALA A 515 -18.41 -17.44 -59.27
CA ALA A 515 -18.25 -16.31 -60.16
C ALA A 515 -18.51 -15.00 -59.44
N LEU A 516 -17.98 -13.92 -60.01
CA LEU A 516 -18.22 -12.57 -59.51
C LEU A 516 -18.27 -11.61 -60.69
N TYR A 517 -18.98 -10.50 -60.50
CA TYR A 517 -19.21 -9.55 -61.57
C TYR A 517 -18.86 -8.14 -61.13
N TYR A 518 -18.42 -7.33 -62.09
CA TYR A 518 -17.99 -5.96 -61.84
C TYR A 518 -18.98 -5.01 -62.50
N LEU A 519 -19.66 -4.21 -61.67
CA LEU A 519 -20.65 -3.25 -62.13
C LEU A 519 -20.12 -1.84 -61.92
N GLN A 520 -20.65 -0.91 -62.71
CA GLN A 520 -20.37 0.52 -62.55
C GLN A 520 -21.68 1.28 -62.36
N ILE A 521 -21.60 2.35 -61.59
CA ILE A 521 -22.77 3.13 -61.20
C ILE A 521 -22.79 4.39 -62.05
N HIS A 522 -23.81 4.50 -62.88
CA HIS A 522 -24.03 5.63 -63.78
C HIS A 522 -25.46 6.10 -63.63
N PRO A 523 -25.77 7.30 -64.12
CA PRO A 523 -27.15 7.80 -64.00
C PRO A 523 -28.16 6.84 -64.62
N GLN A 524 -29.07 6.36 -63.78
CA GLN A 524 -30.20 5.53 -64.20
C GLN A 524 -29.77 4.22 -64.87
N GLU A 525 -28.58 3.72 -64.54
CA GLU A 525 -28.17 2.43 -65.08
C GLU A 525 -27.04 1.85 -64.26
N LEU A 526 -26.98 0.52 -64.22
CA LEU A 526 -25.93 -0.25 -63.57
C LEU A 526 -25.30 -1.14 -64.63
N ARG A 527 -24.25 -0.66 -65.28
CA ARG A 527 -23.67 -1.36 -66.42
C ARG A 527 -22.69 -2.42 -65.93
N GLN A 528 -22.95 -3.67 -66.30
CA GLN A 528 -22.03 -4.76 -66.03
C GLN A 528 -20.79 -4.63 -66.92
N ILE A 529 -19.68 -5.20 -66.46
CA ILE A 529 -18.42 -5.09 -67.18
C ILE A 529 -17.70 -6.42 -67.27
N SER A 530 -17.54 -7.09 -66.13
CA SER A 530 -16.68 -8.27 -66.04
C SER A 530 -17.47 -9.47 -65.56
N HIS A 531 -17.36 -10.58 -66.29
CA HIS A 531 -17.89 -11.87 -65.89
C HIS A 531 -16.73 -12.84 -65.76
N THR A 532 -16.49 -13.33 -64.55
CA THR A 532 -15.29 -14.13 -64.28
C THR A 532 -15.61 -15.24 -63.29
N GLU A 533 -15.09 -16.43 -63.59
CA GLU A 533 -15.15 -17.55 -62.67
C GLU A 533 -13.98 -17.50 -61.69
N MET A 534 -14.08 -18.32 -60.64
CA MET A 534 -13.04 -18.42 -59.63
C MET A 534 -12.84 -19.89 -59.30
N GLU A 535 -11.65 -20.19 -58.79
CA GLU A 535 -11.31 -21.58 -58.48
C GLU A 535 -12.18 -22.11 -57.34
N HIS A 536 -12.49 -21.26 -56.36
CA HIS A 536 -13.17 -21.67 -55.12
C HIS A 536 -14.15 -20.58 -54.70
N GLU A 537 -15.29 -21.01 -54.16
CA GLU A 537 -16.35 -20.08 -53.76
C GLU A 537 -15.80 -18.89 -52.97
N VAL A 538 -16.24 -17.69 -53.33
CA VAL A 538 -15.69 -16.47 -52.74
C VAL A 538 -16.29 -16.27 -51.35
N ALA A 539 -15.56 -15.56 -50.50
CA ALA A 539 -16.01 -15.39 -49.12
C ALA A 539 -15.99 -13.93 -48.65
N CYS A 540 -15.10 -13.10 -49.20
CA CYS A 540 -15.05 -11.71 -48.80
C CYS A 540 -14.47 -10.86 -49.93
N LEU A 541 -14.81 -9.57 -49.90
CA LEU A 541 -14.45 -8.63 -50.95
C LEU A 541 -14.12 -7.28 -50.35
N ASP A 542 -13.37 -6.47 -51.11
CA ASP A 542 -13.20 -5.06 -50.81
C ASP A 542 -12.79 -4.34 -52.08
N ILE A 543 -13.30 -3.12 -52.25
CA ILE A 543 -13.13 -2.39 -53.50
C ILE A 543 -12.91 -0.91 -53.19
N THR A 544 -12.21 -0.64 -52.10
CA THR A 544 -12.04 0.73 -51.62
C THR A 544 -11.04 1.48 -52.48
N PRO A 545 -11.38 2.67 -52.97
CA PRO A 545 -10.41 3.45 -53.74
C PRO A 545 -9.34 4.06 -52.86
N LEU A 546 -8.14 4.19 -53.42
CA LEU A 546 -7.01 4.79 -52.71
C LEU A 546 -6.21 5.70 -53.64
N GLY A 551 -11.33 8.62 -57.46
CA GLY A 551 -12.52 8.13 -56.78
C GLY A 551 -12.81 6.67 -57.05
N LEU A 552 -12.28 6.17 -58.15
CA LEU A 552 -12.44 4.77 -58.52
C LEU A 552 -11.27 3.94 -58.01
N SER A 553 -11.50 2.63 -57.89
CA SER A 553 -10.49 1.71 -57.39
C SER A 553 -9.97 0.85 -58.52
N PRO A 554 -8.66 0.87 -58.80
CA PRO A 554 -8.14 0.07 -59.92
C PRO A 554 -7.79 -1.36 -59.53
N LEU A 555 -8.28 -1.82 -58.38
CA LEU A 555 -7.93 -3.14 -57.90
C LEU A 555 -8.97 -3.63 -56.92
N CYS A 556 -9.01 -4.95 -56.74
CA CYS A 556 -10.08 -5.60 -55.99
C CYS A 556 -9.49 -6.73 -55.17
N ALA A 557 -9.80 -6.76 -53.86
CA ALA A 557 -9.24 -7.73 -52.92
C ALA A 557 -10.25 -8.83 -52.63
N ILE A 558 -9.82 -10.10 -52.73
CA ILE A 558 -10.72 -11.25 -52.67
C ILE A 558 -10.09 -12.36 -51.84
N GLY A 559 -10.96 -13.21 -51.31
CA GLY A 559 -10.52 -14.37 -50.55
C GLY A 559 -11.29 -15.61 -50.97
N LEU A 560 -10.61 -16.73 -50.90
CA LEU A 560 -11.22 -17.94 -51.43
C LEU A 560 -11.51 -18.93 -50.31
N TRP A 561 -12.70 -19.52 -50.39
CA TRP A 561 -13.20 -20.47 -49.39
C TRP A 561 -12.25 -21.65 -49.25
N THR A 562 -12.02 -22.35 -50.36
CA THR A 562 -11.20 -23.55 -50.26
C THR A 562 -9.72 -23.24 -50.40
N ASP A 563 -9.38 -22.21 -51.20
CA ASP A 563 -8.00 -21.72 -51.28
C ASP A 563 -7.48 -21.24 -49.93
N ILE A 564 -8.36 -20.63 -49.13
CA ILE A 564 -7.99 -19.95 -47.88
C ILE A 564 -6.85 -18.96 -48.15
N SER A 565 -7.14 -17.92 -48.92
CA SER A 565 -6.11 -16.98 -49.31
C SER A 565 -6.73 -15.61 -49.53
N ALA A 566 -5.91 -14.58 -49.49
CA ALA A 566 -6.32 -13.24 -49.86
C ALA A 566 -5.63 -12.86 -51.16
N ARG A 567 -6.40 -12.42 -52.15
CA ARG A 567 -5.89 -12.12 -53.47
C ARG A 567 -6.09 -10.65 -53.82
N ILE A 568 -5.30 -10.18 -54.77
CA ILE A 568 -5.43 -8.83 -55.34
C ILE A 568 -5.67 -8.98 -56.83
N LEU A 569 -6.76 -8.37 -57.30
CA LEU A 569 -7.19 -8.52 -58.69
C LEU A 569 -7.28 -7.14 -59.32
N LYS A 570 -6.65 -6.98 -60.48
CA LYS A 570 -6.71 -5.71 -61.21
C LYS A 570 -8.10 -5.53 -61.81
N LEU A 571 -8.60 -4.30 -61.76
CA LEU A 571 -9.89 -4.14 -62.40
C LEU A 571 -9.74 -3.51 -63.77
N PRO A 572 -10.56 -3.92 -64.75
CA PRO A 572 -11.59 -4.95 -64.60
C PRO A 572 -11.12 -6.34 -65.04
N SER A 573 -9.81 -6.49 -65.24
CA SER A 573 -9.27 -7.72 -65.79
C SER A 573 -9.37 -8.91 -64.83
N PHE A 574 -9.44 -8.65 -63.52
CA PHE A 574 -9.52 -9.71 -62.51
C PHE A 574 -8.30 -10.62 -62.55
N GLU A 575 -7.14 -10.04 -62.81
CA GLU A 575 -5.89 -10.78 -62.94
C GLU A 575 -5.05 -10.61 -61.67
N LEU A 576 -4.68 -11.72 -61.06
CA LEU A 576 -3.91 -11.70 -59.82
C LEU A 576 -2.54 -11.06 -60.02
N HIS A 578 -1.12 -9.28 -57.55
CA HIS A 578 -0.30 -10.12 -56.70
C HIS A 578 -1.16 -11.04 -55.82
N LYS A 579 -0.56 -11.57 -54.76
CA LYS A 579 -1.22 -12.57 -53.92
C LYS A 579 -0.36 -12.93 -52.71
N GLU A 580 -1.00 -13.32 -51.61
CA GLU A 580 -0.35 -14.02 -50.52
C GLU A 580 -1.29 -15.08 -49.98
N MET A 581 -0.74 -16.01 -49.22
CA MET A 581 -1.48 -17.16 -48.73
C MET A 581 -1.62 -17.11 -47.21
N LEU A 582 -2.75 -17.60 -46.72
CA LEU A 582 -3.11 -17.50 -45.30
C LEU A 582 -2.89 -18.80 -44.54
N GLY A 583 -3.28 -19.94 -45.12
CA GLY A 583 -3.10 -21.20 -44.45
C GLY A 583 -4.06 -21.45 -43.31
N GLY A 584 -4.41 -22.71 -43.09
CA GLY A 584 -5.36 -23.12 -42.08
C GLY A 584 -6.45 -23.96 -42.69
N GLU A 585 -7.36 -24.39 -41.83
CA GLU A 585 -8.57 -25.07 -42.28
C GLU A 585 -9.80 -24.20 -42.15
N ILE A 586 -9.64 -22.91 -41.88
CA ILE A 586 -10.79 -22.05 -41.65
C ILE A 586 -10.71 -20.80 -42.50
N ILE A 587 -11.82 -20.55 -43.21
CA ILE A 587 -12.08 -19.55 -44.25
C ILE A 587 -11.96 -18.13 -43.73
N PRO A 588 -11.71 -17.14 -44.60
CA PRO A 588 -11.76 -15.75 -44.16
C PRO A 588 -13.20 -15.29 -43.97
N ARG A 589 -13.38 -14.32 -43.08
CA ARG A 589 -14.70 -13.76 -42.82
C ARG A 589 -14.84 -12.30 -43.26
N SER A 590 -13.74 -11.58 -43.40
CA SER A 590 -13.77 -10.19 -43.85
C SER A 590 -12.38 -9.78 -44.28
N ILE A 591 -12.32 -8.89 -45.28
CA ILE A 591 -11.06 -8.38 -45.82
C ILE A 591 -11.26 -6.93 -46.21
N LEU A 592 -10.20 -6.14 -46.07
CA LEU A 592 -10.29 -4.70 -46.27
C LEU A 592 -8.96 -4.12 -46.70
N MET A 593 -9.00 -3.25 -47.72
CA MET A 593 -7.86 -2.42 -48.09
C MET A 593 -8.09 -1.00 -47.56
N THR A 594 -7.19 -0.52 -46.70
CA THR A 594 -7.29 0.84 -46.15
C THR A 594 -5.91 1.44 -45.94
N THR A 595 -5.90 2.73 -45.59
CA THR A 595 -4.68 3.53 -45.48
C THR A 595 -4.48 4.03 -44.05
N PHE A 596 -3.28 3.79 -43.51
CA PHE A 596 -2.89 4.18 -42.17
C PHE A 596 -1.62 5.02 -42.23
N GLU A 597 -1.53 6.03 -41.37
CA GLU A 597 -0.37 6.92 -41.33
C GLU A 597 -0.13 7.36 -42.78
N SER A 598 1.06 7.16 -43.33
CA SER A 598 1.32 7.50 -44.72
C SER A 598 1.14 6.28 -45.64
N SER A 599 1.62 5.11 -45.19
CA SER A 599 1.65 3.92 -46.03
C SER A 599 0.30 3.22 -46.10
N HIS A 600 0.09 2.48 -47.19
CA HIS A 600 -1.12 1.70 -47.42
C HIS A 600 -1.01 0.33 -46.77
N TYR A 601 -2.16 -0.35 -46.67
CA TYR A 601 -2.23 -1.65 -45.99
C TYR A 601 -3.33 -2.51 -46.60
N LEU A 602 -3.36 -3.77 -46.16
CA LEU A 602 -4.49 -4.66 -46.35
C LEU A 602 -4.70 -5.45 -45.06
N LEU A 603 -5.96 -5.73 -44.75
CA LEU A 603 -6.32 -6.45 -43.54
C LEU A 603 -7.30 -7.57 -43.90
N CYS A 604 -7.01 -8.78 -43.44
CA CYS A 604 -7.87 -9.93 -43.68
C CYS A 604 -8.03 -10.71 -42.37
N ALA A 605 -9.28 -11.04 -42.03
CA ALA A 605 -9.61 -11.69 -40.78
C ALA A 605 -10.27 -13.03 -41.04
N LEU A 606 -9.87 -14.04 -40.28
CA LEU A 606 -10.33 -15.41 -40.47
C LEU A 606 -11.52 -15.71 -39.56
N GLY A 607 -12.10 -16.91 -39.73
CA GLY A 607 -13.14 -17.35 -38.83
C GLY A 607 -12.66 -17.68 -37.44
N ASP A 608 -11.39 -18.04 -37.29
CA ASP A 608 -10.83 -18.33 -35.98
C ASP A 608 -10.39 -17.08 -35.23
N GLY A 609 -10.55 -15.91 -35.83
CA GLY A 609 -10.25 -14.65 -35.16
C GLY A 609 -8.91 -14.02 -35.50
N ALA A 610 -8.14 -14.63 -36.41
CA ALA A 610 -6.86 -14.05 -36.78
C ALA A 610 -7.06 -12.74 -37.54
N LEU A 611 -5.96 -12.01 -37.74
CA LEU A 611 -6.01 -10.73 -38.46
C LEU A 611 -4.63 -10.50 -39.08
N PHE A 612 -4.47 -10.96 -40.32
CA PHE A 612 -3.27 -10.69 -41.09
C PHE A 612 -3.32 -9.27 -41.64
N TYR A 613 -2.16 -8.60 -41.66
CA TYR A 613 -2.08 -7.29 -42.31
C TYR A 613 -0.78 -7.17 -43.08
N PHE A 614 -0.89 -6.64 -44.31
CA PHE A 614 0.23 -6.58 -45.23
C PHE A 614 0.40 -5.16 -45.74
N GLY A 615 1.63 -4.82 -46.14
CA GLY A 615 1.91 -3.54 -46.75
C GLY A 615 1.68 -3.56 -48.25
N LEU A 616 0.74 -2.74 -48.71
CA LEU A 616 0.27 -2.81 -50.09
C LEU A 616 0.89 -1.70 -50.94
N ASN A 617 1.20 -2.04 -52.18
CA ASN A 617 1.60 -1.08 -53.20
C ASN A 617 0.43 -0.96 -54.17
N ILE A 618 -0.38 0.09 -54.02
CA ILE A 618 -1.57 0.26 -54.83
C ILE A 618 -1.24 0.45 -56.31
N GLU A 619 0.02 0.62 -56.66
CA GLU A 619 0.45 0.65 -58.05
C GLU A 619 0.87 -0.73 -58.55
N THR A 620 1.79 -1.38 -57.84
CA THR A 620 2.31 -2.68 -58.23
C THR A 620 1.48 -3.84 -57.70
N GLY A 621 0.45 -3.58 -56.90
CA GLY A 621 -0.37 -4.64 -56.32
C GLY A 621 0.33 -5.55 -55.34
N LEU A 622 1.65 -5.44 -55.21
CA LEU A 622 2.41 -6.34 -54.35
C LEU A 622 2.15 -6.00 -52.89
N LEU A 623 1.65 -6.96 -52.14
CA LEU A 623 1.52 -6.85 -50.70
C LEU A 623 2.67 -7.57 -50.01
N SER A 624 3.04 -7.09 -48.83
CA SER A 624 4.25 -7.54 -48.15
C SER A 624 3.97 -7.68 -46.65
N ASP A 625 4.76 -8.55 -46.01
CA ASP A 625 4.57 -8.93 -44.60
C ASP A 625 3.28 -9.73 -44.43
N LYS A 627 2.94 -9.87 -41.23
CA LYS A 627 2.52 -9.63 -39.86
C LYS A 627 1.05 -10.03 -39.67
N LYS A 628 0.79 -10.80 -38.60
CA LYS A 628 -0.58 -11.23 -38.30
C LYS A 628 -0.74 -11.31 -36.79
N VAL A 629 -1.98 -11.11 -36.35
CA VAL A 629 -2.30 -11.13 -34.92
C VAL A 629 -3.73 -11.68 -34.76
N THR A 630 -3.96 -12.37 -33.66
CA THR A 630 -5.26 -12.92 -33.34
C THR A 630 -6.07 -11.93 -32.51
N LEU A 631 -7.39 -11.91 -32.74
CA LEU A 631 -8.32 -11.01 -32.06
C LEU A 631 -9.59 -11.81 -31.69
N GLY A 632 -9.46 -12.68 -30.70
CA GLY A 632 -10.58 -13.52 -30.28
C GLY A 632 -10.66 -14.80 -31.08
N THR A 633 -11.63 -15.63 -30.70
CA THR A 633 -11.82 -16.92 -31.34
C THR A 633 -13.08 -17.00 -32.19
N GLN A 634 -13.92 -15.97 -32.21
CA GLN A 634 -15.05 -15.89 -33.11
C GLN A 634 -14.68 -15.06 -34.34
N PRO A 635 -15.42 -15.19 -35.44
CA PRO A 635 -15.05 -14.46 -36.66
C PRO A 635 -15.00 -12.96 -36.45
N THR A 636 -14.19 -12.29 -37.26
CA THR A 636 -13.95 -10.86 -37.17
C THR A 636 -14.40 -10.17 -38.45
N VAL A 637 -15.10 -9.05 -38.29
CA VAL A 637 -15.59 -8.24 -39.41
C VAL A 637 -15.02 -6.85 -39.26
N LEU A 638 -14.33 -6.36 -40.29
CA LEU A 638 -13.65 -5.08 -40.26
C LEU A 638 -14.52 -3.98 -40.84
N ARG A 639 -14.40 -2.78 -40.27
CA ARG A 639 -15.14 -1.62 -40.71
C ARG A 639 -14.32 -0.37 -40.44
N THR A 640 -14.53 0.66 -41.25
CA THR A 640 -13.77 1.89 -41.17
C THR A 640 -14.64 3.03 -40.64
N PHE A 641 -14.13 3.75 -39.66
CA PHE A 641 -14.77 4.95 -39.15
C PHE A 641 -13.73 6.06 -39.06
N ARG A 642 -14.20 7.30 -38.95
CA ARG A 642 -13.34 8.47 -38.86
C ARG A 642 -13.26 8.95 -37.42
N SER A 643 -12.04 9.05 -36.90
CA SER A 643 -11.79 9.59 -35.57
C SER A 643 -10.71 10.65 -35.69
N LEU A 644 -11.04 11.88 -35.31
CA LEU A 644 -10.20 13.07 -35.56
C LEU A 644 -10.09 13.19 -37.09
N SER A 645 -8.92 13.54 -37.63
CA SER A 645 -8.73 13.66 -39.06
C SER A 645 -8.07 12.43 -39.67
N THR A 646 -7.99 11.32 -38.94
CA THR A 646 -7.40 10.09 -39.43
C THR A 646 -8.39 8.95 -39.21
N THR A 647 -8.77 8.29 -40.30
CA THR A 647 -9.74 7.20 -40.18
C THR A 647 -9.09 5.96 -39.59
N ASN A 648 -9.81 5.29 -38.70
CA ASN A 648 -9.35 4.06 -38.07
C ASN A 648 -10.20 2.88 -38.56
N VAL A 649 -9.85 1.69 -38.11
CA VAL A 649 -10.56 0.47 -38.46
C VAL A 649 -11.16 -0.12 -37.19
N PHE A 650 -12.47 -0.26 -37.17
CA PHE A 650 -13.17 -0.91 -36.07
C PHE A 650 -13.34 -2.39 -36.40
N ALA A 651 -12.77 -3.27 -35.59
CA ALA A 651 -12.83 -4.70 -35.82
C ALA A 651 -13.85 -5.30 -34.86
N CYS A 652 -15.05 -5.57 -35.36
CA CYS A 652 -16.06 -6.24 -34.56
C CYS A 652 -15.68 -7.70 -34.37
N SER A 653 -16.09 -8.26 -33.23
CA SER A 653 -15.79 -9.65 -32.87
C SER A 653 -16.16 -9.95 -31.44
N ASP A 654 -15.63 -11.05 -30.92
CA ASP A 654 -15.83 -11.35 -29.49
C ASP A 654 -15.28 -10.22 -28.61
N ARG A 655 -14.16 -9.62 -29.02
CA ARG A 655 -13.52 -8.51 -28.31
C ARG A 655 -13.14 -7.40 -29.27
N PRO A 656 -14.04 -6.42 -29.51
CA PRO A 656 -13.79 -5.41 -30.54
C PRO A 656 -12.50 -4.63 -30.30
N THR A 657 -11.96 -4.04 -31.37
CA THR A 657 -10.68 -3.35 -31.25
C THR A 657 -10.51 -2.26 -32.29
N VAL A 658 -10.04 -1.09 -31.84
CA VAL A 658 -9.73 0.03 -32.72
C VAL A 658 -8.31 -0.15 -33.25
N ILE A 659 -8.15 0.02 -34.55
CA ILE A 659 -6.87 -0.17 -35.22
C ILE A 659 -6.41 1.18 -35.76
N TYR A 660 -5.33 1.71 -35.18
CA TYR A 660 -4.69 2.92 -35.66
C TYR A 660 -3.20 2.66 -35.79
N SER A 661 -2.45 3.68 -36.21
CA SER A 661 -1.01 3.57 -36.39
C SER A 661 -0.33 4.79 -35.79
N SER A 662 0.53 4.55 -34.80
CA SER A 662 1.37 5.59 -34.22
C SER A 662 2.82 5.23 -34.50
N ASN A 663 3.54 6.16 -35.14
CA ASN A 663 4.93 5.95 -35.54
C ASN A 663 5.06 4.77 -36.51
N HIS A 664 4.09 4.67 -37.44
CA HIS A 664 4.15 3.74 -38.55
C HIS A 664 4.16 2.29 -38.09
N LYS A 665 3.43 2.01 -37.01
CA LYS A 665 3.25 0.65 -36.51
C LYS A 665 1.81 0.49 -36.09
N LEU A 666 1.17 -0.59 -36.55
CA LEU A 666 -0.25 -0.80 -36.28
C LEU A 666 -0.46 -1.18 -34.83
N VAL A 667 -1.35 -0.45 -34.15
CA VAL A 667 -1.61 -0.64 -32.73
C VAL A 667 -3.07 -1.04 -32.56
N PHE A 668 -3.31 -1.96 -31.61
CA PHE A 668 -4.63 -2.52 -31.37
C PHE A 668 -5.05 -2.21 -29.94
N SER A 669 -5.89 -1.19 -29.76
CA SER A 669 -6.45 -0.84 -28.45
C SER A 669 -7.90 -1.28 -28.42
N ASN A 670 -8.24 -2.14 -27.46
CA ASN A 670 -9.56 -2.75 -27.44
C ASN A 670 -10.63 -1.77 -26.96
N VAL A 671 -11.87 -2.05 -27.35
CA VAL A 671 -13.01 -1.20 -27.02
C VAL A 671 -13.69 -1.76 -25.79
N ASN A 672 -14.03 -0.86 -24.87
CA ASN A 672 -14.63 -1.22 -23.60
C ASN A 672 -16.12 -1.55 -23.81
N LEU A 673 -16.34 -2.69 -24.44
CA LEU A 673 -17.68 -3.15 -24.73
C LEU A 673 -17.68 -4.66 -24.69
N LYS A 674 -18.86 -5.22 -24.44
CA LYS A 674 -19.05 -6.64 -24.66
C LYS A 674 -19.00 -6.88 -26.17
N GLU A 675 -19.41 -8.07 -26.60
CA GLU A 675 -19.31 -8.44 -28.00
C GLU A 675 -20.03 -7.42 -28.88
N VAL A 676 -19.40 -7.11 -30.01
CA VAL A 676 -19.93 -6.28 -31.08
C VAL A 676 -19.85 -7.09 -32.36
N ASN A 677 -20.94 -7.14 -33.12
CA ASN A 677 -20.94 -7.91 -34.36
C ASN A 677 -20.72 -7.06 -35.60
N TYR A 678 -21.50 -5.98 -35.75
CA TYR A 678 -21.35 -5.08 -36.88
C TYR A 678 -21.43 -3.65 -36.38
N MET A 679 -20.74 -2.75 -37.08
CA MET A 679 -20.76 -1.33 -36.74
C MET A 679 -20.73 -0.50 -38.01
N CYS A 680 -21.08 0.77 -37.85
CA CYS A 680 -20.99 1.74 -38.94
C CYS A 680 -20.99 3.13 -38.32
N PRO A 681 -20.19 4.06 -38.83
CA PRO A 681 -20.27 5.44 -38.33
C PRO A 681 -21.58 6.08 -38.75
N LEU A 682 -21.99 7.08 -37.97
CA LEU A 682 -23.29 7.72 -38.18
C LEU A 682 -23.18 9.17 -37.74
N ASN A 683 -23.43 10.09 -38.68
CA ASN A 683 -23.39 11.52 -38.41
C ASN A 683 -24.78 12.10 -38.66
N SER A 684 -25.69 11.84 -37.72
CA SER A 684 -27.05 12.33 -37.80
C SER A 684 -27.16 13.71 -37.15
N ASP A 685 -28.36 14.30 -37.25
CA ASP A 685 -28.61 15.55 -36.53
C ASP A 685 -28.53 15.33 -35.03
N GLY A 686 -29.31 14.36 -34.52
CA GLY A 686 -29.35 14.11 -33.09
C GLY A 686 -28.15 13.34 -32.55
N TYR A 687 -27.44 12.61 -33.41
CA TYR A 687 -26.25 11.86 -33.02
C TYR A 687 -25.12 12.20 -33.99
N PRO A 688 -24.57 13.41 -33.92
CA PRO A 688 -23.51 13.79 -34.86
C PRO A 688 -22.15 13.24 -34.46
N ASP A 689 -21.36 12.89 -35.47
CA ASP A 689 -20.00 12.38 -35.29
C ASP A 689 -20.00 11.20 -34.32
N SER A 690 -20.94 10.27 -34.54
CA SER A 690 -21.17 9.16 -33.63
C SER A 690 -21.03 7.84 -34.38
N LEU A 691 -21.18 6.75 -33.63
CA LEU A 691 -21.08 5.39 -34.15
C LEU A 691 -22.34 4.62 -33.80
N ALA A 692 -22.71 3.71 -34.69
CA ALA A 692 -23.83 2.80 -34.47
C ALA A 692 -23.26 1.40 -34.27
N LEU A 693 -23.32 0.91 -33.04
CA LEU A 693 -22.82 -0.42 -32.69
C LEU A 693 -23.97 -1.41 -32.65
N ALA A 694 -23.73 -2.61 -33.18
CA ALA A 694 -24.72 -3.67 -33.20
C ALA A 694 -24.15 -4.92 -32.57
N ASN A 695 -24.98 -5.63 -31.80
CA ASN A 695 -24.57 -6.87 -31.17
C ASN A 695 -25.71 -7.89 -31.32
N ASN A 696 -25.62 -8.97 -30.54
CA ASN A 696 -26.56 -10.08 -30.68
C ASN A 696 -27.98 -9.70 -30.28
N SER A 697 -28.17 -8.59 -29.59
CA SER A 697 -29.48 -8.24 -29.05
C SER A 697 -29.89 -6.80 -29.24
N THR A 698 -28.97 -5.84 -29.22
CA THR A 698 -29.32 -4.43 -29.14
C THR A 698 -28.47 -3.62 -30.10
N LEU A 699 -29.07 -2.54 -30.61
CA LEU A 699 -28.36 -1.52 -31.36
C LEU A 699 -28.05 -0.37 -30.41
N THR A 700 -26.82 0.11 -30.44
CA THR A 700 -26.39 1.23 -29.62
C THR A 700 -25.84 2.34 -30.49
N ILE A 701 -26.11 3.58 -30.10
CA ILE A 701 -25.59 4.77 -30.76
C ILE A 701 -24.88 5.60 -29.72
N GLY A 702 -23.68 6.09 -30.05
CA GLY A 702 -22.97 6.94 -29.12
C GLY A 702 -21.63 7.37 -29.66
N THR A 703 -21.03 8.34 -28.97
CA THR A 703 -19.69 8.78 -29.25
C THR A 703 -18.68 7.77 -28.73
N ILE A 704 -17.41 7.99 -29.05
CA ILE A 704 -16.33 7.08 -28.68
C ILE A 704 -15.11 7.89 -28.27
N ASP A 705 -14.50 7.53 -27.15
CA ASP A 705 -13.32 8.24 -26.68
C ASP A 705 -12.17 8.11 -27.67
N GLU A 706 -11.28 9.10 -27.64
CA GLU A 706 -10.17 9.13 -28.59
C GLU A 706 -8.98 8.30 -28.13
N ILE A 707 -8.86 8.02 -26.82
CA ILE A 707 -7.72 7.32 -26.26
C ILE A 707 -8.22 6.18 -25.37
N GLN A 708 -7.29 5.30 -25.00
CA GLN A 708 -7.59 4.20 -24.08
C GLN A 708 -7.39 4.65 -22.65
N LYS A 709 -8.46 4.66 -21.84
CA LYS A 709 -8.40 5.18 -20.48
C LYS A 709 -8.96 4.17 -19.48
N LEU A 710 -8.56 4.36 -18.22
CA LEU A 710 -8.99 3.53 -17.10
C LEU A 710 -10.43 3.84 -16.68
N HIS A 711 -11.28 2.80 -16.67
CA HIS A 711 -12.71 2.92 -16.39
C HIS A 711 -13.05 2.18 -15.11
N ILE A 712 -13.73 2.86 -14.18
CA ILE A 712 -13.91 2.38 -12.81
C ILE A 712 -15.40 2.30 -12.51
N ARG A 713 -15.92 1.09 -12.33
CA ARG A 713 -17.28 0.88 -11.87
C ARG A 713 -17.29 0.70 -10.36
N THR A 714 -18.21 1.39 -9.68
CA THR A 714 -18.25 1.42 -8.23
C THR A 714 -19.43 0.61 -7.72
N VAL A 715 -19.17 -0.26 -6.76
CA VAL A 715 -20.18 -1.10 -6.13
C VAL A 715 -20.18 -0.81 -4.64
N PRO A 716 -21.13 0.00 -4.16
CA PRO A 716 -21.11 0.40 -2.75
C PRO A 716 -21.50 -0.76 -1.83
N LEU A 717 -20.68 -1.01 -0.82
CA LEU A 717 -20.93 -2.07 0.14
C LEU A 717 -21.32 -1.57 1.52
N TYR A 718 -20.94 -0.35 1.89
CA TYR A 718 -21.27 0.27 3.16
C TYR A 718 -20.76 -0.51 4.36
N GLU A 719 -19.82 -1.44 4.13
CA GLU A 719 -19.05 -2.07 5.18
C GLU A 719 -17.61 -2.18 4.68
N SER A 720 -16.71 -2.61 5.56
CA SER A 720 -15.29 -2.67 5.23
C SER A 720 -14.97 -4.02 4.59
N PRO A 721 -14.72 -4.09 3.28
CA PRO A 721 -14.28 -5.35 2.69
C PRO A 721 -12.78 -5.51 2.86
N ARG A 722 -12.36 -6.74 3.12
CA ARG A 722 -10.98 -6.96 3.52
C ARG A 722 -10.23 -7.95 2.64
N LYS A 723 -10.87 -9.01 2.17
CA LYS A 723 -10.21 -9.93 1.25
C LYS A 723 -11.18 -10.29 0.15
N ILE A 724 -10.63 -10.75 -0.97
CA ILE A 724 -11.47 -11.09 -2.12
C ILE A 724 -10.74 -12.09 -2.99
N CYS A 725 -11.49 -13.10 -3.44
CA CYS A 725 -11.01 -14.07 -4.42
C CYS A 725 -12.11 -14.29 -5.45
N TYR A 726 -11.75 -14.96 -6.54
CA TYR A 726 -12.67 -15.21 -7.64
C TYR A 726 -12.82 -16.71 -7.85
N GLN A 727 -14.04 -17.11 -8.25
CA GLN A 727 -14.39 -18.52 -8.47
C GLN A 727 -15.12 -18.60 -9.80
N GLU A 728 -14.38 -18.98 -10.85
CA GLU A 728 -14.92 -18.90 -12.21
C GLU A 728 -16.05 -19.90 -12.42
N VAL A 729 -15.96 -21.09 -11.82
CA VAL A 729 -16.97 -22.12 -12.03
C VAL A 729 -18.33 -21.70 -11.47
N SER A 730 -18.36 -20.76 -10.53
CA SER A 730 -19.61 -20.23 -10.01
C SER A 730 -19.93 -18.85 -10.56
N GLN A 731 -18.99 -18.22 -11.25
CA GLN A 731 -19.14 -16.87 -11.79
C GLN A 731 -19.56 -15.89 -10.70
N CYS A 732 -18.73 -15.82 -9.68
CA CYS A 732 -19.01 -14.95 -8.53
C CYS A 732 -17.71 -14.73 -7.75
N PHE A 733 -17.73 -13.73 -6.88
CA PHE A 733 -16.62 -13.39 -6.04
C PHE A 733 -16.91 -13.78 -4.60
N GLY A 734 -15.85 -14.13 -3.87
CA GLY A 734 -15.93 -14.29 -2.44
C GLY A 734 -15.22 -13.12 -1.77
N VAL A 735 -15.96 -12.37 -0.95
CA VAL A 735 -15.45 -11.15 -0.34
C VAL A 735 -15.57 -11.27 1.17
N LEU A 736 -14.45 -11.12 1.86
CA LEU A 736 -14.44 -11.03 3.31
C LEU A 736 -14.68 -9.59 3.73
N SER A 737 -15.64 -9.40 4.64
CA SER A 737 -16.04 -8.06 5.07
C SER A 737 -16.39 -8.10 6.55
N SER A 738 -16.36 -6.92 7.16
CA SER A 738 -16.66 -6.78 8.59
C SER A 738 -17.42 -5.49 8.81
N ARG A 739 -18.61 -5.59 9.40
CA ARG A 739 -19.40 -4.43 9.78
C ARG A 739 -19.32 -4.21 11.28
N ILE A 740 -19.67 -2.99 11.70
CA ILE A 740 -19.59 -2.58 13.10
C ILE A 740 -20.99 -2.52 13.67
N GLU A 741 -21.18 -3.10 14.86
CA GLU A 741 -22.45 -3.12 15.53
C GLU A 741 -22.31 -2.65 16.97
N VAL A 742 -23.37 -2.03 17.48
CA VAL A 742 -23.38 -1.50 18.85
C VAL A 742 -23.76 -2.61 19.83
N GLN A 743 -23.52 -2.38 21.12
CA GLN A 743 -23.80 -3.41 22.12
C GLN A 743 -25.29 -3.72 22.24
N ASP A 744 -26.17 -2.73 21.98
CA ASP A 744 -27.64 -2.91 22.07
C ASP A 744 -28.00 -3.59 23.39
N THR A 745 -28.79 -4.66 23.37
CA THR A 745 -29.21 -5.41 24.53
C THR A 745 -29.24 -6.89 24.17
N THR A 749 -26.79 -7.48 17.45
CA THR A 749 -27.76 -7.57 16.37
C THR A 749 -28.15 -6.16 15.92
N THR A 750 -27.63 -5.15 16.60
CA THR A 750 -27.94 -3.76 16.28
C THR A 750 -26.83 -3.15 15.45
N ALA A 751 -27.05 -3.12 14.15
CA ALA A 751 -26.15 -2.47 13.23
C ALA A 751 -26.33 -0.96 13.28
N LEU A 752 -25.42 -0.26 12.62
CA LEU A 752 -25.46 1.19 12.54
C LEU A 752 -26.14 1.69 11.27
N ARG A 753 -26.19 0.86 10.24
CA ARG A 753 -26.66 1.21 8.91
C ARG A 753 -26.80 -0.07 8.11
N PRO A 754 -27.86 -0.22 7.30
CA PRO A 754 -28.00 -1.45 6.51
C PRO A 754 -26.87 -1.56 5.49
N SER A 755 -26.17 -2.68 5.54
CA SER A 755 -24.96 -2.87 4.74
C SER A 755 -25.14 -4.10 3.84
N ALA A 756 -24.04 -4.53 3.22
CA ALA A 756 -24.09 -5.66 2.31
C ALA A 756 -24.31 -6.97 3.05
N SER A 757 -23.71 -7.10 4.25
CA SER A 757 -23.89 -8.32 5.04
C SER A 757 -25.31 -8.47 5.56
N THR A 758 -26.07 -7.38 5.63
CA THR A 758 -27.44 -7.40 6.12
C THR A 758 -28.47 -7.33 5.00
N GLN A 759 -28.07 -6.96 3.79
CA GLN A 759 -29.00 -6.92 2.66
C GLN A 759 -28.62 -7.99 1.63
N ALA A 760 -28.39 -9.21 2.09
CA ALA A 760 -28.12 -10.33 1.22
C ALA A 760 -29.42 -11.02 0.82
N LEU A 761 -29.37 -11.78 -0.27
CA LEU A 761 -30.54 -12.51 -0.73
C LEU A 761 -30.83 -13.72 0.14
N SER A 762 -29.78 -14.41 0.58
CA SER A 762 -29.90 -15.55 1.48
C SER A 762 -28.77 -15.48 2.51
N SER A 763 -29.11 -15.55 3.79
CA SER A 763 -28.16 -15.37 4.87
C SER A 763 -28.08 -16.62 5.73
N SER A 764 -26.86 -16.98 6.12
CA SER A 764 -26.62 -18.13 6.98
C SER A 764 -25.70 -17.71 8.13
N VAL A 765 -25.67 -18.54 9.16
CA VAL A 765 -24.86 -18.28 10.35
C VAL A 765 -24.04 -19.53 10.65
N SER A 766 -22.82 -19.31 11.16
CA SER A 766 -21.83 -20.37 11.33
C SER A 766 -22.37 -21.58 12.08
N SER A 767 -22.65 -21.42 13.37
CA SER A 767 -23.15 -22.50 14.23
C SER A 767 -22.23 -23.73 14.13
N SER A 768 -21.08 -23.58 14.77
CA SER A 768 -20.02 -24.57 14.69
C SER A 768 -20.07 -25.51 15.89
N LYS A 769 -19.19 -26.51 15.88
CA LYS A 769 -19.07 -27.47 16.98
C LYS A 769 -17.92 -27.16 17.91
N LEU A 770 -16.83 -26.60 17.41
CA LEU A 770 -15.66 -26.30 18.23
C LEU A 770 -15.91 -25.05 19.07
N PHE A 771 -15.01 -24.83 20.03
CA PHE A 771 -15.03 -23.65 20.89
C PHE A 771 -16.32 -23.53 21.70
N GLU A 784 -20.58 0.24 23.26
CA GLU A 784 -19.31 -0.31 22.79
C GLU A 784 -19.48 -1.01 21.46
N GLU A 785 -18.52 -0.82 20.55
CA GLU A 785 -18.58 -1.42 19.23
C GLU A 785 -18.17 -2.89 19.29
N VAL A 786 -18.48 -3.61 18.23
CA VAL A 786 -18.04 -4.99 18.05
C VAL A 786 -17.95 -5.25 16.54
N GLU A 787 -16.90 -5.98 16.15
CA GLU A 787 -16.67 -6.29 14.74
C GLU A 787 -17.31 -7.63 14.39
N VAL A 788 -18.14 -7.62 13.35
CA VAL A 788 -18.86 -8.81 12.91
C VAL A 788 -18.43 -9.13 11.48
N HIS A 789 -17.85 -10.31 11.28
CA HIS A 789 -17.26 -10.69 10.01
C HIS A 789 -18.17 -11.61 9.22
N ASN A 790 -18.25 -11.37 7.92
CA ASN A 790 -19.08 -12.16 7.02
C ASN A 790 -18.28 -12.55 5.79
N LEU A 791 -18.77 -13.56 5.09
CA LEU A 791 -18.27 -13.95 3.77
C LEU A 791 -19.34 -13.61 2.75
N LEU A 792 -19.07 -12.63 1.91
CA LEU A 792 -20.03 -12.17 0.91
C LEU A 792 -19.84 -12.91 -0.40
N ILE A 793 -20.92 -13.48 -0.91
CA ILE A 793 -20.94 -14.12 -2.22
C ILE A 793 -21.59 -13.14 -3.18
N ILE A 794 -20.81 -12.60 -4.11
CA ILE A 794 -21.21 -11.49 -4.96
C ILE A 794 -21.18 -11.93 -6.41
N ASP A 795 -22.29 -11.74 -7.12
CA ASP A 795 -22.36 -12.12 -8.52
C ASP A 795 -21.34 -11.32 -9.34
N GLN A 796 -20.76 -11.98 -10.34
CA GLN A 796 -19.75 -11.33 -11.18
C GLN A 796 -20.37 -10.40 -12.21
N HIS A 797 -21.63 -10.61 -12.58
CA HIS A 797 -22.30 -9.82 -13.60
C HIS A 797 -23.09 -8.66 -13.01
N THR A 798 -23.92 -8.95 -12.00
CA THR A 798 -24.77 -7.94 -11.39
C THR A 798 -24.17 -7.30 -10.14
N PHE A 799 -23.21 -7.96 -9.51
CA PHE A 799 -22.65 -7.53 -8.24
C PHE A 799 -23.73 -7.42 -7.15
N GLU A 800 -24.77 -8.24 -7.31
CA GLU A 800 -25.71 -8.51 -6.24
C GLU A 800 -24.98 -9.15 -5.07
N VAL A 801 -25.56 -9.00 -3.87
CA VAL A 801 -25.08 -9.72 -2.69
C VAL A 801 -25.90 -11.01 -2.63
N LEU A 802 -25.35 -12.07 -3.21
CA LEU A 802 -26.10 -13.32 -3.39
C LEU A 802 -26.22 -14.12 -2.10
N HIS A 803 -25.20 -14.09 -1.24
CA HIS A 803 -25.23 -14.79 0.02
C HIS A 803 -24.25 -14.13 0.97
N ALA A 804 -24.53 -14.25 2.27
CA ALA A 804 -23.67 -13.66 3.29
C ALA A 804 -23.68 -14.57 4.52
N HIS A 805 -22.65 -15.38 4.66
CA HIS A 805 -22.49 -16.27 5.81
C HIS A 805 -21.78 -15.52 6.92
N GLN A 806 -22.48 -15.26 8.02
CA GLN A 806 -21.88 -14.60 9.16
C GLN A 806 -21.13 -15.62 10.02
N PHE A 807 -19.90 -15.27 10.42
CA PHE A 807 -19.06 -16.18 11.19
C PHE A 807 -19.45 -16.10 12.67
N LEU A 808 -18.66 -16.78 13.50
CA LEU A 808 -18.97 -16.88 14.93
C LEU A 808 -18.72 -15.55 15.63
N GLN A 809 -19.20 -15.46 16.87
CA GLN A 809 -18.99 -14.28 17.67
C GLN A 809 -17.52 -14.15 18.07
N ASN A 810 -16.99 -12.94 17.96
CA ASN A 810 -15.58 -12.64 18.22
C ASN A 810 -14.63 -13.43 17.32
N GLU A 811 -15.14 -13.96 16.21
CA GLU A 811 -14.30 -14.65 15.22
C GLU A 811 -13.89 -13.63 14.16
N TYR A 812 -12.59 -13.50 13.94
CA TYR A 812 -12.04 -12.56 12.97
C TYR A 812 -11.57 -13.35 11.75
N ALA A 813 -12.20 -13.09 10.60
CA ALA A 813 -11.81 -13.75 9.36
C ALA A 813 -10.54 -13.11 8.81
N LEU A 814 -9.55 -13.92 8.50
CA LEU A 814 -8.21 -13.43 8.17
C LEU A 814 -7.76 -13.73 6.75
N SER A 815 -8.01 -14.94 6.25
CA SER A 815 -7.53 -15.33 4.93
C SER A 815 -8.64 -16.05 4.17
N LEU A 816 -8.63 -15.87 2.85
CA LEU A 816 -9.67 -16.41 1.99
C LEU A 816 -9.06 -16.77 0.65
N VAL A 817 -9.40 -17.97 0.15
CA VAL A 817 -8.87 -18.45 -1.12
C VAL A 817 -9.91 -19.35 -1.77
N SER A 818 -9.97 -19.29 -3.11
CA SER A 818 -10.76 -20.22 -3.90
C SER A 818 -9.81 -21.15 -4.65
N CYS A 819 -10.16 -22.44 -4.67
CA CYS A 819 -9.30 -23.46 -5.24
C CYS A 819 -10.05 -24.78 -5.25
N LYS A 820 -9.48 -25.75 -5.97
CA LYS A 820 -9.91 -27.14 -5.92
C LYS A 820 -8.85 -27.96 -5.19
N LEU A 821 -9.28 -28.90 -4.36
CA LEU A 821 -8.39 -29.67 -3.51
C LEU A 821 -8.54 -31.16 -3.79
N GLY A 822 -7.42 -31.87 -3.65
CA GLY A 822 -7.41 -33.31 -3.82
C GLY A 822 -7.90 -33.72 -5.19
N LYS A 823 -8.64 -34.83 -5.24
CA LYS A 823 -9.32 -35.27 -6.44
C LYS A 823 -10.76 -34.77 -6.49
N ASP A 824 -11.15 -33.91 -5.56
CA ASP A 824 -12.50 -33.36 -5.52
C ASP A 824 -12.69 -32.37 -6.66
N PRO A 825 -13.64 -32.60 -7.57
CA PRO A 825 -13.79 -31.68 -8.72
C PRO A 825 -14.47 -30.37 -8.36
N ASN A 826 -15.14 -30.27 -7.23
CA ASN A 826 -15.79 -29.03 -6.85
C ASN A 826 -14.76 -27.97 -6.50
N THR A 827 -15.14 -26.71 -6.72
CA THR A 827 -14.33 -25.56 -6.31
C THR A 827 -14.91 -25.01 -5.02
N TYR A 828 -14.08 -24.92 -3.99
CA TYR A 828 -14.52 -24.56 -2.65
C TYR A 828 -13.98 -23.19 -2.25
N PHE A 829 -14.79 -22.47 -1.47
CA PHE A 829 -14.33 -21.29 -0.74
C PHE A 829 -13.79 -21.74 0.60
N ILE A 830 -12.51 -21.46 0.86
CA ILE A 830 -11.87 -21.80 2.12
C ILE A 830 -11.51 -20.50 2.83
N VAL A 831 -11.85 -20.42 4.11
CA VAL A 831 -11.66 -19.21 4.91
C VAL A 831 -10.87 -19.57 6.15
N GLY A 832 -9.88 -18.74 6.47
CA GLY A 832 -9.07 -18.90 7.67
C GLY A 832 -9.37 -17.80 8.67
N THR A 833 -9.70 -18.21 9.89
CA THR A 833 -10.19 -17.31 10.92
C THR A 833 -9.30 -17.36 12.15
N ALA A 834 -9.70 -16.61 13.17
CA ALA A 834 -8.93 -16.51 14.42
C ALA A 834 -9.85 -15.98 15.50
N MET A 835 -10.06 -16.77 16.55
CA MET A 835 -10.86 -16.32 17.70
C MET A 835 -10.11 -15.21 18.43
N VAL A 836 -10.65 -14.00 18.37
CA VAL A 836 -10.01 -12.82 18.94
C VAL A 836 -10.74 -12.49 20.24
N TYR A 837 -10.17 -12.89 21.32
CA TYR A 837 -10.76 -12.39 22.56
C TYR A 837 -9.91 -11.24 23.09
N PRO A 838 -10.54 -10.26 23.76
CA PRO A 838 -9.76 -9.12 24.24
C PRO A 838 -8.73 -9.50 25.30
N GLU A 839 -8.99 -10.56 26.06
CA GLU A 839 -8.11 -10.92 27.16
C GLU A 839 -6.87 -11.68 26.68
N GLU A 840 -6.95 -12.35 25.54
CA GLU A 840 -5.82 -13.09 24.98
C GLU A 840 -5.03 -12.18 24.05
N ALA A 841 -3.78 -11.88 24.42
CA ALA A 841 -2.95 -11.02 23.59
C ALA A 841 -2.64 -11.69 22.25
N GLU A 842 -2.08 -12.90 22.29
CA GLU A 842 -1.85 -13.66 21.06
C GLU A 842 -2.95 -14.70 20.91
N PRO A 843 -3.61 -14.76 19.75
CA PRO A 843 -4.76 -15.67 19.62
C PRO A 843 -4.33 -17.13 19.69
N LYS A 844 -5.18 -17.95 20.30
CA LYS A 844 -4.84 -19.33 20.61
C LYS A 844 -5.73 -20.37 19.94
N GLN A 845 -6.68 -19.96 19.11
CA GLN A 845 -7.54 -20.94 18.45
C GLN A 845 -8.17 -20.32 17.21
N GLY A 846 -8.44 -21.17 16.21
CA GLY A 846 -9.01 -20.71 14.96
C GLY A 846 -9.67 -21.84 14.21
N ARG A 847 -10.16 -21.51 13.01
CA ARG A 847 -10.85 -22.44 12.14
C ARG A 847 -10.22 -22.45 10.76
N ILE A 848 -10.47 -23.52 10.02
CA ILE A 848 -10.28 -23.57 8.58
C ILE A 848 -11.57 -24.13 8.01
N VAL A 849 -12.45 -23.25 7.52
CA VAL A 849 -13.79 -23.63 7.09
C VAL A 849 -13.79 -23.72 5.57
N VAL A 850 -14.29 -24.84 5.05
CA VAL A 850 -14.35 -25.08 3.62
C VAL A 850 -15.81 -24.98 3.20
N PHE A 851 -16.13 -23.92 2.47
CA PHE A 851 -17.48 -23.68 2.00
C PHE A 851 -17.65 -24.18 0.58
N GLN A 852 -18.89 -24.43 0.19
CA GLN A 852 -19.20 -24.77 -1.18
C GLN A 852 -20.44 -24.00 -1.57
N TYR A 853 -20.37 -23.33 -2.72
CA TYR A 853 -21.50 -22.56 -3.21
C TYR A 853 -22.05 -23.27 -4.43
N SER A 854 -23.20 -23.91 -4.26
CA SER A 854 -23.92 -24.54 -5.33
C SER A 854 -25.35 -24.07 -5.27
N ASP A 855 -26.04 -24.13 -6.39
CA ASP A 855 -27.43 -23.67 -6.46
C ASP A 855 -27.39 -22.19 -6.05
N GLY A 856 -28.27 -21.74 -5.16
CA GLY A 856 -28.17 -20.42 -4.59
C GLY A 856 -27.64 -20.41 -3.18
N LYS A 857 -27.05 -21.50 -2.70
CA LYS A 857 -26.71 -21.59 -1.28
C LYS A 857 -25.27 -21.99 -1.06
N LEU A 858 -24.77 -21.50 0.05
CA LEU A 858 -23.43 -21.74 0.55
C LEU A 858 -23.52 -22.74 1.70
N GLN A 859 -22.89 -23.90 1.54
CA GLN A 859 -22.95 -24.96 2.54
C GLN A 859 -21.59 -25.15 3.19
N THR A 860 -21.60 -25.29 4.51
CA THR A 860 -20.38 -25.62 5.24
C THR A 860 -20.03 -27.08 5.03
N VAL A 861 -18.89 -27.34 4.39
CA VAL A 861 -18.53 -28.70 3.99
C VAL A 861 -17.65 -29.37 5.04
N ALA A 862 -16.71 -28.63 5.63
CA ALA A 862 -15.83 -29.22 6.62
C ALA A 862 -15.17 -28.12 7.44
N GLU A 863 -15.18 -28.27 8.76
CA GLU A 863 -14.38 -27.43 9.64
C GLU A 863 -13.04 -28.10 9.92
N LYS A 864 -12.18 -27.38 10.66
CA LYS A 864 -10.91 -27.96 11.10
C LYS A 864 -10.38 -27.04 12.21
N GLU A 865 -10.60 -27.43 13.46
CA GLU A 865 -10.17 -26.60 14.58
C GLU A 865 -8.64 -26.52 14.60
N VAL A 866 -8.15 -25.33 14.92
CA VAL A 866 -6.73 -25.02 14.81
C VAL A 866 -6.33 -24.17 16.01
N LYS A 867 -5.22 -24.52 16.65
CA LYS A 867 -4.76 -23.82 17.85
C LYS A 867 -3.93 -22.58 17.48
N GLY A 868 -4.57 -21.66 16.77
CA GLY A 868 -3.92 -20.43 16.39
C GLY A 868 -4.68 -19.71 15.30
N ALA A 869 -4.08 -18.61 14.86
CA ALA A 869 -4.66 -17.75 13.84
C ALA A 869 -4.23 -18.22 12.45
N VAL A 870 -5.19 -18.36 11.55
CA VAL A 870 -4.89 -18.75 10.16
C VAL A 870 -4.64 -17.45 9.41
N TYR A 871 -3.40 -16.95 9.54
CA TYR A 871 -3.06 -15.64 8.98
C TYR A 871 -3.14 -15.65 7.46
N SER A 872 -2.62 -16.70 6.82
CA SER A 872 -2.60 -16.79 5.37
C SER A 872 -2.92 -18.21 4.93
N MET A 873 -3.53 -18.32 3.75
CA MET A 873 -3.76 -19.59 3.09
C MET A 873 -3.52 -19.42 1.60
N VAL A 874 -2.75 -20.33 1.02
CA VAL A 874 -2.61 -20.42 -0.43
C VAL A 874 -2.72 -21.89 -0.81
N GLU A 875 -3.32 -22.15 -1.97
CA GLU A 875 -3.37 -23.51 -2.50
C GLU A 875 -1.97 -23.97 -2.86
N PHE A 876 -1.68 -25.24 -2.60
CA PHE A 876 -0.36 -25.82 -2.86
C PHE A 876 -0.52 -27.16 -3.58
N ASN A 877 -0.64 -27.10 -4.91
CA ASN A 877 -0.57 -28.27 -5.78
C ASN A 877 -1.56 -29.35 -5.34
N GLY A 878 -2.83 -28.97 -5.25
CA GLY A 878 -3.86 -29.87 -4.80
C GLY A 878 -3.99 -29.99 -3.30
N LYS A 879 -3.03 -29.50 -2.53
CA LYS A 879 -3.10 -29.46 -1.08
C LYS A 879 -3.27 -28.03 -0.61
N LEU A 880 -3.58 -27.87 0.67
CA LEU A 880 -3.81 -26.56 1.26
C LEU A 880 -2.64 -26.20 2.17
N LEU A 881 -1.95 -25.11 1.85
CA LEU A 881 -0.86 -24.60 2.66
C LEU A 881 -1.41 -23.47 3.51
N ALA A 882 -1.63 -23.74 4.79
CA ALA A 882 -2.14 -22.75 5.73
C ALA A 882 -1.08 -22.42 6.76
N SER A 883 -0.94 -21.12 7.03
CA SER A 883 -0.07 -20.66 8.09
C SER A 883 -0.88 -20.53 9.37
N ILE A 884 -0.25 -20.89 10.49
CA ILE A 884 -0.93 -20.88 11.78
C ILE A 884 0.08 -20.33 12.76
N ASN A 885 -0.12 -19.07 13.17
CA ASN A 885 0.83 -18.44 14.10
C ASN A 885 2.23 -18.58 13.51
N SER A 886 3.12 -19.26 14.22
CA SER A 886 4.48 -19.46 13.74
C SER A 886 4.63 -20.74 12.91
N THR A 887 3.54 -21.46 12.66
CA THR A 887 3.59 -22.75 11.99
C THR A 887 3.06 -22.63 10.57
N VAL A 888 3.65 -23.43 9.67
CA VAL A 888 3.17 -23.57 8.31
C VAL A 888 2.73 -25.02 8.13
N ARG A 889 1.44 -25.22 7.92
CA ARG A 889 0.85 -26.55 7.82
C ARG A 889 0.49 -26.88 6.38
N LEU A 890 0.53 -28.17 6.06
CA LEU A 890 0.13 -28.68 4.74
C LEU A 890 -0.94 -29.74 4.94
N TYR A 891 -2.18 -29.39 4.65
CA TYR A 891 -3.31 -30.30 4.78
C TYR A 891 -3.56 -31.05 3.48
N GLU A 892 -4.22 -32.21 3.60
CA GLU A 892 -4.63 -33.01 2.46
C GLU A 892 -6.16 -33.14 2.47
N TRP A 893 -6.72 -33.29 1.27
CA TRP A 893 -8.17 -33.39 1.09
C TRP A 893 -8.52 -34.83 0.78
N THR A 894 -9.14 -35.51 1.74
CA THR A 894 -9.39 -36.94 1.65
C THR A 894 -10.72 -37.23 0.94
N THR A 895 -10.93 -38.52 0.64
CA THR A 895 -12.18 -38.95 0.02
C THR A 895 -13.36 -38.77 0.97
N GLU A 896 -13.11 -38.86 2.28
CA GLU A 896 -14.14 -38.58 3.26
C GLU A 896 -14.53 -37.11 3.30
N LYS A 897 -13.93 -36.29 2.44
CA LYS A 897 -14.22 -34.87 2.31
C LYS A 897 -13.78 -34.13 3.58
N GLU A 898 -12.54 -34.37 4.00
CA GLU A 898 -11.98 -33.81 5.22
C GLU A 898 -10.59 -33.26 4.94
N LEU A 899 -10.01 -32.62 5.95
CA LEU A 899 -8.66 -32.08 5.89
C LEU A 899 -7.76 -32.90 6.80
N ARG A 900 -6.87 -33.68 6.19
CA ARG A 900 -5.89 -34.49 6.93
C ARG A 900 -4.51 -33.84 6.81
N THR A 901 -3.77 -33.88 7.91
CA THR A 901 -2.46 -33.24 8.01
C THR A 901 -1.36 -34.25 7.69
N GLU A 902 -0.52 -33.92 6.71
CA GLU A 902 0.61 -34.76 6.37
C GLU A 902 1.96 -34.11 6.65
N CYS A 903 2.00 -32.83 7.00
CA CYS A 903 3.28 -32.17 7.18
C CYS A 903 3.12 -30.94 8.06
N ASN A 904 4.24 -30.50 8.63
CA ASN A 904 4.27 -29.38 9.57
C ASN A 904 5.69 -28.80 9.59
N HIS A 905 5.78 -27.51 9.85
CA HIS A 905 7.06 -26.82 9.93
C HIS A 905 6.94 -25.62 10.85
N TYR A 906 7.90 -25.47 11.77
CA TYR A 906 7.88 -24.42 12.77
C TYR A 906 9.01 -23.42 12.49
N ASN A 907 8.73 -22.15 12.79
CA ASN A 907 9.64 -21.06 12.48
C ASN A 907 9.78 -20.14 13.68
N ASN A 908 10.89 -19.40 13.71
CA ASN A 908 11.10 -18.39 14.73
C ASN A 908 10.46 -17.05 14.36
N ILE A 909 9.63 -17.02 13.31
CA ILE A 909 8.90 -15.82 12.92
C ILE A 909 7.44 -16.20 12.72
N MET A 910 6.61 -15.16 12.57
CA MET A 910 5.17 -15.31 12.43
C MET A 910 4.82 -15.39 10.95
N ALA A 911 4.37 -16.57 10.51
CA ALA A 911 4.09 -16.80 9.09
C ALA A 911 2.89 -15.95 8.66
N LEU A 912 3.16 -14.67 8.43
CA LEU A 912 2.10 -13.74 8.02
C LEU A 912 1.84 -13.84 6.53
N TYR A 913 2.88 -13.79 5.71
CA TYR A 913 2.76 -13.80 4.26
C TYR A 913 3.00 -15.21 3.73
N LEU A 914 2.13 -15.66 2.83
CA LEU A 914 2.30 -16.92 2.14
C LEU A 914 2.12 -16.69 0.64
N LYS A 915 3.17 -16.97 -0.12
CA LYS A 915 3.13 -16.97 -1.58
C LYS A 915 3.91 -18.18 -2.05
N THR A 916 3.40 -18.88 -3.06
CA THR A 916 4.04 -20.10 -3.54
C THR A 916 4.16 -20.09 -5.06
N LYS A 917 4.98 -21.03 -5.55
CA LYS A 917 5.14 -21.27 -6.98
C LYS A 917 5.74 -22.66 -7.13
N GLY A 918 4.95 -23.61 -7.61
CA GLY A 918 5.41 -24.98 -7.74
C GLY A 918 5.66 -25.63 -6.40
N ASP A 919 6.92 -25.67 -5.97
CA ASP A 919 7.28 -26.23 -4.68
C ASP A 919 8.02 -25.27 -3.77
N PHE A 920 8.41 -24.10 -4.25
CA PHE A 920 8.95 -23.06 -3.39
C PHE A 920 7.83 -22.38 -2.61
N ILE A 921 8.17 -21.88 -1.43
CA ILE A 921 7.20 -21.23 -0.55
C ILE A 921 7.87 -20.00 0.07
N LEU A 922 7.22 -18.85 -0.05
CA LEU A 922 7.72 -17.60 0.52
C LEU A 922 6.95 -17.30 1.80
N VAL A 923 7.67 -17.17 2.91
CA VAL A 923 7.09 -16.92 4.23
C VAL A 923 7.71 -15.66 4.80
N GLY A 924 6.89 -14.81 5.41
CA GLY A 924 7.38 -13.59 6.00
C GLY A 924 6.45 -13.09 7.09
N ASP A 925 7.03 -12.29 7.99
CA ASP A 925 6.30 -11.64 9.06
C ASP A 925 6.34 -10.13 8.86
N LEU A 926 5.66 -9.41 9.75
CA LEU A 926 5.59 -7.96 9.68
C LEU A 926 6.95 -7.29 9.93
N MET A 927 7.97 -8.09 10.26
CA MET A 927 9.30 -7.57 10.58
C MET A 927 10.29 -7.74 9.42
N ARG A 928 9.80 -7.91 8.20
CA ARG A 928 10.62 -7.93 6.99
C ARG A 928 11.52 -9.16 6.92
N SER A 929 11.59 -9.92 8.01
CA SER A 929 12.34 -11.17 8.01
C SER A 929 11.62 -12.20 7.14
N VAL A 930 12.32 -12.72 6.13
CA VAL A 930 11.71 -13.62 5.16
C VAL A 930 12.39 -14.98 5.24
N LEU A 931 11.61 -16.02 4.93
CA LEU A 931 12.09 -17.39 4.85
C LEU A 931 11.67 -17.99 3.51
N LEU A 932 12.50 -18.87 2.97
CA LEU A 932 12.22 -19.57 1.73
C LEU A 932 12.22 -21.06 2.00
N LEU A 933 11.06 -21.70 1.86
CA LEU A 933 10.90 -23.12 2.10
C LEU A 933 10.71 -23.86 0.80
N ALA A 934 10.88 -25.18 0.86
CA ALA A 934 10.64 -26.06 -0.27
C ALA A 934 10.09 -27.38 0.24
N TYR A 935 9.02 -27.86 -0.38
CA TYR A 935 8.45 -29.15 -0.03
C TYR A 935 9.31 -30.24 -0.65
N LYS A 936 9.95 -31.05 0.19
CA LYS A 936 10.70 -32.20 -0.29
C LYS A 936 9.77 -33.41 -0.31
N PRO A 937 9.28 -33.82 -1.49
CA PRO A 937 8.19 -34.80 -1.53
C PRO A 937 8.58 -36.19 -1.05
N MET A 938 9.82 -36.62 -1.28
CA MET A 938 10.23 -37.95 -0.84
C MET A 938 10.39 -38.06 0.67
N GLU A 939 10.09 -37.00 1.43
CA GLU A 939 10.26 -37.01 2.86
C GLU A 939 9.05 -36.51 3.64
N GLY A 940 8.03 -35.97 2.97
CA GLY A 940 6.87 -35.41 3.66
C GLY A 940 7.29 -34.40 4.70
N ASN A 941 8.01 -33.37 4.27
CA ASN A 941 8.75 -32.51 5.17
C ASN A 941 9.18 -31.27 4.40
N PHE A 942 9.50 -30.21 5.13
CA PHE A 942 9.97 -28.96 4.54
C PHE A 942 11.45 -28.76 4.82
N GLU A 943 12.14 -28.15 3.85
CA GLU A 943 13.55 -27.79 3.98
C GLU A 943 13.67 -26.28 3.80
N GLU A 944 14.44 -25.65 4.68
CA GLU A 944 14.65 -24.20 4.61
C GLU A 944 15.76 -23.92 3.61
N ILE A 945 15.39 -23.34 2.47
CA ILE A 945 16.35 -23.10 1.39
C ILE A 945 17.19 -21.87 1.68
N ALA A 946 16.54 -20.76 2.04
CA ALA A 946 17.24 -19.50 2.26
C ALA A 946 16.56 -18.75 3.39
N ARG A 947 17.08 -17.55 3.67
CA ARG A 947 16.69 -16.77 4.83
C ARG A 947 17.37 -15.41 4.77
N ASP A 948 16.62 -14.34 5.05
CA ASP A 948 17.19 -13.00 5.10
C ASP A 948 16.43 -12.17 6.12
N PHE A 949 17.14 -11.66 7.12
CA PHE A 949 16.55 -10.93 8.24
C PHE A 949 17.14 -9.52 8.26
N ASN A 950 16.34 -8.53 7.86
CA ASN A 950 16.74 -7.13 7.85
C ASN A 950 15.63 -6.31 8.52
N PRO A 951 15.62 -6.28 9.86
CA PRO A 951 14.41 -5.85 10.59
C PRO A 951 13.86 -4.49 10.20
N ASN A 952 12.63 -4.50 9.67
CA ASN A 952 11.90 -3.30 9.30
C ASN A 952 10.43 -3.70 9.12
N TRP A 953 9.57 -2.70 8.98
CA TRP A 953 8.15 -2.97 8.82
C TRP A 953 7.85 -3.32 7.36
N MET A 954 7.23 -4.47 7.14
CA MET A 954 6.94 -4.97 5.80
C MET A 954 5.44 -5.20 5.66
N SER A 955 4.89 -4.76 4.52
CA SER A 955 3.45 -4.74 4.32
C SER A 955 2.93 -5.76 3.32
N ALA A 956 3.74 -6.14 2.32
CA ALA A 956 3.30 -7.12 1.33
C ALA A 956 4.52 -7.70 0.63
N VAL A 957 4.40 -8.96 0.22
CA VAL A 957 5.44 -9.65 -0.54
C VAL A 957 4.82 -10.32 -1.75
N GLU A 958 5.69 -10.81 -2.64
CA GLU A 958 5.28 -11.56 -3.81
C GLU A 958 6.51 -12.27 -4.36
N ILE A 959 6.26 -13.27 -5.21
CA ILE A 959 7.33 -13.99 -5.90
C ILE A 959 7.31 -13.56 -7.36
N LEU A 960 8.41 -12.98 -7.83
CA LEU A 960 8.52 -12.63 -9.24
C LEU A 960 8.79 -13.87 -10.09
N ASP A 961 9.81 -14.63 -9.74
CA ASP A 961 10.13 -15.89 -10.41
C ASP A 961 10.78 -16.82 -9.40
N ASP A 962 11.30 -17.94 -9.88
CA ASP A 962 11.93 -18.93 -9.00
C ASP A 962 13.13 -18.37 -8.25
N ASP A 963 13.65 -17.20 -8.63
CA ASP A 963 14.86 -16.65 -8.02
C ASP A 963 14.64 -15.34 -7.28
N ASN A 964 13.61 -14.57 -7.58
CA ASN A 964 13.45 -13.22 -7.06
C ASN A 964 12.14 -13.07 -6.31
N PHE A 965 12.16 -12.22 -5.28
CA PHE A 965 11.01 -11.98 -4.43
C PHE A 965 10.87 -10.48 -4.22
N LEU A 966 9.66 -9.96 -4.41
CA LEU A 966 9.37 -8.54 -4.26
C LEU A 966 8.66 -8.28 -2.94
N GLY A 967 8.95 -7.14 -2.32
CA GLY A 967 8.30 -6.77 -1.09
C GLY A 967 8.30 -5.28 -0.89
N ALA A 968 7.40 -4.82 -0.03
CA ALA A 968 7.31 -3.41 0.35
C ALA A 968 7.60 -3.28 1.83
N GLU A 969 8.59 -2.45 2.16
CA GLU A 969 8.97 -2.23 3.56
C GLU A 969 8.75 -0.77 3.95
N ASN A 970 9.21 -0.42 5.15
CA ASN A 970 8.82 0.84 5.77
C ASN A 970 9.40 2.04 5.03
N ALA A 971 8.70 3.17 5.17
CA ALA A 971 9.02 4.43 4.50
C ALA A 971 8.79 4.34 2.99
N PHE A 972 7.70 3.68 2.62
CA PHE A 972 7.19 3.67 1.24
C PHE A 972 8.26 3.21 0.25
N ASN A 973 8.75 1.99 0.46
CA ASN A 973 9.83 1.45 -0.33
C ASN A 973 9.44 0.09 -0.90
N LEU A 974 10.14 -0.30 -1.96
CA LEU A 974 10.08 -1.66 -2.50
C LEU A 974 11.47 -2.26 -2.47
N PHE A 975 11.55 -3.57 -2.22
CA PHE A 975 12.82 -4.27 -2.21
C PHE A 975 12.68 -5.59 -2.96
N VAL A 976 13.80 -6.05 -3.52
CA VAL A 976 13.86 -7.32 -4.23
C VAL A 976 15.03 -8.11 -3.67
N CYS A 977 14.79 -9.39 -3.36
CA CYS A 977 15.80 -10.28 -2.82
C CYS A 977 16.00 -11.45 -3.76
N GLN A 978 17.25 -11.74 -4.11
CA GLN A 978 17.60 -12.79 -5.05
C GLN A 978 18.23 -13.97 -4.32
N LYS A 979 18.21 -15.13 -4.98
CA LYS A 979 18.65 -16.37 -4.34
C LYS A 979 20.18 -16.51 -4.40
N ASP A 980 20.73 -16.72 -5.58
CA ASP A 980 22.17 -16.88 -5.74
C ASP A 980 22.87 -15.56 -5.43
N GLU A 987 26.55 -25.65 0.80
CA GLU A 987 26.92 -24.29 0.45
C GLU A 987 26.24 -23.28 1.37
N GLU A 988 26.94 -22.20 1.70
CA GLU A 988 26.42 -21.17 2.58
C GLU A 988 25.67 -20.07 1.83
N ARG A 989 25.23 -20.34 0.59
CA ARG A 989 24.46 -19.38 -0.16
C ARG A 989 22.97 -19.48 0.16
N GLN A 990 22.66 -19.91 1.39
CA GLN A 990 21.31 -19.85 1.95
C GLN A 990 20.95 -18.47 2.48
N HIS A 991 21.70 -17.46 2.06
CA HIS A 991 21.46 -16.06 2.42
C HIS A 991 21.12 -15.28 1.16
N LEU A 992 20.12 -14.41 1.26
CA LEU A 992 19.58 -13.72 0.10
C LEU A 992 20.25 -12.37 -0.11
N GLN A 993 20.53 -12.04 -1.37
CA GLN A 993 21.13 -10.77 -1.73
C GLN A 993 20.04 -9.74 -2.00
N GLU A 994 20.24 -8.53 -1.48
CA GLU A 994 19.32 -7.42 -1.68
C GLU A 994 19.71 -6.74 -3.00
N VAL A 995 18.99 -7.07 -4.06
CA VAL A 995 19.33 -6.57 -5.39
C VAL A 995 18.50 -5.37 -5.83
N GLY A 996 17.35 -5.13 -5.20
CA GLY A 996 16.50 -4.03 -5.60
C GLY A 996 16.04 -3.18 -4.45
N LEU A 997 16.19 -1.86 -4.57
CA LEU A 997 15.68 -0.90 -3.60
C LEU A 997 15.10 0.29 -4.36
N PHE A 998 13.95 0.77 -3.91
CA PHE A 998 13.25 1.82 -4.66
C PHE A 998 12.24 2.49 -3.75
N HIS A 999 12.31 3.82 -3.68
CA HIS A 999 11.33 4.60 -2.92
C HIS A 999 10.12 4.85 -3.82
N LEU A 1000 9.01 4.18 -3.50
CA LEU A 1000 7.82 4.28 -4.34
C LEU A 1000 6.97 5.51 -3.99
N GLY A 1001 6.90 5.85 -2.72
CA GLY A 1001 6.02 6.91 -2.27
C GLY A 1001 4.62 6.43 -1.92
N GLU A 1002 4.40 5.12 -1.87
CA GLU A 1002 3.07 4.56 -1.63
C GLU A 1002 3.19 3.42 -0.63
N PHE A 1003 2.11 3.22 0.12
CA PHE A 1003 1.99 2.10 1.06
C PHE A 1003 1.27 0.97 0.33
N VAL A 1004 2.00 -0.10 0.03
CA VAL A 1004 1.47 -1.20 -0.78
C VAL A 1004 0.83 -2.24 0.14
N ASN A 1005 -0.41 -2.62 -0.17
CA ASN A 1005 -1.16 -3.57 0.64
C ASN A 1005 -1.17 -4.98 0.05
N VAL A 1006 -1.20 -5.11 -1.28
CA VAL A 1006 -1.35 -6.42 -1.90
C VAL A 1006 -0.57 -6.45 -3.21
N PHE A 1007 0.03 -7.60 -3.50
CA PHE A 1007 0.62 -7.90 -4.79
C PHE A 1007 -0.15 -9.06 -5.43
N CYS A 1008 -0.45 -8.93 -6.71
CA CYS A 1008 -1.07 -10.03 -7.44
C CYS A 1008 -0.59 -10.00 -8.88
N HIS A 1009 -0.51 -11.18 -9.48
CA HIS A 1009 0.00 -11.31 -10.84
C HIS A 1009 -1.11 -11.07 -11.85
N GLY A 1010 -0.74 -10.50 -12.99
CA GLY A 1010 -1.66 -10.19 -14.06
C GLY A 1010 -1.49 -8.78 -14.57
N SER A 1011 -2.22 -8.48 -15.63
CA SER A 1011 -2.20 -7.16 -16.26
C SER A 1011 -3.50 -6.96 -17.01
N LEU A 1012 -3.60 -5.82 -17.67
CA LEU A 1012 -4.76 -5.48 -18.50
C LEU A 1012 -4.45 -5.58 -19.99
N VAL A 1013 -3.35 -6.26 -20.34
CA VAL A 1013 -2.86 -6.36 -21.72
C VAL A 1013 -2.72 -4.96 -22.33
N THR A 1024 9.94 -6.71 -22.04
CA THR A 1024 9.48 -6.83 -20.66
C THR A 1024 8.91 -8.23 -20.40
N GLN A 1025 9.20 -8.75 -19.21
CA GLN A 1025 8.79 -10.10 -18.84
C GLN A 1025 8.01 -10.05 -17.52
N GLY A 1026 6.92 -10.80 -17.46
CA GLY A 1026 6.12 -10.88 -16.25
C GLY A 1026 5.37 -9.60 -15.92
N SER A 1027 4.35 -9.71 -15.08
CA SER A 1027 3.54 -8.55 -14.71
C SER A 1027 3.02 -8.74 -13.29
N VAL A 1028 3.29 -7.76 -12.43
CA VAL A 1028 2.86 -7.79 -11.03
C VAL A 1028 2.23 -6.44 -10.71
N LEU A 1029 0.93 -6.44 -10.42
CA LEU A 1029 0.23 -5.23 -10.01
C LEU A 1029 0.22 -5.13 -8.48
N PHE A 1030 -0.04 -3.93 -7.98
CA PHE A 1030 -0.13 -3.72 -6.55
C PHE A 1030 -1.07 -2.56 -6.23
N GLY A 1031 -1.80 -2.69 -5.12
CA GLY A 1031 -2.69 -1.65 -4.66
C GLY A 1031 -2.06 -0.79 -3.57
N THR A 1032 -2.74 0.30 -3.23
CA THR A 1032 -2.17 1.31 -2.36
C THR A 1032 -3.22 1.89 -1.42
N VAL A 1033 -2.76 2.31 -0.24
CA VAL A 1033 -3.61 3.04 0.69
C VAL A 1033 -4.11 4.33 0.05
N ASN A 1034 -3.27 5.02 -0.71
CA ASN A 1034 -3.66 6.24 -1.38
C ASN A 1034 -4.49 6.01 -2.64
N GLY A 1035 -4.86 4.77 -2.93
CA GLY A 1035 -5.58 4.45 -4.14
C GLY A 1035 -4.71 4.26 -5.36
N MET A 1036 -3.44 4.63 -5.28
CA MET A 1036 -2.49 4.43 -6.38
C MET A 1036 -2.48 2.96 -6.82
N ILE A 1037 -2.41 2.75 -8.13
CA ILE A 1037 -2.24 1.43 -8.69
C ILE A 1037 -0.98 1.45 -9.55
N GLY A 1038 -0.13 0.44 -9.38
CA GLY A 1038 1.14 0.38 -10.07
C GLY A 1038 1.38 -0.98 -10.71
N LEU A 1039 2.54 -1.08 -11.35
CA LEU A 1039 2.93 -2.28 -12.08
C LEU A 1039 4.43 -2.46 -11.97
N VAL A 1040 4.85 -3.71 -11.74
CA VAL A 1040 6.26 -4.09 -11.76
C VAL A 1040 6.43 -5.15 -12.85
N THR A 1041 7.47 -4.99 -13.66
CA THR A 1041 7.80 -5.97 -14.68
C THR A 1041 9.31 -6.12 -14.75
N SER A 1042 9.76 -7.36 -14.96
CA SER A 1042 11.19 -7.65 -15.02
C SER A 1042 11.75 -7.30 -16.40
N LEU A 1043 12.99 -6.84 -16.42
CA LEU A 1043 13.66 -6.42 -17.63
C LEU A 1043 14.94 -7.22 -17.84
N SER A 1044 15.46 -7.14 -19.07
CA SER A 1044 16.76 -7.70 -19.39
C SER A 1044 17.85 -6.67 -19.11
N GLU A 1045 19.07 -7.17 -18.87
CA GLU A 1045 20.17 -6.28 -18.52
C GLU A 1045 20.52 -5.33 -19.66
N SER A 1046 20.26 -5.74 -20.91
CA SER A 1046 20.53 -4.85 -22.03
C SER A 1046 19.67 -3.59 -21.96
N TRP A 1047 18.42 -3.73 -21.51
CA TRP A 1047 17.49 -2.62 -21.46
C TRP A 1047 17.63 -1.80 -20.18
N TYR A 1048 17.98 -2.43 -19.06
CA TYR A 1048 18.07 -1.71 -17.79
C TYR A 1048 19.13 -0.63 -17.84
N ASN A 1049 20.30 -0.95 -18.39
CA ASN A 1049 21.36 0.05 -18.50
C ASN A 1049 21.00 1.14 -19.49
N LEU A 1050 20.22 0.82 -20.53
CA LEU A 1050 19.75 1.82 -21.46
C LEU A 1050 18.83 2.82 -20.76
N LEU A 1051 17.76 2.32 -20.14
CA LEU A 1051 16.84 3.19 -19.43
C LEU A 1051 17.50 3.85 -18.22
N LEU A 1052 18.57 3.26 -17.67
CA LEU A 1052 19.30 3.92 -16.61
C LEU A 1052 20.03 5.14 -17.14
N ASP A 1053 20.80 4.97 -18.22
CA ASP A 1053 21.44 6.13 -18.85
C ASP A 1053 20.40 7.07 -19.43
N MET A 1054 19.24 6.55 -19.85
CA MET A 1054 18.14 7.41 -20.27
C MET A 1054 17.65 8.29 -19.13
N GLN A 1055 17.58 7.74 -17.92
CA GLN A 1055 17.13 8.51 -16.76
C GLN A 1055 18.14 9.58 -16.38
N ASN A 1056 19.43 9.21 -16.31
CA ASN A 1056 20.46 10.19 -16.02
C ASN A 1056 20.46 11.34 -17.03
N ARG A 1057 19.92 11.11 -18.23
CA ARG A 1057 19.82 12.17 -19.22
C ARG A 1057 18.57 13.00 -19.03
N LEU A 1058 17.45 12.36 -18.68
CA LEU A 1058 16.19 13.08 -18.51
C LEU A 1058 16.22 13.99 -17.28
N ASN A 1059 17.01 13.64 -16.26
CA ASN A 1059 17.07 14.46 -15.06
C ASN A 1059 17.79 15.77 -15.32
N LYS A 1060 18.80 15.77 -16.19
CA LYS A 1060 19.48 17.02 -16.54
C LYS A 1060 18.53 17.98 -17.25
N VAL A 1061 17.52 17.45 -17.93
CA VAL A 1061 16.65 18.23 -18.79
C VAL A 1061 15.40 18.70 -18.05
N ILE A 1062 14.62 17.73 -17.53
CA ILE A 1062 13.32 18.03 -16.99
C ILE A 1062 13.44 18.97 -15.78
N LYS A 1063 12.53 19.93 -15.71
CA LYS A 1063 12.45 20.86 -14.60
C LYS A 1063 11.51 20.30 -13.53
N SER A 1064 12.04 20.00 -12.36
CA SER A 1064 11.21 19.51 -11.28
C SER A 1064 10.47 20.66 -10.59
N VAL A 1065 9.39 20.32 -9.91
CA VAL A 1065 8.51 21.35 -9.33
C VAL A 1065 9.23 22.06 -8.18
N GLY A 1066 9.55 21.32 -7.12
CA GLY A 1066 10.26 21.92 -6.00
C GLY A 1066 11.76 21.84 -6.18
N LYS A 1067 12.19 21.60 -7.41
CA LYS A 1067 13.58 21.31 -7.73
C LYS A 1067 14.13 20.22 -6.81
N ILE A 1068 13.33 19.18 -6.65
CA ILE A 1068 13.70 18.01 -5.88
C ILE A 1068 14.43 17.04 -6.81
N GLU A 1069 15.69 16.76 -6.50
CA GLU A 1069 16.46 15.85 -7.32
C GLU A 1069 15.80 14.47 -7.35
N HIS A 1070 15.61 13.94 -8.55
CA HIS A 1070 14.94 12.65 -8.70
C HIS A 1070 15.69 11.53 -7.99
N SER A 1071 17.02 11.63 -7.92
CA SER A 1071 17.78 10.65 -7.16
C SER A 1071 17.41 10.67 -5.69
N PHE A 1072 17.19 11.86 -5.14
CA PHE A 1072 16.82 11.98 -3.73
C PHE A 1072 15.38 11.56 -3.48
N TRP A 1073 14.50 11.83 -4.44
CA TRP A 1073 13.10 11.40 -4.30
C TRP A 1073 12.98 9.89 -4.32
N ARG A 1074 13.75 9.22 -5.17
CA ARG A 1074 13.69 7.78 -5.30
C ARG A 1074 14.68 7.06 -4.39
N SER A 1075 15.50 7.79 -3.64
CA SER A 1075 16.45 7.16 -2.75
C SER A 1075 15.74 6.41 -1.63
N PHE A 1076 16.22 5.19 -1.36
CA PHE A 1076 15.71 4.41 -0.24
C PHE A 1076 15.82 5.22 1.05
N HIS A 1077 14.74 5.23 1.82
CA HIS A 1077 14.63 6.10 2.99
C HIS A 1077 14.08 5.31 4.18
N THR A 1078 14.50 5.70 5.37
CA THR A 1078 13.94 5.20 6.62
C THR A 1078 13.92 6.30 7.68
N LYS A 1081 18.47 4.68 8.02
CA LYS A 1081 19.30 4.44 6.85
C LYS A 1081 18.77 5.17 5.62
N THR A 1082 19.63 5.35 4.62
CA THR A 1082 19.25 6.01 3.38
C THR A 1082 20.27 5.65 2.31
N GLU A 1083 19.82 4.96 1.27
CA GLU A 1083 20.67 4.51 0.18
C GLU A 1083 20.07 4.95 -1.15
N PRO A 1084 20.89 5.10 -2.19
CA PRO A 1084 20.33 5.35 -3.52
C PRO A 1084 19.73 4.09 -4.11
N ALA A 1085 18.81 4.29 -5.05
CA ALA A 1085 18.07 3.18 -5.62
C ALA A 1085 18.95 2.29 -6.47
N THR A 1086 18.46 1.09 -6.74
CA THR A 1086 19.16 0.11 -7.56
C THR A 1086 18.18 -0.98 -7.98
N GLY A 1087 18.34 -1.47 -9.20
CA GLY A 1087 17.52 -2.54 -9.71
C GLY A 1087 16.13 -2.16 -10.17
N PHE A 1088 15.77 -0.88 -10.12
CA PHE A 1088 14.46 -0.42 -10.55
C PHE A 1088 14.62 0.74 -11.52
N ILE A 1089 13.61 0.90 -12.39
CA ILE A 1089 13.58 1.96 -13.38
C ILE A 1089 12.25 2.70 -13.23
N ASP A 1090 12.32 4.01 -13.02
CA ASP A 1090 11.13 4.82 -12.81
C ASP A 1090 10.40 4.97 -14.15
N GLY A 1091 9.36 4.16 -14.35
CA GLY A 1091 8.60 4.23 -15.58
C GLY A 1091 7.86 5.53 -15.76
N ASP A 1092 7.40 6.14 -14.66
CA ASP A 1092 6.79 7.46 -14.76
C ASP A 1092 7.79 8.50 -15.25
N LEU A 1093 9.08 8.27 -15.03
CA LEU A 1093 10.10 9.15 -15.60
C LEU A 1093 10.34 8.83 -17.07
N ILE A 1094 10.51 7.55 -17.40
CA ILE A 1094 10.73 7.14 -18.79
C ILE A 1094 9.56 7.57 -19.67
N GLU A 1095 8.35 7.59 -19.12
CA GLU A 1095 7.17 7.91 -19.92
C GLU A 1095 6.98 9.41 -20.11
N SER A 1096 7.63 10.24 -19.30
CA SER A 1096 7.58 11.69 -19.49
C SER A 1096 8.51 12.17 -20.60
N PHE A 1097 9.24 11.25 -21.25
CA PHE A 1097 10.05 11.63 -22.40
C PHE A 1097 9.21 12.16 -23.55
N LEU A 1098 7.95 11.73 -23.63
CA LEU A 1098 7.05 12.14 -24.70
C LEU A 1098 6.38 13.48 -24.43
N ASP A 1099 6.60 14.08 -23.26
CA ASP A 1099 5.99 15.36 -22.91
C ASP A 1099 6.91 16.55 -23.11
N ILE A 1100 8.23 16.34 -23.01
CA ILE A 1100 9.17 17.43 -23.25
C ILE A 1100 9.16 17.80 -24.74
N SER A 1101 9.65 18.99 -25.04
CA SER A 1101 9.66 19.46 -26.41
C SER A 1101 10.66 18.66 -27.24
N ARG A 1102 10.50 18.75 -28.57
CA ARG A 1102 11.38 18.03 -29.48
C ARG A 1102 12.85 18.39 -29.33
N PRO A 1103 13.25 19.64 -29.05
CA PRO A 1103 14.68 19.89 -28.78
C PRO A 1103 15.20 19.14 -27.57
N LYS A 1104 14.40 19.01 -26.51
CA LYS A 1104 14.83 18.25 -25.34
C LYS A 1104 15.03 16.78 -25.67
N MET A 1105 14.33 16.27 -26.69
CA MET A 1105 14.45 14.87 -27.04
C MET A 1105 15.81 14.57 -27.68
N GLN A 1106 16.16 15.28 -28.75
CA GLN A 1106 17.52 15.12 -29.27
C GLN A 1106 18.54 15.34 -28.16
N GLU A 1107 18.38 16.45 -27.42
CA GLU A 1107 19.28 16.77 -26.32
C GLU A 1107 19.55 15.56 -25.45
N VAL A 1108 18.53 14.75 -25.19
CA VAL A 1108 18.72 13.54 -24.40
C VAL A 1108 19.50 12.49 -25.20
N VAL A 1109 19.18 12.34 -26.49
CA VAL A 1109 19.74 11.25 -27.28
C VAL A 1109 21.03 11.67 -27.99
N ALA A 1110 21.67 12.72 -27.47
CA ALA A 1110 22.86 13.30 -28.10
C ALA A 1110 23.94 12.26 -28.40
N ASN A 1111 24.55 11.70 -27.36
CA ASN A 1111 25.63 10.73 -27.51
C ASN A 1111 25.13 9.37 -27.02
N LEU A 1112 24.16 8.81 -27.73
CA LEU A 1112 23.56 7.53 -27.40
C LEU A 1112 23.88 6.51 -28.48
N GLN A 1113 24.22 5.29 -28.05
CA GLN A 1113 24.50 4.18 -28.94
C GLN A 1113 23.33 3.19 -28.85
N TYR A 1114 22.52 3.12 -29.91
CA TYR A 1114 21.34 2.26 -29.95
C TYR A 1114 21.70 0.85 -30.44
N ASP A 1115 20.68 -0.01 -30.54
CA ASP A 1115 20.82 -1.46 -30.56
C ASP A 1115 21.00 -2.07 -31.97
N ASP A 1116 20.33 -1.58 -32.99
CA ASP A 1116 20.34 -2.35 -34.27
C ASP A 1116 21.45 -1.89 -35.24
N LYS A 1121 23.97 -0.70 -33.57
CA LYS A 1121 24.70 0.31 -32.81
C LYS A 1121 24.94 1.55 -33.64
N ARG A 1122 24.08 2.55 -33.46
CA ARG A 1122 24.20 3.77 -34.24
C ARG A 1122 23.78 4.92 -33.34
N GLU A 1123 24.33 6.11 -33.60
CA GLU A 1123 23.93 7.27 -32.82
C GLU A 1123 22.41 7.36 -32.79
N ALA A 1124 21.82 7.00 -31.65
CA ALA A 1124 20.37 6.93 -31.54
C ALA A 1124 19.75 8.31 -31.79
N THR A 1125 18.50 8.30 -32.25
CA THR A 1125 17.77 9.50 -32.56
C THR A 1125 16.52 9.58 -31.68
N ALA A 1126 15.88 10.75 -31.70
CA ALA A 1126 14.68 10.95 -30.89
C ALA A 1126 13.57 9.99 -31.32
N ASP A 1127 13.44 9.75 -32.62
CA ASP A 1127 12.40 8.85 -33.11
C ASP A 1127 12.66 7.41 -32.68
N ASP A 1128 13.92 7.03 -32.48
CA ASP A 1128 14.21 5.71 -31.92
C ASP A 1128 13.63 5.58 -30.53
N LEU A 1129 13.76 6.62 -29.72
CA LEU A 1129 13.30 6.55 -28.33
C LEU A 1129 11.81 6.81 -28.20
N ILE A 1130 11.23 7.59 -29.11
CA ILE A 1130 9.78 7.80 -29.08
C ILE A 1130 9.06 6.48 -29.34
N LYS A 1131 9.47 5.75 -30.39
CA LYS A 1131 8.86 4.46 -30.67
C LYS A 1131 9.21 3.42 -29.61
N VAL A 1132 10.28 3.63 -28.84
CA VAL A 1132 10.63 2.72 -27.77
C VAL A 1132 9.85 3.04 -26.49
N VAL A 1133 9.80 4.33 -26.13
CA VAL A 1133 9.04 4.73 -24.94
C VAL A 1133 7.56 4.45 -25.14
N GLU A 1134 7.07 4.64 -26.37
CA GLU A 1134 5.65 4.37 -26.64
C GLU A 1134 5.33 2.89 -26.50
N GLU A 1135 6.28 2.00 -26.82
CA GLU A 1135 6.04 0.58 -26.61
C GLU A 1135 5.90 0.23 -25.14
N LEU A 1136 6.48 1.04 -24.25
CA LEU A 1136 6.35 0.81 -22.82
C LEU A 1136 5.03 1.32 -22.26
N THR A 1137 4.40 2.29 -22.93
CA THR A 1137 3.09 2.78 -22.50
C THR A 1137 1.96 1.82 -22.83
N ARG A 1138 2.25 0.71 -23.53
CA ARG A 1138 1.23 -0.24 -23.94
C ARG A 1138 1.28 -1.53 -23.13
N ILE A 1139 1.99 -1.53 -22.00
CA ILE A 1139 1.94 -2.66 -21.07
C ILE A 1139 0.93 -2.43 -19.95
N HIS A 1140 0.26 -1.28 -19.94
CA HIS A 1140 -0.78 -1.01 -18.95
C HIS A 1140 -1.93 -0.23 -19.58
N ASN B 12 11.06 -7.03 55.43
CA ASN B 12 11.94 -7.82 54.59
C ASN B 12 13.41 -7.50 54.79
N PHE B 13 14.10 -7.30 53.68
CA PHE B 13 15.54 -7.07 53.65
C PHE B 13 15.79 -5.95 52.66
N ASP B 14 16.97 -5.34 52.73
CA ASP B 14 17.24 -4.15 51.94
C ASP B 14 17.49 -4.55 50.50
N THR B 15 16.50 -4.37 49.63
CA THR B 15 16.65 -4.82 48.25
C THR B 15 17.70 -4.05 47.48
N SER B 16 18.18 -2.91 48.00
CA SER B 16 19.23 -2.14 47.37
C SER B 16 20.63 -2.56 47.78
N LEU B 17 20.76 -3.38 48.82
CA LEU B 17 22.07 -3.83 49.29
C LEU B 17 22.83 -4.69 48.28
N PRO B 18 22.21 -5.67 47.61
CA PRO B 18 22.99 -6.53 46.71
C PRO B 18 23.54 -5.80 45.49
N THR B 19 22.83 -4.81 44.95
CA THR B 19 23.31 -4.12 43.76
C THR B 19 24.43 -3.14 44.04
N SER B 20 24.63 -2.76 45.30
CA SER B 20 25.71 -1.85 45.67
C SER B 20 26.99 -2.59 46.06
N HIS B 21 26.97 -3.93 46.03
CA HIS B 21 28.16 -4.75 46.19
C HIS B 21 28.97 -4.34 47.42
N THR B 22 28.27 -4.20 48.55
CA THR B 22 28.90 -3.68 49.76
C THR B 22 30.04 -4.57 50.25
N TYR B 23 30.03 -5.85 49.87
CA TYR B 23 31.05 -6.82 50.26
C TYR B 23 32.42 -6.54 49.66
N LEU B 24 32.56 -5.52 48.81
CA LEU B 24 33.83 -5.27 48.15
C LEU B 24 34.66 -4.24 48.91
N PHE B 31 31.16 7.87 40.21
CA PHE B 31 31.90 8.51 39.13
C PHE B 31 30.95 8.80 37.97
N HIS B 32 30.90 10.05 37.53
CA HIS B 32 29.94 10.51 36.52
C HIS B 32 30.37 10.00 35.16
N GLY B 33 29.80 8.88 34.71
CA GLY B 33 30.24 8.24 33.49
C GLY B 33 29.71 8.96 32.26
N ARG B 34 30.62 9.47 31.41
CA ARG B 34 30.13 10.15 30.22
C ARG B 34 31.14 10.01 29.05
N THR B 35 31.29 8.79 28.55
CA THR B 35 31.99 8.57 27.29
C THR B 35 31.24 7.51 26.49
N LEU B 36 30.63 7.92 25.39
CA LEU B 36 29.95 7.02 24.47
C LEU B 36 30.56 7.16 23.09
N HIS B 37 30.64 6.03 22.38
CA HIS B 37 31.18 6.00 21.02
C HIS B 37 30.02 5.92 20.03
N ASP B 38 30.04 6.79 19.02
CA ASP B 38 28.92 6.87 18.11
C ASP B 38 28.84 5.64 17.22
N ASP B 39 27.63 5.40 16.69
CA ASP B 39 27.29 4.11 16.10
C ASP B 39 28.16 3.79 14.90
N ASP B 40 28.47 2.50 14.73
CA ASP B 40 29.23 1.91 13.63
C ASP B 40 30.71 2.29 13.64
N SER B 41 31.17 3.07 14.62
CA SER B 41 32.57 3.49 14.62
C SER B 41 33.51 2.29 14.74
N CYS B 42 34.78 2.53 14.45
CA CYS B 42 35.83 1.55 14.66
C CYS B 42 36.72 2.05 15.78
N GLN B 43 36.69 1.35 16.91
CA GLN B 43 37.43 1.71 18.11
C GLN B 43 38.35 0.55 18.50
N VAL B 44 39.47 0.90 19.12
CA VAL B 44 40.39 -0.10 19.67
C VAL B 44 40.22 -0.06 21.19
N ILE B 45 39.77 -1.18 21.76
CA ILE B 45 39.44 -1.24 23.18
C ILE B 45 40.13 -2.42 23.85
N PRO B 46 40.61 -2.27 25.08
CA PRO B 46 41.17 -3.41 25.81
C PRO B 46 40.15 -4.49 26.13
N VAL B 47 40.62 -5.73 26.15
CA VAL B 47 39.86 -6.90 26.58
C VAL B 47 40.58 -7.52 27.77
N LEU B 48 39.85 -7.74 28.87
CA LEU B 48 40.48 -8.20 30.11
C LEU B 48 40.78 -9.70 30.06
N PRO B 49 41.97 -10.13 30.47
CA PRO B 49 42.29 -11.56 30.50
C PRO B 49 41.47 -12.31 31.53
N GLN B 50 41.12 -13.55 31.19
CA GLN B 50 40.45 -14.53 32.05
C GLN B 50 39.03 -14.13 32.43
N VAL B 51 38.46 -13.11 31.82
CA VAL B 51 37.05 -12.80 31.99
C VAL B 51 36.26 -13.60 30.96
N MET B 52 35.36 -14.45 31.44
CA MET B 52 34.45 -15.20 30.59
C MET B 52 33.04 -14.96 31.11
N MET B 53 32.23 -14.29 30.30
CA MET B 53 30.79 -14.11 30.52
C MET B 53 30.25 -13.37 29.32
N ILE B 54 28.94 -13.49 29.10
CA ILE B 54 28.25 -12.70 28.09
C ILE B 54 27.58 -11.53 28.78
N LEU B 55 28.03 -10.33 28.43
CA LEU B 55 27.63 -9.11 29.12
C LEU B 55 26.58 -8.37 28.30
N ILE B 56 25.57 -7.83 28.99
CA ILE B 56 24.46 -7.17 28.32
C ILE B 56 24.55 -5.66 28.59
N PRO B 57 24.28 -4.81 27.59
CA PRO B 57 24.11 -3.38 27.85
C PRO B 57 23.25 -3.11 29.08
N GLY B 58 23.75 -2.30 29.99
CA GLY B 58 23.06 -2.00 31.22
C GLY B 58 23.32 -2.96 32.36
N GLN B 59 23.81 -4.16 32.08
CA GLN B 59 24.10 -5.12 33.13
C GLN B 59 25.32 -4.69 33.93
N THR B 60 25.30 -5.00 35.22
CA THR B 60 26.37 -4.59 36.12
C THR B 60 27.38 -5.72 36.27
N LEU B 61 28.65 -5.36 36.34
CA LEU B 61 29.74 -6.33 36.39
C LEU B 61 30.77 -5.92 37.44
N PRO B 62 30.90 -6.66 38.53
CA PRO B 62 31.97 -6.39 39.48
C PRO B 62 33.18 -7.26 39.14
N LEU B 63 34.36 -6.74 39.45
CA LEU B 63 35.59 -7.47 39.10
C LEU B 63 36.63 -7.33 40.21
N GLN B 64 37.54 -8.30 40.25
CA GLN B 64 38.67 -8.28 41.17
C GLN B 64 39.89 -8.81 40.42
N LEU B 65 40.90 -7.95 40.26
CA LEU B 65 42.04 -8.23 39.41
C LEU B 65 43.31 -8.34 40.26
N PHE B 66 44.18 -9.29 39.90
CA PHE B 66 45.38 -9.57 40.69
C PHE B 66 46.67 -9.45 39.90
N HIS B 67 46.69 -9.77 38.60
CA HIS B 67 47.93 -9.69 37.85
C HIS B 67 48.31 -8.23 37.59
N PRO B 68 49.58 -7.88 37.79
CA PRO B 68 50.02 -6.50 37.48
C PRO B 68 49.71 -6.08 36.06
N GLN B 69 49.72 -7.01 35.11
CA GLN B 69 49.25 -6.74 33.76
C GLN B 69 47.90 -6.01 33.81
N GLU B 70 46.90 -6.69 34.36
CA GLU B 70 45.58 -6.09 34.51
C GLU B 70 45.64 -4.81 35.35
N VAL B 71 46.29 -4.89 36.51
CA VAL B 71 46.33 -3.75 37.43
C VAL B 71 46.96 -2.53 36.77
N SER B 72 47.88 -2.73 35.83
CA SER B 72 48.37 -1.62 35.02
C SER B 72 47.30 -1.13 34.06
N MET B 73 46.67 -2.06 33.35
CA MET B 73 45.67 -1.71 32.35
C MET B 73 44.60 -0.79 32.92
N VAL B 74 44.14 -1.08 34.14
CA VAL B 74 43.06 -0.28 34.74
C VAL B 74 43.58 1.05 35.26
N ARG B 75 44.69 1.02 36.01
CA ARG B 75 45.27 2.25 36.55
C ARG B 75 45.44 3.31 35.46
N ASN B 76 45.92 2.89 34.29
CA ASN B 76 46.04 3.79 33.15
C ASN B 76 44.72 3.93 32.40
N LEU B 77 43.86 2.90 32.48
CA LEU B 77 42.57 2.99 31.80
C LEU B 77 41.70 4.09 32.38
N ILE B 78 41.93 4.45 33.65
CA ILE B 78 41.20 5.57 34.24
C ILE B 78 41.31 6.79 33.33
N GLN B 79 42.52 7.07 32.89
CA GLN B 79 42.71 8.11 31.91
C GLN B 79 41.89 7.76 30.67
N LYS B 80 41.25 8.78 30.09
CA LYS B 80 40.50 8.62 28.85
C LYS B 80 39.24 7.78 29.05
N ASP B 81 39.11 6.66 28.33
CA ASP B 81 37.82 5.99 28.15
C ASP B 81 37.32 5.39 29.44
N ARG B 82 38.19 4.76 30.22
CA ARG B 82 37.76 4.00 31.41
C ARG B 82 36.84 2.85 30.99
N THR B 83 36.95 2.39 29.74
CA THR B 83 36.06 1.39 29.20
C THR B 83 36.85 0.31 28.52
N PHE B 84 36.48 -0.94 28.79
CA PHE B 84 37.11 -2.11 28.20
C PHE B 84 36.05 -2.96 27.53
N ALA B 85 36.51 -4.00 26.82
CA ALA B 85 35.63 -4.85 26.03
C ALA B 85 35.51 -6.22 26.68
N VAL B 86 34.28 -6.72 26.76
CA VAL B 86 33.98 -8.06 27.28
C VAL B 86 33.48 -8.91 26.12
N LEU B 87 34.01 -10.13 26.00
CA LEU B 87 33.69 -10.99 24.87
C LEU B 87 32.77 -12.14 25.26
N TYR B 89 31.80 -15.44 23.91
CA TYR B 89 32.45 -16.63 23.36
C TYR B 89 31.44 -17.71 22.97
N SER B 90 31.68 -18.34 21.83
CA SER B 90 30.84 -19.45 21.38
C SER B 90 31.24 -20.74 22.07
N GLU B 96 36.53 -18.34 18.11
CA GLU B 96 36.21 -18.19 19.53
C GLU B 96 35.08 -17.18 19.73
N ALA B 97 35.34 -15.91 19.43
CA ALA B 97 34.40 -14.84 19.72
C ALA B 97 34.25 -13.94 18.49
N GLN B 98 32.98 -13.67 18.13
CA GLN B 98 32.63 -12.78 17.03
C GLN B 98 32.11 -11.43 17.51
N PHE B 99 31.46 -11.39 18.67
CA PHE B 99 30.82 -10.20 19.19
C PHE B 99 31.18 -10.00 20.66
N GLY B 100 30.82 -8.84 21.18
CA GLY B 100 30.97 -8.57 22.59
C GLY B 100 30.33 -7.25 22.97
N THR B 101 30.66 -6.77 24.16
CA THR B 101 30.05 -5.55 24.68
C THR B 101 31.07 -4.72 25.44
N THR B 102 31.04 -3.41 25.20
CA THR B 102 31.88 -2.49 25.96
C THR B 102 31.34 -2.35 27.39
N ALA B 103 32.25 -2.36 28.36
CA ALA B 103 31.90 -2.14 29.76
C ALA B 103 32.69 -0.96 30.28
N GLU B 104 32.00 -0.05 30.98
CA GLU B 104 32.58 1.19 31.46
C GLU B 104 32.67 1.16 32.98
N ILE B 105 33.85 1.48 33.51
CA ILE B 105 34.09 1.46 34.95
C ILE B 105 33.46 2.70 35.57
N TYR B 106 32.55 2.48 36.54
CA TYR B 106 31.91 3.57 37.25
C TYR B 106 32.37 3.71 38.70
N ALA B 107 33.19 2.78 39.19
CA ALA B 107 33.69 2.83 40.56
C ALA B 107 34.93 1.95 40.65
N TYR B 108 35.84 2.34 41.54
CA TYR B 108 37.17 1.75 41.56
C TYR B 108 37.84 2.04 42.89
N ARG B 109 38.41 1.01 43.51
CA ARG B 109 39.21 1.14 44.72
C ARG B 109 40.49 0.35 44.52
N GLU B 110 41.62 0.91 44.97
CA GLU B 110 42.92 0.24 44.91
C GLU B 110 43.30 -0.11 46.34
N GLU B 111 43.07 -1.37 46.70
CA GLU B 111 43.29 -1.89 48.04
C GLU B 111 44.62 -2.63 48.09
N GLN B 112 45.45 -2.29 49.07
CA GLN B 112 46.67 -3.04 49.35
C GLN B 112 46.64 -3.49 50.82
N ASP B 113 45.66 -4.34 51.13
CA ASP B 113 45.49 -4.89 52.47
C ASP B 113 45.97 -6.33 52.49
N PHE B 114 46.59 -6.72 53.61
CA PHE B 114 47.36 -7.95 53.78
C PHE B 114 48.66 -7.94 52.98
N GLY B 115 49.07 -6.78 52.46
CA GLY B 115 50.24 -6.71 51.61
C GLY B 115 50.02 -7.28 50.23
N ILE B 116 48.79 -7.57 49.86
CA ILE B 116 48.41 -8.05 48.54
C ILE B 116 47.76 -6.89 47.81
N GLU B 117 48.37 -6.47 46.70
CA GLU B 117 47.80 -5.37 45.94
C GLU B 117 46.66 -5.88 45.07
N ILE B 118 45.44 -5.40 45.35
CA ILE B 118 44.25 -5.74 44.58
C ILE B 118 43.64 -4.46 44.03
N VAL B 119 43.11 -4.54 42.83
CA VAL B 119 42.33 -3.47 42.23
C VAL B 119 40.93 -4.01 41.98
N LYS B 120 39.94 -3.38 42.58
CA LYS B 120 38.54 -3.76 42.47
C LYS B 120 37.81 -2.69 41.66
N VAL B 121 37.09 -3.11 40.62
CA VAL B 121 36.33 -2.19 39.79
C VAL B 121 34.93 -2.73 39.58
N LYS B 122 33.99 -1.81 39.38
CA LYS B 122 32.61 -2.13 39.02
C LYS B 122 32.32 -1.47 37.69
N ALA B 123 32.16 -2.27 36.64
CA ALA B 123 31.83 -1.76 35.31
C ALA B 123 30.38 -2.06 34.98
N ILE B 124 29.86 -1.33 33.99
CA ILE B 124 28.50 -1.51 33.50
C ILE B 124 28.53 -1.54 31.99
N GLY B 125 27.85 -2.51 31.39
CA GLY B 125 27.81 -2.64 29.95
C GLY B 125 27.14 -1.50 29.23
N ARG B 126 27.77 -1.03 28.15
CA ARG B 126 27.29 0.15 27.43
C ARG B 126 26.87 -0.20 26.01
N GLN B 127 27.79 -0.62 25.14
CA GLN B 127 27.53 -0.75 23.71
C GLN B 127 27.91 -2.13 23.20
N ARG B 128 27.15 -2.61 22.23
CA ARG B 128 27.43 -3.88 21.56
C ARG B 128 28.32 -3.65 20.35
N PHE B 129 29.27 -4.56 20.14
CA PHE B 129 30.20 -4.42 19.03
C PHE B 129 30.41 -5.77 18.35
N LYS B 130 30.90 -5.71 17.11
CA LYS B 130 31.27 -6.90 16.36
C LYS B 130 32.78 -7.06 16.32
N GLN B 143 44.25 -5.73 22.78
CA GLN B 143 43.47 -4.68 22.15
C GLN B 143 42.74 -5.20 20.91
N ALA B 144 41.45 -4.90 20.83
CA ALA B 144 40.57 -5.44 19.81
C ALA B 144 40.17 -4.35 18.82
N LYS B 145 40.40 -4.62 17.54
CA LYS B 145 39.81 -3.84 16.47
C LYS B 145 38.32 -4.12 16.42
N VAL B 146 37.49 -3.09 16.63
CA VAL B 146 36.11 -3.30 17.06
C VAL B 146 35.17 -2.32 16.35
N GLN B 147 34.09 -2.85 15.77
CA GLN B 147 33.06 -2.06 15.11
C GLN B 147 31.79 -2.04 15.96
N ILE B 148 31.38 -0.84 16.38
CA ILE B 148 30.18 -0.69 17.19
C ILE B 148 28.96 -1.16 16.41
N LEU B 149 28.13 -1.99 17.04
CA LEU B 149 26.89 -2.35 16.36
C LEU B 149 25.78 -1.38 16.72
N PRO B 150 25.12 -0.77 15.74
CA PRO B 150 24.06 0.19 16.04
C PRO B 150 22.83 -0.48 16.61
N GLU B 151 22.20 0.21 17.57
CA GLU B 151 20.88 -0.21 18.06
C GLU B 151 19.83 0.24 17.05
N CYS B 152 19.17 -0.73 16.43
CA CYS B 152 18.26 -0.46 15.30
C CYS B 152 16.90 -0.03 15.85
N VAL B 153 16.56 1.24 15.66
CA VAL B 153 15.33 1.81 16.18
C VAL B 153 14.40 2.12 15.01
N LEU B 154 13.17 1.60 15.10
CA LEU B 154 12.15 1.75 14.08
C LEU B 154 10.94 2.49 14.66
N PRO B 155 10.24 3.26 13.84
CA PRO B 155 9.00 3.89 14.32
C PRO B 155 7.90 2.87 14.58
N SER B 156 6.69 3.35 14.85
CA SER B 156 5.57 2.47 15.02
C SER B 156 5.16 1.86 13.68
N THR B 157 4.38 0.77 13.76
CA THR B 157 3.81 0.17 12.57
C THR B 157 2.90 1.13 11.82
N MET B 158 2.40 2.15 12.51
CA MET B 158 1.41 3.08 11.98
C MET B 158 2.01 4.35 11.41
N SER B 159 3.23 4.73 11.84
CA SER B 159 3.89 5.96 11.41
C SER B 159 3.99 6.07 9.89
N ALA B 160 3.72 4.97 9.18
CA ALA B 160 3.77 4.94 7.73
C ALA B 160 2.42 5.14 7.07
N VAL B 161 1.36 4.68 7.74
CA VAL B 161 0.00 4.66 7.21
C VAL B 161 -0.92 5.62 7.93
N GLN B 162 -0.41 6.38 8.90
CA GLN B 162 -1.25 7.18 9.77
C GLN B 162 -1.91 8.33 8.99
N LEU B 163 -3.24 8.40 9.08
CA LEU B 163 -3.97 9.53 8.53
C LEU B 163 -3.50 10.82 9.18
N GLU B 164 -3.34 11.87 8.36
CA GLU B 164 -2.91 13.16 8.88
C GLU B 164 -3.93 13.74 9.85
N SER B 165 -5.22 13.55 9.57
CA SER B 165 -6.26 14.08 10.45
C SER B 165 -6.16 13.46 11.84
N LEU B 166 -5.70 12.22 11.94
CA LEU B 166 -5.63 11.52 13.22
C LEU B 166 -4.26 11.66 13.90
N ASN B 167 -3.30 12.33 13.25
CA ASN B 167 -2.04 12.63 13.92
C ASN B 167 -2.28 13.28 15.27
N LYS B 168 -3.24 14.20 15.32
CA LYS B 168 -3.55 14.96 16.54
C LYS B 168 -3.97 14.07 17.70
N CYS B 169 -4.31 12.81 17.44
CA CYS B 169 -4.84 11.92 18.47
C CYS B 169 -3.84 10.86 18.90
N GLN B 170 -2.61 10.88 18.37
CA GLN B 170 -1.68 9.78 18.62
C GLN B 170 -1.13 9.79 20.04
N ILE B 171 -1.10 10.95 20.70
CA ILE B 171 -0.75 11.00 22.11
C ILE B 171 -2.01 10.84 22.94
N PHE B 172 -1.97 9.94 23.92
CA PHE B 172 -3.11 9.68 24.80
C PHE B 172 -2.84 10.25 26.20
N SER B 184 -8.68 -0.79 34.46
CA SER B 184 -7.25 -0.92 34.70
C SER B 184 -6.56 -1.77 33.64
N TYR B 185 -7.35 -2.40 32.78
CA TYR B 185 -6.84 -2.99 31.55
C TYR B 185 -7.69 -2.67 30.33
N LYS B 186 -8.96 -2.29 30.52
CA LYS B 186 -9.73 -1.70 29.44
C LYS B 186 -9.02 -0.50 28.84
N TRP B 187 -8.21 0.19 29.64
CA TRP B 187 -7.33 1.23 29.12
C TRP B 187 -6.50 0.69 27.96
N TRP B 188 -6.13 -0.59 28.00
CA TRP B 188 -5.39 -1.19 26.91
C TRP B 188 -6.27 -1.52 25.71
N GLN B 189 -7.56 -1.81 25.94
CA GLN B 189 -8.48 -1.93 24.80
C GLN B 189 -8.68 -0.58 24.13
N LYS B 190 -8.79 0.49 24.92
CA LYS B 190 -8.84 1.84 24.37
C LYS B 190 -7.58 2.15 23.59
N TYR B 191 -6.42 2.01 24.26
CA TYR B 191 -5.12 2.17 23.62
C TYR B 191 -5.06 1.46 22.27
N GLN B 192 -5.42 0.16 22.25
CA GLN B 192 -5.38 -0.60 21.01
C GLN B 192 -6.30 0.00 19.94
N LYS B 193 -7.48 0.45 20.34
CA LYS B 193 -8.45 0.96 19.38
C LYS B 193 -8.01 2.28 18.78
N ARG B 194 -7.39 3.15 19.58
CA ARG B 194 -7.06 4.49 19.12
C ARG B 194 -5.69 4.59 18.47
N LYS B 195 -4.68 3.92 19.02
CA LYS B 195 -3.34 3.99 18.44
C LYS B 195 -3.27 3.28 17.11
N PHE B 196 -3.87 2.09 17.02
CA PHE B 196 -3.82 1.27 15.82
C PHE B 196 -5.08 1.39 14.99
N HIS B 197 -5.77 2.54 15.11
CA HIS B 197 -6.99 2.76 14.34
C HIS B 197 -6.74 2.59 12.84
N CYS B 198 -5.64 3.13 12.35
CA CYS B 198 -5.32 3.07 10.92
C CYS B 198 -4.94 1.68 10.45
N ALA B 199 -5.08 0.63 11.27
CA ALA B 199 -4.97 -0.73 10.74
C ALA B 199 -5.99 -0.97 9.65
N ASN B 200 -7.13 -0.28 9.71
CA ASN B 200 -8.18 -0.41 8.71
C ASN B 200 -7.71 0.01 7.32
N LEU B 201 -6.60 0.75 7.23
CA LEU B 201 -6.01 1.12 5.96
C LEU B 201 -5.16 0.01 5.36
N THR B 202 -4.78 -0.97 6.16
CA THR B 202 -3.90 -2.06 5.78
C THR B 202 -4.70 -3.35 5.71
N SER B 203 -3.99 -4.48 5.59
CA SER B 203 -4.65 -5.77 5.42
C SER B 203 -4.55 -6.66 6.66
N TRP B 204 -4.36 -6.07 7.84
CA TRP B 204 -4.32 -6.85 9.07
C TRP B 204 -5.02 -6.10 10.19
N PRO B 205 -5.37 -6.80 11.28
CA PRO B 205 -6.17 -6.19 12.34
C PRO B 205 -5.32 -5.40 13.34
N ARG B 206 -6.03 -4.61 14.14
CA ARG B 206 -5.41 -3.90 15.26
C ARG B 206 -4.63 -4.85 16.17
N TRP B 207 -5.21 -6.01 16.47
CA TRP B 207 -4.59 -6.92 17.43
C TRP B 207 -3.31 -7.56 16.91
N LEU B 208 -3.03 -7.47 15.61
CA LEU B 208 -1.73 -7.93 15.11
C LEU B 208 -0.67 -6.87 15.35
N TYR B 209 -0.89 -5.66 14.84
CA TYR B 209 0.02 -4.54 15.09
C TYR B 209 0.29 -4.36 16.57
N SER B 210 -0.63 -4.80 17.43
CA SER B 210 -0.42 -4.71 18.87
C SER B 210 0.69 -5.64 19.33
N LEU B 211 0.85 -6.80 18.70
CA LEU B 211 1.89 -7.77 19.03
C LEU B 211 3.28 -7.31 18.60
N TYR B 212 3.41 -6.14 17.97
CA TYR B 212 4.71 -5.58 17.65
C TYR B 212 4.88 -4.19 18.25
N ASP B 213 4.03 -3.85 19.22
CA ASP B 213 4.02 -2.53 19.83
C ASP B 213 4.85 -2.58 21.11
N ALA B 214 5.98 -1.89 21.12
CA ALA B 214 6.91 -1.93 22.24
C ALA B 214 6.20 -1.68 23.57
N GLU B 215 5.35 -0.65 23.62
CA GLU B 215 4.68 -0.30 24.87
C GLU B 215 3.80 -1.45 25.35
N THR B 216 3.08 -2.10 24.43
CA THR B 216 2.24 -3.23 24.82
C THR B 216 3.09 -4.40 25.30
N LEU B 217 4.08 -4.80 24.49
CA LEU B 217 4.93 -5.94 24.82
C LEU B 217 5.59 -5.78 26.19
N MET B 218 6.15 -4.59 26.44
CA MET B 218 6.77 -4.33 27.75
C MET B 218 5.79 -4.63 28.88
N ASP B 219 4.53 -4.23 28.71
CA ASP B 219 3.52 -4.49 29.72
C ASP B 219 3.28 -5.99 29.89
N ARG B 220 3.19 -6.73 28.78
CA ARG B 220 3.01 -8.18 28.87
C ARG B 220 4.18 -8.82 29.61
N ILE B 221 5.40 -8.34 29.36
CA ILE B 221 6.55 -8.83 30.10
C ILE B 221 6.45 -8.40 31.56
N LYS B 222 6.02 -7.16 31.80
CA LYS B 222 5.92 -6.63 33.15
C LYS B 222 5.08 -7.51 34.06
N LYS B 223 3.92 -7.97 33.58
CA LYS B 223 3.02 -8.76 34.43
C LYS B 223 3.72 -10.00 34.97
N GLN B 224 4.53 -10.66 34.14
CA GLN B 224 5.33 -11.77 34.65
C GLN B 224 6.42 -11.26 35.60
N LEU B 225 7.08 -10.17 35.24
CA LEU B 225 8.06 -9.57 36.14
C LEU B 225 7.41 -9.08 37.44
N ARG B 226 6.11 -8.79 37.42
CA ARG B 226 5.39 -8.41 38.64
C ARG B 226 5.15 -9.61 39.52
N GLU B 227 4.89 -10.75 38.88
CA GLU B 227 4.46 -12.04 39.43
C GLU B 227 5.23 -12.38 40.69
N TRP B 228 6.53 -12.16 40.67
CA TRP B 228 7.34 -12.30 41.87
C TRP B 228 8.09 -10.98 42.04
N ASP B 229 7.32 -9.99 42.49
CA ASP B 229 7.66 -8.58 42.68
C ASP B 229 9.14 -8.25 42.76
N LEU B 237 10.58 -0.31 36.57
CA LEU B 237 11.55 -0.78 35.59
C LEU B 237 11.71 0.29 34.52
N PRO B 238 12.64 0.11 33.57
CA PRO B 238 12.84 1.14 32.54
C PRO B 238 11.60 1.36 31.68
N SER B 239 11.50 2.57 31.13
CA SER B 239 10.41 2.93 30.23
C SER B 239 10.81 2.86 28.77
N ASN B 240 12.07 3.07 28.47
CA ASN B 240 12.60 2.90 27.12
C ASN B 240 12.61 1.43 26.74
N PRO B 241 11.98 1.03 25.63
CA PRO B 241 12.00 -0.40 25.26
C PRO B 241 13.40 -0.98 25.13
N ILE B 242 14.33 -0.20 24.57
CA ILE B 242 15.72 -0.63 24.49
C ILE B 242 16.24 -1.03 25.87
N ASP B 243 16.07 -0.13 26.85
CA ASP B 243 16.55 -0.41 28.19
C ASP B 243 15.81 -1.59 28.81
N PHE B 244 14.47 -1.57 28.73
CA PHE B 244 13.66 -2.65 29.28
C PHE B 244 14.11 -4.02 28.78
N SER B 245 14.26 -4.15 27.46
CA SER B 245 14.65 -5.43 26.88
C SER B 245 16.01 -5.88 27.37
N TYR B 246 16.93 -4.94 27.63
CA TYR B 246 18.24 -5.29 28.16
C TYR B 246 18.19 -5.59 29.66
N ARG B 247 17.32 -4.92 30.42
CA ARG B 247 17.22 -5.23 31.84
C ARG B 247 16.71 -6.64 32.07
N VAL B 248 15.68 -7.04 31.33
CA VAL B 248 15.14 -8.38 31.50
C VAL B 248 15.99 -9.42 30.80
N ALA B 249 16.77 -9.03 29.78
CA ALA B 249 17.72 -9.97 29.19
C ALA B 249 18.70 -10.47 30.25
N ALA B 250 19.20 -9.57 31.09
CA ALA B 250 20.13 -9.96 32.15
C ALA B 250 19.43 -10.67 33.29
N CYS B 251 18.12 -10.47 33.46
CA CYS B 251 17.36 -11.19 34.46
C CYS B 251 17.09 -12.63 34.05
N LEU B 252 16.93 -12.86 32.75
CA LEU B 252 16.49 -14.16 32.26
C LEU B 252 17.57 -15.22 32.45
N PRO B 253 17.34 -16.24 33.26
CA PRO B 253 18.34 -17.32 33.39
C PRO B 253 18.32 -18.26 32.21
N ILE B 254 19.19 -17.99 31.23
CA ILE B 254 19.37 -18.87 30.08
C ILE B 254 20.84 -19.24 29.97
N ASP B 255 21.18 -19.99 28.94
CA ASP B 255 22.52 -20.51 28.74
C ASP B 255 23.26 -19.70 27.69
N ASP B 256 24.59 -19.75 27.77
CA ASP B 256 25.49 -18.94 26.95
C ASP B 256 25.10 -18.87 25.48
N VAL B 257 24.49 -19.94 24.96
CA VAL B 257 24.13 -19.97 23.55
C VAL B 257 22.85 -19.18 23.30
N LEU B 258 21.91 -19.21 24.24
CA LEU B 258 20.69 -18.40 24.10
C LEU B 258 20.96 -16.92 24.39
N ARG B 259 21.89 -16.62 25.29
CA ARG B 259 22.21 -15.22 25.57
C ARG B 259 22.80 -14.53 24.35
N ILE B 260 23.53 -15.27 23.50
CA ILE B 260 24.11 -14.69 22.30
C ILE B 260 23.01 -14.36 21.29
N GLN B 261 21.87 -15.05 21.35
CA GLN B 261 20.79 -14.77 20.42
C GLN B 261 20.24 -13.36 20.60
N LEU B 262 19.85 -13.01 21.82
CA LEU B 262 19.33 -11.65 22.05
C LEU B 262 20.40 -10.60 21.78
N LEU B 263 21.66 -10.91 22.13
CA LEU B 263 22.75 -9.99 21.81
C LEU B 263 22.82 -9.77 20.30
N LYS B 264 22.66 -10.82 19.51
CA LYS B 264 22.64 -10.64 18.06
C LYS B 264 21.43 -9.85 17.61
N ILE B 265 20.34 -9.85 18.37
CA ILE B 265 19.15 -9.10 17.98
C ILE B 265 19.40 -7.61 18.16
N GLY B 266 19.11 -6.84 17.11
CA GLY B 266 19.43 -5.42 17.12
C GLY B 266 18.25 -4.52 17.45
N SER B 267 17.03 -5.04 17.33
CA SER B 267 15.83 -4.25 17.51
C SER B 267 15.17 -4.55 18.85
N ALA B 268 14.68 -3.50 19.50
CA ALA B 268 13.94 -3.67 20.75
C ALA B 268 12.72 -4.56 20.56
N ILE B 269 11.98 -4.35 19.47
CA ILE B 269 10.74 -5.10 19.24
C ILE B 269 11.01 -6.60 19.19
N GLN B 270 12.00 -7.00 18.37
CA GLN B 270 12.32 -8.42 18.27
C GLN B 270 12.94 -8.94 19.56
N ARG B 271 13.56 -8.08 20.36
CA ARG B 271 14.09 -8.51 21.64
C ARG B 271 12.96 -8.79 22.62
N LEU B 272 12.04 -7.83 22.77
CA LEU B 272 10.91 -7.98 23.69
C LEU B 272 10.04 -9.17 23.31
N ARG B 273 9.74 -9.32 22.00
CA ARG B 273 8.93 -10.44 21.54
C ARG B 273 9.57 -11.77 21.92
N CYS B 274 10.78 -12.03 21.41
CA CYS B 274 11.50 -13.26 21.71
C CYS B 274 11.64 -13.48 23.21
N GLU B 275 11.80 -12.40 23.98
CA GLU B 275 11.88 -12.52 25.43
C GLU B 275 10.58 -13.02 26.03
N LEU B 276 9.43 -12.63 25.45
CA LEU B 276 8.16 -13.14 25.94
C LEU B 276 8.04 -14.64 25.70
N ASP B 277 8.59 -15.13 24.59
CA ASP B 277 8.56 -16.56 24.31
C ASP B 277 9.21 -17.36 25.42
N ILE B 278 10.44 -16.99 25.79
CA ILE B 278 11.18 -17.69 26.82
C ILE B 278 10.41 -17.71 28.13
N MET B 279 9.77 -16.59 28.49
CA MET B 279 9.09 -16.51 29.78
C MET B 279 7.90 -17.45 29.86
N ASN B 280 7.24 -17.71 28.73
CA ASN B 280 6.18 -18.71 28.72
C ASN B 280 6.75 -20.13 28.59
N LYS B 281 7.73 -20.32 27.71
CA LYS B 281 8.18 -21.65 27.32
C LYS B 281 9.17 -22.29 28.28
N CYS B 282 9.71 -21.60 29.26
CA CYS B 282 10.77 -22.16 30.10
C CYS B 282 10.32 -22.17 31.56
N THR B 283 9.39 -23.08 31.89
CA THR B 283 8.83 -23.11 33.24
C THR B 283 9.77 -23.75 34.25
N SER B 284 10.55 -24.75 33.85
CA SER B 284 11.42 -25.47 34.76
C SER B 284 12.89 -25.15 34.49
N LEU B 285 13.72 -25.37 35.52
CA LEU B 285 15.15 -25.09 35.46
C LEU B 285 15.91 -26.28 36.04
N CYS B 286 16.78 -26.88 35.25
CA CYS B 286 17.44 -28.13 35.61
C CYS B 286 18.94 -27.96 35.74
N CYS B 287 19.58 -28.99 36.32
CA CYS B 287 21.03 -29.05 36.41
C CYS B 287 21.64 -29.19 35.02
N LYS B 288 22.57 -28.30 34.70
CA LYS B 288 23.15 -28.28 33.35
C LYS B 288 24.01 -29.53 33.09
N GLN B 289 24.71 -30.02 34.11
CA GLN B 289 25.63 -31.13 33.91
C GLN B 289 24.90 -32.42 33.58
N CYS B 290 24.03 -32.88 34.48
CA CYS B 290 23.31 -34.14 34.30
C CYS B 290 21.97 -33.96 33.61
N GLN B 291 21.61 -32.73 33.23
CA GLN B 291 20.52 -32.46 32.29
C GLN B 291 19.13 -32.78 32.85
N GLU B 292 18.91 -34.02 33.32
CA GLU B 292 17.56 -34.48 33.65
C GLU B 292 17.17 -34.28 35.10
N THR B 293 17.69 -33.26 35.80
CA THR B 293 17.42 -33.11 37.22
C THR B 293 16.90 -31.72 37.53
N GLU B 294 15.65 -31.64 38.00
CA GLU B 294 14.96 -30.38 38.23
C GLU B 294 15.42 -29.73 39.54
N ILE B 295 15.90 -28.50 39.46
CA ILE B 295 16.37 -27.77 40.63
C ILE B 295 15.29 -26.87 41.20
N THR B 296 14.63 -26.07 40.35
CA THR B 296 13.61 -25.15 40.79
C THR B 296 12.68 -24.85 39.61
N THR B 297 11.64 -24.06 39.88
CA THR B 297 10.68 -23.68 38.86
C THR B 297 10.56 -22.16 38.81
N LYS B 298 9.77 -21.68 37.84
CA LYS B 298 9.52 -20.24 37.74
C LYS B 298 8.85 -19.70 39.00
N ASN B 299 7.82 -20.41 39.48
CA ASN B 299 7.08 -20.06 40.70
C ASN B 299 8.03 -19.60 41.80
N GLU B 300 9.17 -20.22 41.93
CA GLU B 300 10.02 -19.92 43.07
C GLU B 300 10.94 -18.72 42.84
N ILE B 301 11.09 -18.27 41.60
CA ILE B 301 11.97 -17.16 41.28
C ILE B 301 11.43 -15.89 41.92
N PHE B 302 12.30 -15.15 42.62
CA PHE B 302 11.91 -13.84 43.14
C PHE B 302 13.14 -12.93 43.12
N SER B 303 12.88 -11.63 43.02
CA SER B 303 13.94 -10.63 42.90
C SER B 303 14.35 -10.16 44.29
N LEU B 304 15.35 -10.84 44.87
CA LEU B 304 15.92 -10.35 46.11
C LEU B 304 16.73 -9.09 45.88
N SER B 305 17.48 -9.03 44.78
CA SER B 305 18.22 -7.83 44.43
C SER B 305 17.30 -6.83 43.72
N LEU B 306 17.63 -5.55 43.87
CA LEU B 306 16.84 -4.51 43.21
C LEU B 306 16.87 -4.69 41.69
N CYS B 307 18.03 -5.00 41.13
CA CYS B 307 18.17 -5.09 39.68
C CYS B 307 17.28 -6.18 39.10
N GLY B 308 17.13 -7.29 39.82
CA GLY B 308 16.31 -8.38 39.36
C GLY B 308 16.58 -9.66 40.13
N PRO B 309 16.04 -10.78 39.65
CA PRO B 309 16.38 -12.07 40.26
C PRO B 309 17.79 -12.54 39.94
N MET B 310 18.52 -11.85 39.06
CA MET B 310 19.85 -12.28 38.69
C MET B 310 20.74 -11.06 38.43
N ALA B 311 21.94 -11.11 39.00
CA ALA B 311 22.98 -10.12 38.77
C ALA B 311 24.31 -10.84 38.77
N ALA B 312 25.37 -10.15 38.38
CA ALA B 312 26.70 -10.73 38.39
C ALA B 312 27.39 -10.37 39.71
N TYR B 313 28.02 -11.37 40.33
CA TYR B 313 28.70 -11.18 41.61
C TYR B 313 30.07 -11.84 41.56
N VAL B 314 31.06 -11.18 42.16
CA VAL B 314 32.40 -11.74 42.29
C VAL B 314 32.53 -12.48 43.60
N ASN B 315 33.29 -13.56 43.59
CA ASN B 315 33.73 -14.21 44.81
C ASN B 315 35.07 -13.56 45.17
N PRO B 316 35.75 -13.96 46.24
CA PRO B 316 36.99 -13.24 46.60
C PRO B 316 38.11 -13.42 45.60
N HIS B 317 38.17 -14.55 44.89
CA HIS B 317 39.23 -14.78 43.92
C HIS B 317 38.93 -14.18 42.55
N GLY B 318 37.85 -13.41 42.42
CA GLY B 318 37.57 -12.69 41.20
C GLY B 318 36.74 -13.43 40.17
N TYR B 319 36.20 -14.60 40.50
CA TYR B 319 35.34 -15.32 39.57
C TYR B 319 33.93 -14.77 39.65
N VAL B 320 33.31 -14.58 38.49
CA VAL B 320 32.01 -13.92 38.39
C VAL B 320 30.91 -14.97 38.34
N HIS B 321 29.87 -14.77 39.14
CA HIS B 321 28.75 -15.71 39.23
C HIS B 321 27.45 -14.92 39.05
N GLU B 322 26.73 -15.19 37.97
CA GLU B 322 25.38 -14.68 37.82
C GLU B 322 24.45 -15.62 38.56
N THR B 323 24.10 -15.27 39.80
CA THR B 323 23.31 -16.15 40.65
C THR B 323 21.86 -15.70 40.67
N LEU B 324 20.97 -16.69 40.65
CA LEU B 324 19.53 -16.47 40.57
C LEU B 324 18.91 -16.79 41.92
N THR B 325 18.18 -15.83 42.49
CA THR B 325 17.56 -15.99 43.79
C THR B 325 16.20 -16.65 43.63
N VAL B 326 16.03 -17.80 44.29
CA VAL B 326 14.76 -18.53 44.32
C VAL B 326 14.43 -18.84 45.78
N TYR B 327 13.14 -19.04 46.05
CA TYR B 327 12.70 -19.43 47.39
C TYR B 327 13.02 -20.90 47.66
N LYS B 328 12.49 -21.80 46.83
CA LYS B 328 12.67 -23.24 46.99
C LYS B 328 13.64 -23.79 45.95
N ALA B 329 14.36 -24.84 46.35
CA ALA B 329 15.23 -25.56 45.42
C ALA B 329 15.36 -27.00 45.90
N CYS B 330 15.16 -27.93 44.98
CA CYS B 330 15.09 -29.35 45.30
C CYS B 330 16.34 -30.08 44.81
N ASN B 331 16.53 -31.29 45.35
CA ASN B 331 17.58 -32.22 44.93
C ASN B 331 18.97 -31.59 44.98
N LEU B 332 19.24 -30.88 46.07
CA LEU B 332 20.56 -30.32 46.31
C LEU B 332 21.10 -30.85 47.64
N ASN B 333 22.41 -31.04 47.69
CA ASN B 333 23.09 -31.36 48.93
C ASN B 333 23.90 -30.15 49.38
N LEU B 334 23.97 -29.96 50.70
CA LEU B 334 24.67 -28.84 51.30
C LEU B 334 25.89 -29.35 52.04
N ILE B 335 27.05 -28.77 51.75
CA ILE B 335 28.31 -29.21 52.34
C ILE B 335 29.00 -28.02 52.98
N GLY B 336 29.77 -28.29 54.03
CA GLY B 336 30.41 -27.24 54.77
C GLY B 336 29.46 -26.55 55.73
N ARG B 337 29.97 -25.48 56.34
CA ARG B 337 29.24 -24.75 57.36
C ARG B 337 28.83 -23.37 56.85
N PRO B 338 27.63 -22.92 57.19
CA PRO B 338 27.20 -21.58 56.77
C PRO B 338 28.18 -20.50 57.21
N SER B 339 28.53 -19.62 56.28
CA SER B 339 29.57 -18.62 56.51
C SER B 339 29.14 -17.29 55.90
N THR B 340 29.42 -16.21 56.62
CA THR B 340 29.12 -14.86 56.16
C THR B 340 30.31 -14.17 55.51
N GLU B 341 31.49 -14.78 55.58
CA GLU B 341 32.70 -14.24 54.96
C GLU B 341 32.45 -13.86 53.51
N HIS B 342 32.44 -12.56 53.24
CA HIS B 342 32.34 -12.05 51.86
C HIS B 342 31.02 -12.48 51.23
N SER B 343 29.95 -12.44 52.02
CA SER B 343 28.62 -12.79 51.53
C SER B 343 28.04 -11.64 50.72
N TRP B 344 27.47 -11.96 49.55
CA TRP B 344 26.88 -10.95 48.68
C TRP B 344 25.54 -10.43 49.17
N PHE B 345 24.96 -11.05 50.20
CA PHE B 345 23.70 -10.61 50.78
C PHE B 345 23.92 -10.40 52.27
N PRO B 346 24.34 -9.20 52.66
CA PRO B 346 24.63 -8.94 54.08
C PRO B 346 23.45 -9.30 54.97
N GLY B 347 23.73 -10.13 55.97
CA GLY B 347 22.72 -10.68 56.86
C GLY B 347 22.49 -12.16 56.68
N TYR B 348 22.94 -12.72 55.56
CA TYR B 348 22.76 -14.13 55.26
C TYR B 348 24.11 -14.82 55.20
N ALA B 349 24.12 -16.10 55.54
CA ALA B 349 25.28 -16.96 55.40
C ALA B 349 25.04 -17.92 54.24
N TRP B 350 26.11 -18.20 53.49
CA TRP B 350 26.03 -19.07 52.33
C TRP B 350 26.59 -20.45 52.65
N THR B 351 25.93 -21.47 52.12
CA THR B 351 26.41 -22.85 52.19
C THR B 351 26.45 -23.40 50.78
N VAL B 352 27.56 -24.06 50.43
CA VAL B 352 27.72 -24.60 49.10
C VAL B 352 26.66 -25.66 48.84
N ALA B 353 25.95 -25.51 47.74
CA ALA B 353 24.96 -26.48 47.29
C ALA B 353 25.43 -27.13 46.01
N GLN B 354 25.25 -28.45 45.91
CA GLN B 354 25.59 -29.15 44.68
C GLN B 354 24.53 -30.20 44.36
N CYS B 355 24.38 -30.47 43.07
CA CYS B 355 23.40 -31.41 42.56
C CYS B 355 23.52 -32.77 43.21
N LYS B 356 22.45 -33.19 43.88
CA LYS B 356 22.31 -34.51 44.48
C LYS B 356 22.87 -35.62 43.62
N ILE B 357 22.63 -35.57 42.31
CA ILE B 357 23.02 -36.67 41.43
C ILE B 357 24.49 -36.56 41.02
N CYS B 358 24.87 -35.45 40.39
CA CYS B 358 26.17 -35.34 39.75
C CYS B 358 27.23 -34.64 40.61
N ALA B 359 26.85 -34.03 41.72
CA ALA B 359 27.72 -33.29 42.65
C ALA B 359 28.23 -31.98 42.07
N SER B 360 27.87 -31.61 40.85
CA SER B 360 28.35 -30.38 40.24
C SER B 360 27.75 -29.17 40.93
N HIS B 361 28.61 -28.22 41.31
CA HIS B 361 28.22 -27.06 42.10
C HIS B 361 27.18 -26.19 41.42
N ILE B 362 25.95 -26.22 41.93
CA ILE B 362 24.85 -25.50 41.32
C ILE B 362 24.71 -24.07 41.84
N GLY B 363 25.23 -23.79 43.03
CA GLY B 363 25.08 -22.47 43.62
C GLY B 363 25.25 -22.50 45.13
N TRP B 364 24.37 -21.79 45.84
CA TRP B 364 24.48 -21.69 47.28
C TRP B 364 23.09 -21.58 47.90
N LYS B 365 22.96 -22.12 49.10
CA LYS B 365 21.79 -21.87 49.95
C LYS B 365 22.15 -20.77 50.94
N PHE B 366 21.28 -19.78 51.05
CA PHE B 366 21.48 -18.66 51.96
C PHE B 366 20.52 -18.76 53.12
N THR B 367 21.03 -18.55 54.33
CA THR B 367 20.25 -18.62 55.55
C THR B 367 20.40 -17.31 56.32
N ALA B 368 19.32 -16.93 57.01
CA ALA B 368 19.34 -15.72 57.81
C ALA B 368 20.19 -15.90 59.05
N THR B 369 20.75 -14.78 59.54
CA THR B 369 21.49 -14.76 60.80
C THR B 369 20.69 -14.12 61.93
N LYS B 370 19.60 -13.42 61.61
CA LYS B 370 18.67 -12.88 62.58
C LYS B 370 17.36 -13.64 62.43
N LYS B 371 16.69 -13.92 63.55
CA LYS B 371 15.45 -14.67 63.50
C LYS B 371 14.24 -13.79 63.22
N ASP B 372 14.47 -12.53 62.86
CA ASP B 372 13.43 -11.57 62.51
C ASP B 372 13.45 -11.20 61.04
N MET B 373 14.40 -11.74 60.29
CA MET B 373 14.59 -11.41 58.88
C MET B 373 13.53 -12.10 58.02
N SER B 374 13.12 -11.43 56.97
CA SER B 374 12.24 -12.02 55.97
C SER B 374 13.03 -12.93 55.03
N PRO B 375 12.31 -13.80 54.22
CA PRO B 375 13.03 -14.79 53.39
C PRO B 375 14.22 -15.42 54.06
N GLN B 376 13.89 -15.95 55.23
CA GLN B 376 14.78 -16.66 56.15
C GLN B 376 15.69 -17.66 55.44
N LYS B 377 15.18 -18.32 54.41
CA LYS B 377 16.02 -19.24 53.61
C LYS B 377 15.72 -19.04 52.13
N PHE B 378 16.75 -18.85 51.33
CA PHE B 378 16.59 -18.82 49.89
C PHE B 378 17.82 -19.44 49.22
N TRP B 379 17.64 -19.87 47.98
CA TRP B 379 18.72 -20.47 47.21
C TRP B 379 19.21 -19.49 46.15
N GLY B 380 20.53 -19.42 46.00
CA GLY B 380 21.15 -18.65 44.95
C GLY B 380 21.87 -19.55 43.98
N LEU B 381 21.43 -19.56 42.71
CA LEU B 381 21.90 -20.54 41.74
C LEU B 381 22.65 -19.83 40.62
N THR B 382 23.89 -20.27 40.39
CA THR B 382 24.71 -19.65 39.36
C THR B 382 24.21 -20.02 37.97
N ARG B 383 24.12 -19.01 37.10
CA ARG B 383 23.48 -19.17 35.79
C ARG B 383 24.19 -20.18 34.92
N SER B 384 25.52 -20.28 35.01
CA SER B 384 26.25 -21.22 34.17
C SER B 384 25.92 -22.67 34.52
N ALA B 385 25.36 -22.93 35.70
CA ALA B 385 25.05 -24.28 36.15
C ALA B 385 23.64 -24.74 35.79
N LEU B 386 22.83 -23.89 35.16
CA LEU B 386 21.41 -24.19 34.94
C LEU B 386 21.09 -24.41 33.47
N LEU B 387 19.97 -25.10 33.23
CA LEU B 387 19.43 -25.38 31.90
C LEU B 387 17.91 -25.26 31.85
N PRO B 388 17.37 -24.23 31.19
CA PRO B 388 15.91 -24.10 31.07
C PRO B 388 15.29 -25.25 30.28
N THR B 389 14.15 -25.75 30.75
CA THR B 389 13.47 -26.89 30.15
C THR B 389 12.00 -26.57 29.90
N ILE B 390 11.45 -27.13 28.81
CA ILE B 390 10.02 -27.12 28.54
C ILE B 390 9.46 -28.51 28.83
N PRO B 391 8.92 -28.75 30.03
CA PRO B 391 8.52 -30.09 30.50
C PRO B 391 7.45 -30.77 29.64
N ARG C 4 40.68 -26.25 58.21
CA ARG C 4 40.52 -26.41 56.77
C ARG C 4 40.80 -25.09 56.03
N PRO C 5 42.07 -24.77 55.83
CA PRO C 5 42.43 -23.48 55.24
C PRO C 5 42.54 -23.43 53.72
N PHE C 6 42.40 -24.56 53.03
CA PHE C 6 42.51 -24.59 51.57
C PHE C 6 41.11 -24.54 50.96
N VAL C 7 40.83 -23.45 50.24
CA VAL C 7 39.50 -23.19 49.69
C VAL C 7 39.57 -23.17 48.17
N CYS C 8 38.49 -23.63 47.54
CA CYS C 8 38.39 -23.55 46.09
C CYS C 8 38.16 -22.11 45.66
N SER C 9 38.64 -21.78 44.45
CA SER C 9 38.61 -20.42 43.95
C SER C 9 37.29 -20.05 43.27
N VAL C 10 36.30 -20.94 43.27
CA VAL C 10 35.07 -20.75 42.51
C VAL C 10 33.84 -20.76 43.40
N CYS C 11 33.75 -21.71 44.32
CA CYS C 11 32.54 -21.91 45.11
C CYS C 11 32.70 -21.61 46.59
N GLY C 12 33.83 -21.96 47.19
CA GLY C 12 34.02 -21.81 48.62
C GLY C 12 34.23 -23.11 49.36
N HIS C 13 34.25 -24.24 48.66
CA HIS C 13 34.47 -25.54 49.30
C HIS C 13 35.84 -25.57 49.96
N ARG C 14 35.88 -26.05 51.20
CA ARG C 14 37.10 -26.07 52.01
C ARG C 14 37.62 -27.49 52.16
N PHE C 15 38.94 -27.60 52.28
CA PHE C 15 39.63 -28.88 52.42
C PHE C 15 40.77 -28.71 53.42
N THR C 16 41.37 -29.83 53.81
CA THR C 16 42.45 -29.81 54.79
C THR C 16 43.84 -29.88 54.16
N THR C 17 44.03 -30.73 53.15
CA THR C 17 45.32 -30.87 52.50
C THR C 17 45.34 -30.15 51.16
N LYS C 18 46.54 -29.77 50.73
CA LYS C 18 46.68 -29.12 49.43
C LYS C 18 46.35 -30.06 48.29
N GLY C 19 46.55 -31.36 48.48
CA GLY C 19 46.23 -32.32 47.43
C GLY C 19 44.74 -32.53 47.25
N ASN C 20 43.97 -32.46 48.33
CA ASN C 20 42.53 -32.61 48.22
C ASN C 20 41.91 -31.45 47.44
N LEU C 21 42.45 -30.25 47.61
CA LEU C 21 41.95 -29.10 46.85
C LEU C 21 42.23 -29.27 45.36
N LYS C 22 43.38 -29.85 45.02
CA LYS C 22 43.71 -30.07 43.62
C LYS C 22 42.78 -31.10 42.98
N VAL C 23 42.22 -32.01 43.79
CA VAL C 23 41.27 -32.97 43.27
C VAL C 23 39.97 -32.30 42.87
N HIS C 24 39.48 -31.38 43.70
CA HIS C 24 38.20 -30.72 43.43
C HIS C 24 38.33 -29.68 42.31
N PHE C 25 39.44 -28.92 42.30
CA PHE C 25 39.61 -27.89 41.28
C PHE C 25 39.69 -28.48 39.89
N HIS C 26 40.22 -29.70 39.76
CA HIS C 26 40.26 -30.38 38.47
C HIS C 26 38.86 -30.63 37.92
N ARG C 27 37.83 -30.56 38.76
CA ARG C 27 36.44 -30.69 38.33
C ARG C 27 35.85 -29.36 37.90
N HIS C 28 36.67 -28.34 37.68
CA HIS C 28 36.19 -27.04 37.22
C HIS C 28 36.83 -26.65 35.88
#